data_2KK8
#
_entry.id   2KK8
#
_entity_poly.entity_id   1
_entity_poly.type   'polypeptide(L)'
_entity_poly.pdbx_seq_one_letter_code
;MGHHHHHHSHMKFLVENLNGSSFELEVDYRDTLLVVKQKIERSQHIPVSKQTLIVDGIVILREDLTVEQCQIVPTSDIQL
EVSS
;
_entity_poly.pdbx_strand_id   A
#
# COMPACT_ATOMS: atom_id res chain seq x y z
N MET A 1 8.74 33.72 -16.03
CA MET A 1 8.66 34.33 -14.69
C MET A 1 7.65 33.59 -13.82
N GLY A 2 8.16 32.83 -12.86
CA GLY A 2 7.29 32.08 -11.99
C GLY A 2 6.69 30.86 -12.68
N HIS A 3 5.61 30.33 -12.10
CA HIS A 3 4.92 29.15 -12.61
C HIS A 3 5.82 27.92 -12.61
N HIS A 4 5.71 27.13 -11.55
CA HIS A 4 6.42 25.88 -11.44
C HIS A 4 5.49 24.81 -10.90
N HIS A 5 5.10 23.88 -11.75
CA HIS A 5 4.14 22.86 -11.37
C HIS A 5 4.85 21.74 -10.62
N HIS A 6 4.66 21.72 -9.32
CA HIS A 6 5.29 20.71 -8.48
C HIS A 6 4.32 19.57 -8.20
N HIS A 7 4.72 18.38 -8.58
CA HIS A 7 3.90 17.20 -8.43
C HIS A 7 4.26 16.47 -7.14
N HIS A 8 3.26 16.01 -6.40
CA HIS A 8 3.51 15.27 -5.18
C HIS A 8 3.31 13.77 -5.41
N SER A 9 4.39 13.02 -5.30
CA SER A 9 4.34 11.59 -5.50
C SER A 9 4.16 10.86 -4.18
N HIS A 10 4.49 11.55 -3.09
CA HIS A 10 4.32 10.98 -1.76
C HIS A 10 2.84 10.76 -1.45
N MET A 11 2.47 9.49 -1.31
CA MET A 11 1.09 9.14 -1.03
C MET A 11 0.99 8.40 0.29
N LYS A 12 0.26 8.97 1.22
CA LYS A 12 -0.01 8.30 2.48
C LYS A 12 -1.37 7.67 2.46
N PHE A 13 -1.41 6.40 2.09
CA PHE A 13 -2.66 5.67 2.04
C PHE A 13 -2.87 4.98 3.39
N LEU A 14 -4.11 4.97 3.84
CA LEU A 14 -4.42 4.42 5.14
C LEU A 14 -4.46 2.90 5.09
N VAL A 15 -3.41 2.28 5.59
CA VAL A 15 -3.37 0.83 5.68
C VAL A 15 -4.28 0.39 6.81
N GLU A 16 -5.54 0.17 6.50
CA GLU A 16 -6.53 -0.17 7.49
C GLU A 16 -6.56 -1.67 7.73
N ASN A 17 -5.64 -2.13 8.57
CA ASN A 17 -5.58 -3.53 8.96
C ASN A 17 -6.62 -3.80 10.04
N LEU A 18 -7.64 -4.56 9.68
CA LEU A 18 -8.77 -4.79 10.57
C LEU A 18 -8.34 -5.54 11.83
N ASN A 19 -7.32 -6.37 11.70
CA ASN A 19 -6.84 -7.18 12.82
C ASN A 19 -5.67 -6.51 13.51
N GLY A 20 -5.39 -5.26 13.13
CA GLY A 20 -4.28 -4.55 13.72
C GLY A 20 -4.59 -3.08 13.89
N SER A 21 -3.75 -2.24 13.31
CA SER A 21 -3.89 -0.80 13.46
C SER A 21 -3.87 -0.10 12.09
N SER A 22 -4.71 0.90 11.92
CA SER A 22 -4.70 1.69 10.70
C SER A 22 -3.50 2.63 10.70
N PHE A 23 -2.70 2.59 9.64
CA PHE A 23 -1.50 3.42 9.56
C PHE A 23 -1.36 4.01 8.17
N GLU A 24 -1.13 5.32 8.10
CA GLU A 24 -0.93 5.99 6.83
C GLU A 24 0.51 5.79 6.37
N LEU A 25 0.72 4.85 5.46
CA LEU A 25 2.04 4.55 4.96
C LEU A 25 2.40 5.51 3.84
N GLU A 26 3.51 6.23 4.01
CA GLU A 26 3.94 7.19 3.02
C GLU A 26 4.81 6.51 1.97
N VAL A 27 4.21 6.19 0.84
CA VAL A 27 4.90 5.50 -0.23
C VAL A 27 5.07 6.44 -1.43
N ASP A 28 6.05 6.17 -2.26
CA ASP A 28 6.27 6.94 -3.48
C ASP A 28 5.76 6.14 -4.68
N TYR A 29 5.38 6.84 -5.73
CA TYR A 29 4.89 6.20 -6.95
C TYR A 29 5.92 5.22 -7.52
N ARG A 30 7.18 5.45 -7.23
CA ARG A 30 8.26 4.64 -7.78
C ARG A 30 8.39 3.31 -7.05
N ASP A 31 7.93 3.25 -5.80
CA ASP A 31 8.10 2.05 -4.98
C ASP A 31 7.18 0.93 -5.45
N THR A 32 7.70 -0.29 -5.48
CA THR A 32 6.94 -1.43 -5.97
C THR A 32 6.10 -2.07 -4.87
N LEU A 33 5.15 -2.90 -5.28
CA LEU A 33 4.25 -3.56 -4.34
C LEU A 33 5.02 -4.54 -3.45
N LEU A 34 6.16 -5.00 -3.93
CA LEU A 34 7.02 -5.88 -3.15
C LEU A 34 7.65 -5.10 -1.98
N VAL A 35 8.10 -3.89 -2.28
CA VAL A 35 8.79 -3.07 -1.28
C VAL A 35 7.80 -2.45 -0.29
N VAL A 36 6.64 -2.03 -0.78
CA VAL A 36 5.66 -1.35 0.07
C VAL A 36 5.14 -2.28 1.17
N LYS A 37 4.99 -3.56 0.86
CA LYS A 37 4.48 -4.52 1.85
C LYS A 37 5.55 -4.85 2.87
N GLN A 38 6.82 -4.70 2.50
CA GLN A 38 7.91 -4.89 3.44
C GLN A 38 7.90 -3.77 4.47
N LYS A 39 7.40 -2.61 4.06
CA LYS A 39 7.19 -1.49 4.96
C LYS A 39 6.04 -1.79 5.91
N ILE A 40 4.96 -2.32 5.34
CA ILE A 40 3.77 -2.67 6.10
C ILE A 40 4.08 -3.76 7.12
N GLU A 41 4.94 -4.69 6.73
CA GLU A 41 5.32 -5.82 7.57
C GLU A 41 5.85 -5.35 8.93
N ARG A 42 6.73 -4.37 8.90
CA ARG A 42 7.35 -3.86 10.12
C ARG A 42 6.34 -3.02 10.92
N SER A 43 5.28 -2.59 10.26
CA SER A 43 4.30 -1.73 10.89
C SER A 43 3.19 -2.55 11.55
N GLN A 44 2.70 -3.56 10.83
CA GLN A 44 1.62 -4.40 11.35
C GLN A 44 2.18 -5.62 12.07
N HIS A 45 3.48 -5.84 11.92
CA HIS A 45 4.18 -6.97 12.53
C HIS A 45 3.68 -8.30 11.96
N ILE A 46 3.20 -8.26 10.72
CA ILE A 46 2.79 -9.47 10.02
C ILE A 46 3.62 -9.65 8.76
N PRO A 47 4.06 -10.88 8.48
CA PRO A 47 4.92 -11.18 7.33
C PRO A 47 4.25 -10.79 6.01
N VAL A 48 5.07 -10.33 5.06
CA VAL A 48 4.59 -9.91 3.74
C VAL A 48 3.66 -10.94 3.11
N SER A 49 3.99 -12.22 3.29
CA SER A 49 3.23 -13.31 2.68
C SER A 49 1.81 -13.43 3.25
N LYS A 50 1.57 -12.81 4.41
CA LYS A 50 0.26 -12.90 5.04
C LYS A 50 -0.50 -11.58 4.96
N GLN A 51 0.02 -10.66 4.16
CA GLN A 51 -0.61 -9.36 3.98
C GLN A 51 -1.55 -9.40 2.77
N THR A 52 -2.81 -9.70 3.02
CA THR A 52 -3.81 -9.72 1.96
C THR A 52 -4.35 -8.32 1.71
N LEU A 53 -3.77 -7.63 0.73
CA LEU A 53 -4.21 -6.30 0.34
C LEU A 53 -5.56 -6.36 -0.36
N ILE A 54 -6.59 -5.84 0.29
CA ILE A 54 -7.91 -5.80 -0.30
C ILE A 54 -8.34 -4.37 -0.58
N VAL A 55 -8.35 -4.00 -1.85
CA VAL A 55 -8.71 -2.64 -2.24
C VAL A 55 -9.98 -2.63 -3.08
N ASP A 56 -11.04 -2.08 -2.50
CA ASP A 56 -12.35 -1.95 -3.17
C ASP A 56 -12.97 -3.33 -3.45
N GLY A 57 -12.32 -4.37 -2.95
CA GLY A 57 -12.79 -5.72 -3.18
C GLY A 57 -11.79 -6.56 -3.93
N ILE A 58 -10.82 -5.91 -4.58
CA ILE A 58 -9.80 -6.60 -5.35
C ILE A 58 -8.61 -6.94 -4.47
N VAL A 59 -8.10 -8.16 -4.59
CA VAL A 59 -6.92 -8.57 -3.86
C VAL A 59 -5.66 -8.27 -4.66
N ILE A 60 -4.71 -7.60 -4.04
CA ILE A 60 -3.48 -7.23 -4.71
C ILE A 60 -2.39 -8.28 -4.46
N LEU A 61 -2.29 -9.22 -5.38
CA LEU A 61 -1.26 -10.26 -5.29
C LEU A 61 -0.24 -10.10 -6.42
N ARG A 62 0.51 -9.01 -6.36
CA ARG A 62 1.55 -8.72 -7.34
C ARG A 62 2.77 -8.13 -6.65
N GLU A 63 3.94 -8.66 -6.95
CA GLU A 63 5.19 -8.10 -6.42
C GLU A 63 5.94 -7.39 -7.52
N ASP A 64 5.62 -7.73 -8.77
CA ASP A 64 6.36 -7.28 -9.93
C ASP A 64 5.90 -5.91 -10.41
N LEU A 65 4.72 -5.49 -9.99
CA LEU A 65 4.16 -4.21 -10.42
C LEU A 65 4.46 -3.12 -9.40
N THR A 66 4.70 -1.91 -9.90
CA THR A 66 4.91 -0.77 -9.02
C THR A 66 3.58 -0.08 -8.75
N VAL A 67 3.51 0.71 -7.68
CA VAL A 67 2.26 1.34 -7.29
C VAL A 67 1.81 2.37 -8.32
N GLU A 68 2.75 2.87 -9.11
CA GLU A 68 2.43 3.82 -10.17
C GLU A 68 1.66 3.14 -11.30
N GLN A 69 1.84 1.83 -11.42
CA GLN A 69 1.15 1.05 -12.44
C GLN A 69 -0.25 0.67 -11.96
N CYS A 70 -0.34 0.25 -10.71
CA CYS A 70 -1.62 -0.15 -10.14
C CYS A 70 -2.46 1.07 -9.79
N GLN A 71 -1.78 2.21 -9.54
CA GLN A 71 -2.43 3.48 -9.23
C GLN A 71 -3.28 3.36 -7.97
N ILE A 72 -2.73 2.69 -6.97
CA ILE A 72 -3.43 2.53 -5.70
C ILE A 72 -3.39 3.84 -4.90
N VAL A 73 -4.53 4.53 -4.90
CA VAL A 73 -4.64 5.83 -4.25
C VAL A 73 -5.37 5.72 -2.91
N PRO A 74 -5.09 6.66 -1.98
CA PRO A 74 -5.67 6.66 -0.63
C PRO A 74 -7.18 6.94 -0.63
N THR A 75 -7.70 7.30 -1.78
CA THR A 75 -9.12 7.60 -1.92
C THR A 75 -9.93 6.34 -2.19
N SER A 76 -9.26 5.20 -2.14
CA SER A 76 -9.93 3.91 -2.25
C SER A 76 -9.91 3.20 -0.89
N ASP A 77 -10.82 2.25 -0.71
CA ASP A 77 -10.87 1.48 0.54
C ASP A 77 -9.74 0.45 0.56
N ILE A 78 -8.69 0.76 1.31
CA ILE A 78 -7.53 -0.12 1.40
C ILE A 78 -7.46 -0.78 2.78
N GLN A 79 -7.84 -2.04 2.84
CA GLN A 79 -7.86 -2.77 4.10
C GLN A 79 -6.95 -3.98 4.06
N LEU A 80 -6.56 -4.43 5.25
CA LEU A 80 -5.78 -5.64 5.40
C LEU A 80 -6.55 -6.66 6.21
N GLU A 81 -6.60 -7.88 5.70
CA GLU A 81 -7.19 -8.98 6.42
C GLU A 81 -6.10 -10.00 6.72
N VAL A 82 -5.69 -10.06 7.98
CA VAL A 82 -4.57 -10.91 8.39
C VAL A 82 -4.90 -12.38 8.22
N SER A 83 -4.24 -13.00 7.26
CA SER A 83 -4.36 -14.44 7.06
C SER A 83 -3.68 -15.17 8.20
N SER A 84 -4.43 -16.00 8.91
CA SER A 84 -3.90 -16.73 10.04
C SER A 84 -3.15 -17.98 9.57
N MET A 1 17.53 14.01 -15.21
CA MET A 1 17.87 15.37 -14.72
C MET A 1 16.79 15.88 -13.76
N GLY A 2 15.53 15.70 -14.16
CA GLY A 2 14.43 16.18 -13.37
C GLY A 2 14.08 17.61 -13.70
N HIS A 3 12.95 17.81 -14.35
CA HIS A 3 12.48 19.15 -14.67
C HIS A 3 11.97 19.80 -13.38
N HIS A 4 12.84 20.60 -12.74
CA HIS A 4 12.60 21.07 -11.39
C HIS A 4 11.31 21.87 -11.23
N HIS A 5 10.29 21.16 -10.80
CA HIS A 5 9.05 21.74 -10.29
C HIS A 5 8.62 20.87 -9.12
N HIS A 6 8.06 21.47 -8.08
CA HIS A 6 7.76 20.72 -6.87
C HIS A 6 6.82 19.55 -7.16
N HIS A 7 7.33 18.35 -6.90
CA HIS A 7 6.55 17.13 -7.09
C HIS A 7 5.71 16.85 -5.85
N HIS A 8 4.65 16.08 -6.04
CA HIS A 8 3.84 15.63 -4.92
C HIS A 8 3.99 14.12 -4.80
N SER A 9 5.15 13.62 -5.21
CA SER A 9 5.42 12.21 -5.26
C SER A 9 5.63 11.62 -3.86
N HIS A 10 4.51 11.38 -3.19
CA HIS A 10 4.47 10.66 -1.91
C HIS A 10 3.03 10.62 -1.44
N MET A 11 2.56 9.45 -1.06
CA MET A 11 1.18 9.28 -0.66
C MET A 11 1.08 8.56 0.67
N LYS A 12 0.62 9.27 1.66
CA LYS A 12 0.34 8.67 2.96
C LYS A 12 -1.06 8.06 2.94
N PHE A 13 -1.16 6.86 2.39
CA PHE A 13 -2.45 6.20 2.23
C PHE A 13 -2.85 5.47 3.49
N LEU A 14 -4.13 5.50 3.80
CA LEU A 14 -4.65 4.91 5.02
C LEU A 14 -4.94 3.43 4.83
N VAL A 15 -4.07 2.60 5.36
CA VAL A 15 -4.30 1.16 5.35
C VAL A 15 -4.85 0.72 6.68
N GLU A 16 -6.13 0.38 6.70
CA GLU A 16 -6.75 -0.04 7.93
C GLU A 16 -6.62 -1.54 8.09
N ASN A 17 -5.61 -1.96 8.83
CA ASN A 17 -5.37 -3.36 9.11
C ASN A 17 -6.31 -3.81 10.22
N LEU A 18 -7.19 -4.75 9.90
CA LEU A 18 -8.22 -5.17 10.83
C LEU A 18 -7.61 -5.88 12.04
N ASN A 19 -6.42 -6.44 11.85
CA ASN A 19 -5.71 -7.11 12.92
C ASN A 19 -4.56 -6.24 13.44
N GLY A 20 -4.64 -4.95 13.11
CA GLY A 20 -3.60 -4.02 13.52
C GLY A 20 -4.15 -2.65 13.84
N SER A 21 -3.98 -1.71 12.92
CA SER A 21 -4.40 -0.33 13.15
C SER A 21 -4.71 0.36 11.83
N SER A 22 -5.43 1.47 11.91
CA SER A 22 -5.65 2.33 10.75
C SER A 22 -4.44 3.23 10.58
N PHE A 23 -3.45 2.75 9.85
CA PHE A 23 -2.17 3.43 9.76
C PHE A 23 -2.04 4.21 8.46
N GLU A 24 -1.59 5.45 8.60
CA GLU A 24 -1.30 6.29 7.45
C GLU A 24 0.12 6.01 6.96
N LEU A 25 0.25 5.20 5.92
CA LEU A 25 1.55 4.70 5.50
C LEU A 25 2.11 5.54 4.35
N GLU A 26 3.34 6.00 4.53
CA GLU A 26 4.01 6.83 3.54
C GLU A 26 4.62 5.96 2.44
N VAL A 27 3.99 5.96 1.27
CA VAL A 27 4.52 5.24 0.12
C VAL A 27 4.76 6.19 -1.05
N ASP A 28 5.59 5.77 -1.99
CA ASP A 28 5.85 6.55 -3.18
C ASP A 28 5.31 5.83 -4.40
N TYR A 29 5.05 6.56 -5.46
CA TYR A 29 4.56 5.96 -6.69
C TYR A 29 5.67 5.17 -7.38
N ARG A 30 6.90 5.40 -6.95
CA ARG A 30 8.05 4.68 -7.48
C ARG A 30 8.33 3.41 -6.68
N ASP A 31 7.45 3.11 -5.73
CA ASP A 31 7.55 1.86 -4.96
C ASP A 31 6.75 0.76 -5.64
N THR A 32 7.17 -0.47 -5.42
CA THR A 32 6.50 -1.64 -6.00
C THR A 32 5.64 -2.31 -4.93
N LEU A 33 4.61 -3.05 -5.34
CA LEU A 33 3.71 -3.71 -4.41
C LEU A 33 4.48 -4.68 -3.49
N LEU A 34 5.45 -5.37 -4.06
CA LEU A 34 6.28 -6.30 -3.29
C LEU A 34 7.09 -5.54 -2.24
N VAL A 35 7.29 -4.25 -2.46
CA VAL A 35 8.07 -3.42 -1.56
C VAL A 35 7.19 -2.84 -0.44
N VAL A 36 5.92 -2.53 -0.76
CA VAL A 36 5.02 -1.99 0.24
C VAL A 36 4.71 -3.03 1.30
N LYS A 37 4.72 -4.30 0.91
CA LYS A 37 4.56 -5.40 1.86
C LYS A 37 5.69 -5.37 2.90
N GLN A 38 6.88 -5.01 2.45
CA GLN A 38 8.04 -4.95 3.31
C GLN A 38 7.93 -3.78 4.29
N LYS A 39 7.19 -2.75 3.87
CA LYS A 39 6.92 -1.60 4.73
C LYS A 39 5.89 -1.97 5.78
N ILE A 40 4.85 -2.68 5.34
CA ILE A 40 3.76 -3.09 6.22
C ILE A 40 4.24 -4.09 7.27
N GLU A 41 5.21 -4.91 6.91
CA GLU A 41 5.75 -5.93 7.81
C GLU A 41 6.38 -5.29 9.05
N ARG A 42 6.82 -4.04 8.92
CA ARG A 42 7.41 -3.32 10.04
C ARG A 42 6.36 -2.48 10.76
N SER A 43 5.52 -1.79 9.99
CA SER A 43 4.54 -0.87 10.55
C SER A 43 3.38 -1.61 11.21
N GLN A 44 2.85 -2.63 10.54
CA GLN A 44 1.75 -3.42 11.08
C GLN A 44 2.30 -4.67 11.76
N HIS A 45 3.58 -4.93 11.55
CA HIS A 45 4.29 -6.04 12.19
C HIS A 45 3.81 -7.40 11.67
N ILE A 46 3.04 -7.38 10.58
CA ILE A 46 2.56 -8.61 9.98
C ILE A 46 3.46 -9.06 8.86
N PRO A 47 3.87 -10.34 8.87
CA PRO A 47 4.77 -10.92 7.87
C PRO A 47 4.22 -10.76 6.45
N VAL A 48 5.12 -10.51 5.50
CA VAL A 48 4.76 -10.35 4.09
C VAL A 48 3.90 -11.51 3.60
N SER A 49 4.21 -12.72 4.05
CA SER A 49 3.50 -13.92 3.60
C SER A 49 2.09 -14.01 4.18
N LYS A 50 1.74 -13.07 5.04
CA LYS A 50 0.43 -13.06 5.68
C LYS A 50 -0.38 -11.82 5.30
N GLN A 51 0.18 -11.01 4.40
CA GLN A 51 -0.44 -9.75 4.03
C GLN A 51 -1.37 -9.92 2.84
N THR A 52 -2.67 -9.96 3.10
CA THR A 52 -3.66 -10.01 2.05
C THR A 52 -4.05 -8.59 1.66
N LEU A 53 -3.40 -8.09 0.61
CA LEU A 53 -3.61 -6.71 0.15
C LEU A 53 -4.92 -6.59 -0.62
N ILE A 54 -6.01 -6.34 0.08
CA ILE A 54 -7.31 -6.17 -0.54
C ILE A 54 -7.57 -4.70 -0.85
N VAL A 55 -7.49 -4.36 -2.13
CA VAL A 55 -7.75 -3.00 -2.56
C VAL A 55 -9.10 -2.93 -3.26
N ASP A 56 -9.97 -2.06 -2.75
CA ASP A 56 -11.36 -1.94 -3.21
C ASP A 56 -12.17 -3.14 -2.75
N GLY A 57 -11.93 -4.27 -3.38
CA GLY A 57 -12.56 -5.50 -2.96
C GLY A 57 -11.87 -6.72 -3.52
N ILE A 58 -10.65 -6.52 -4.01
CA ILE A 58 -9.88 -7.59 -4.64
C ILE A 58 -8.46 -7.61 -4.08
N VAL A 59 -7.98 -8.79 -3.72
CA VAL A 59 -6.60 -8.94 -3.26
C VAL A 59 -5.65 -8.84 -4.45
N ILE A 60 -4.69 -7.92 -4.38
CA ILE A 60 -3.77 -7.72 -5.48
C ILE A 60 -2.66 -8.77 -5.44
N LEU A 61 -2.63 -9.62 -6.45
CA LEU A 61 -1.66 -10.71 -6.51
C LEU A 61 -0.48 -10.32 -7.39
N ARG A 62 -0.61 -9.23 -8.12
CA ARG A 62 0.46 -8.74 -8.98
C ARG A 62 1.43 -7.89 -8.16
N GLU A 63 2.38 -8.56 -7.53
CA GLU A 63 3.30 -7.92 -6.59
C GLU A 63 4.40 -7.16 -7.32
N ASP A 64 4.54 -7.42 -8.61
CA ASP A 64 5.59 -6.80 -9.42
C ASP A 64 5.09 -5.52 -10.07
N LEU A 65 3.91 -5.07 -9.69
CA LEU A 65 3.37 -3.82 -10.21
C LEU A 65 3.81 -2.65 -9.34
N THR A 66 4.34 -1.63 -9.99
CA THR A 66 4.70 -0.39 -9.32
C THR A 66 3.45 0.39 -8.94
N VAL A 67 3.50 1.10 -7.81
CA VAL A 67 2.35 1.87 -7.34
C VAL A 67 1.86 2.84 -8.41
N GLU A 68 2.79 3.47 -9.12
CA GLU A 68 2.43 4.39 -10.19
C GLU A 68 1.81 3.65 -11.36
N GLN A 69 2.39 2.52 -11.73
CA GLN A 69 1.89 1.72 -12.85
C GLN A 69 0.49 1.19 -12.58
N CYS A 70 0.23 0.84 -11.32
CA CYS A 70 -1.07 0.32 -10.93
C CYS A 70 -2.05 1.47 -10.70
N GLN A 71 -1.52 2.68 -10.56
CA GLN A 71 -2.32 3.88 -10.31
C GLN A 71 -3.11 3.74 -9.01
N ILE A 72 -2.44 3.23 -7.98
CA ILE A 72 -3.06 3.04 -6.68
C ILE A 72 -3.39 4.39 -6.05
N VAL A 73 -4.67 4.67 -5.90
CA VAL A 73 -5.12 5.92 -5.31
C VAL A 73 -5.53 5.73 -3.86
N PRO A 74 -5.05 6.62 -2.97
CA PRO A 74 -5.32 6.54 -1.52
C PRO A 74 -6.75 6.97 -1.16
N THR A 75 -7.71 6.54 -1.95
CA THR A 75 -9.09 6.90 -1.72
C THR A 75 -9.99 5.66 -1.72
N SER A 76 -9.41 4.52 -2.07
CA SER A 76 -10.17 3.27 -2.12
C SER A 76 -10.13 2.55 -0.78
N ASP A 77 -11.06 1.62 -0.58
CA ASP A 77 -11.14 0.87 0.67
C ASP A 77 -10.13 -0.26 0.67
N ILE A 78 -9.06 -0.08 1.43
CA ILE A 78 -8.02 -1.08 1.52
C ILE A 78 -8.01 -1.73 2.90
N GLN A 79 -8.58 -2.92 2.97
CA GLN A 79 -8.65 -3.65 4.23
C GLN A 79 -7.59 -4.75 4.25
N LEU A 80 -6.67 -4.66 5.19
CA LEU A 80 -5.61 -5.66 5.31
C LEU A 80 -6.10 -6.86 6.09
N GLU A 81 -6.21 -8.00 5.41
CA GLU A 81 -6.56 -9.25 6.05
C GLU A 81 -5.29 -10.02 6.39
N VAL A 82 -5.07 -10.23 7.68
CA VAL A 82 -3.90 -10.96 8.13
C VAL A 82 -4.18 -12.46 8.13
N SER A 83 -3.47 -13.18 7.27
CA SER A 83 -3.60 -14.63 7.19
C SER A 83 -3.18 -15.24 8.53
N SER A 84 -4.18 -15.68 9.30
CA SER A 84 -3.92 -16.21 10.63
C SER A 84 -3.63 -17.71 10.57
N MET A 1 -7.08 21.82 -4.03
CA MET A 1 -6.65 21.22 -5.32
C MET A 1 -5.91 22.26 -6.13
N GLY A 2 -4.67 21.96 -6.50
CA GLY A 2 -3.84 22.94 -7.19
C GLY A 2 -3.69 22.66 -8.67
N HIS A 3 -3.39 23.71 -9.43
CA HIS A 3 -3.19 23.58 -10.87
C HIS A 3 -1.72 23.34 -11.19
N HIS A 4 -0.86 23.67 -10.24
CA HIS A 4 0.56 23.37 -10.37
C HIS A 4 0.77 21.88 -10.14
N HIS A 5 1.50 21.25 -11.04
CA HIS A 5 1.66 19.80 -11.02
C HIS A 5 2.52 19.35 -9.84
N HIS A 6 2.26 18.12 -9.38
CA HIS A 6 2.91 17.60 -8.18
C HIS A 6 4.30 17.06 -8.51
N HIS A 7 5.24 17.30 -7.61
CA HIS A 7 6.59 16.80 -7.77
C HIS A 7 6.86 15.68 -6.78
N HIS A 8 6.41 15.87 -5.55
CA HIS A 8 6.58 14.86 -4.52
C HIS A 8 5.80 13.60 -4.89
N SER A 9 6.46 12.46 -4.86
CA SER A 9 5.85 11.21 -5.28
C SER A 9 5.48 10.35 -4.08
N HIS A 10 5.81 10.84 -2.89
CA HIS A 10 5.46 10.15 -1.65
C HIS A 10 4.11 10.62 -1.16
N MET A 11 3.20 9.70 -0.91
CA MET A 11 1.88 10.04 -0.43
C MET A 11 1.45 9.13 0.73
N LYS A 12 0.51 9.63 1.52
CA LYS A 12 -0.02 8.89 2.65
C LYS A 12 -1.29 8.15 2.26
N PHE A 13 -1.24 6.82 2.32
CA PHE A 13 -2.42 6.02 2.05
C PHE A 13 -2.86 5.32 3.33
N LEU A 14 -4.14 5.38 3.61
CA LEU A 14 -4.68 4.85 4.86
C LEU A 14 -4.95 3.36 4.73
N VAL A 15 -4.26 2.57 5.55
CA VAL A 15 -4.39 1.12 5.49
C VAL A 15 -5.08 0.60 6.74
N GLU A 16 -6.26 0.03 6.57
CA GLU A 16 -7.02 -0.50 7.69
C GLU A 16 -6.57 -1.94 7.98
N ASN A 17 -5.86 -2.09 9.08
CA ASN A 17 -5.38 -3.41 9.49
C ASN A 17 -6.46 -4.13 10.29
N LEU A 18 -6.94 -5.24 9.75
CA LEU A 18 -8.03 -5.98 10.35
C LEU A 18 -7.52 -6.77 11.58
N ASN A 19 -6.22 -6.84 11.72
CA ASN A 19 -5.63 -7.51 12.88
C ASN A 19 -5.21 -6.48 13.92
N GLY A 20 -5.41 -5.22 13.60
CA GLY A 20 -5.03 -4.15 14.50
C GLY A 20 -5.82 -2.90 14.26
N SER A 21 -5.14 -1.86 13.78
CA SER A 21 -5.79 -0.58 13.53
C SER A 21 -5.20 0.06 12.27
N SER A 22 -5.91 1.03 11.73
CA SER A 22 -5.47 1.73 10.53
C SER A 22 -4.29 2.65 10.85
N PHE A 23 -3.43 2.85 9.88
CA PHE A 23 -2.24 3.67 10.07
C PHE A 23 -1.81 4.30 8.75
N GLU A 24 -1.29 5.52 8.82
CA GLU A 24 -0.81 6.22 7.63
C GLU A 24 0.52 5.66 7.16
N LEU A 25 0.51 4.93 6.07
CA LEU A 25 1.74 4.46 5.46
C LEU A 25 2.10 5.35 4.27
N GLU A 26 3.36 5.36 3.91
CA GLU A 26 3.82 6.21 2.82
C GLU A 26 4.32 5.35 1.66
N VAL A 27 3.83 5.66 0.47
CA VAL A 27 4.29 5.02 -0.74
C VAL A 27 4.78 6.04 -1.74
N ASP A 28 5.63 5.59 -2.64
CA ASP A 28 6.06 6.39 -3.76
C ASP A 28 5.38 5.85 -5.01
N TYR A 29 5.08 6.72 -5.96
CA TYR A 29 4.42 6.27 -7.19
C TYR A 29 5.27 5.27 -7.97
N ARG A 30 6.58 5.35 -7.81
CA ARG A 30 7.48 4.43 -8.50
C ARG A 30 7.78 3.22 -7.63
N ASP A 31 7.27 3.23 -6.40
CA ASP A 31 7.52 2.17 -5.45
C ASP A 31 6.88 0.87 -5.93
N THR A 32 7.60 -0.22 -5.76
CA THR A 32 7.13 -1.52 -6.22
C THR A 32 6.27 -2.17 -5.14
N LEU A 33 5.24 -2.90 -5.56
CA LEU A 33 4.28 -3.47 -4.62
C LEU A 33 4.93 -4.51 -3.71
N LEU A 34 6.06 -5.05 -4.14
CA LEU A 34 6.82 -5.98 -3.31
C LEU A 34 7.61 -5.20 -2.24
N VAL A 35 7.96 -3.97 -2.56
CA VAL A 35 8.77 -3.14 -1.67
C VAL A 35 7.92 -2.56 -0.55
N VAL A 36 6.75 -2.04 -0.91
CA VAL A 36 5.84 -1.48 0.09
C VAL A 36 5.45 -2.53 1.15
N LYS A 37 5.33 -3.78 0.74
CA LYS A 37 4.99 -4.86 1.67
C LYS A 37 6.03 -5.00 2.77
N GLN A 38 7.28 -4.74 2.43
CA GLN A 38 8.38 -4.83 3.39
C GLN A 38 8.26 -3.72 4.43
N LYS A 39 7.71 -2.58 4.01
CA LYS A 39 7.47 -1.48 4.93
C LYS A 39 6.25 -1.77 5.80
N ILE A 40 5.23 -2.36 5.19
CA ILE A 40 4.02 -2.76 5.91
C ILE A 40 4.36 -3.78 6.98
N GLU A 41 5.29 -4.68 6.63
CA GLU A 41 5.74 -5.74 7.54
C GLU A 41 6.35 -5.14 8.81
N ARG A 42 6.89 -3.94 8.69
CA ARG A 42 7.48 -3.25 9.83
C ARG A 42 6.44 -2.45 10.59
N SER A 43 5.83 -1.48 9.90
CA SER A 43 4.94 -0.51 10.54
C SER A 43 3.65 -1.17 11.04
N GLN A 44 3.10 -2.08 10.27
CA GLN A 44 1.86 -2.75 10.66
C GLN A 44 2.16 -3.92 11.60
N HIS A 45 3.43 -4.29 11.66
CA HIS A 45 3.92 -5.36 12.54
C HIS A 45 3.38 -6.73 12.14
N ILE A 46 2.88 -6.83 10.92
CA ILE A 46 2.40 -8.11 10.40
C ILE A 46 3.27 -8.56 9.23
N PRO A 47 3.72 -9.82 9.27
CA PRO A 47 4.56 -10.39 8.22
C PRO A 47 3.89 -10.34 6.84
N VAL A 48 4.70 -10.33 5.79
CA VAL A 48 4.20 -10.25 4.42
C VAL A 48 3.23 -11.40 4.11
N SER A 49 3.36 -12.50 4.83
CA SER A 49 2.52 -13.66 4.63
C SER A 49 1.07 -13.38 5.04
N LYS A 50 0.89 -12.41 5.94
CA LYS A 50 -0.44 -12.09 6.45
C LYS A 50 -1.02 -10.88 5.72
N GLN A 51 -0.23 -10.32 4.82
CA GLN A 51 -0.63 -9.10 4.13
C GLN A 51 -1.48 -9.40 2.91
N THR A 52 -2.76 -9.65 3.15
CA THR A 52 -3.70 -9.80 2.06
C THR A 52 -4.30 -8.44 1.73
N LEU A 53 -3.64 -7.73 0.82
CA LEU A 53 -4.07 -6.39 0.43
C LEU A 53 -5.35 -6.44 -0.39
N ILE A 54 -6.44 -5.98 0.21
CA ILE A 54 -7.71 -5.93 -0.49
C ILE A 54 -8.15 -4.50 -0.69
N VAL A 55 -8.06 -4.02 -1.93
CA VAL A 55 -8.50 -2.67 -2.26
C VAL A 55 -9.89 -2.71 -2.88
N ASP A 56 -10.88 -2.24 -2.13
CA ASP A 56 -12.28 -2.23 -2.56
C ASP A 56 -12.83 -3.65 -2.72
N GLY A 57 -12.40 -4.33 -3.77
CA GLY A 57 -12.84 -5.69 -4.01
C GLY A 57 -11.82 -6.47 -4.80
N ILE A 58 -10.61 -5.92 -4.88
CA ILE A 58 -9.54 -6.56 -5.63
C ILE A 58 -8.37 -6.89 -4.71
N VAL A 59 -8.01 -8.16 -4.63
CA VAL A 59 -6.87 -8.58 -3.86
C VAL A 59 -5.57 -8.31 -4.64
N ILE A 60 -4.63 -7.64 -4.01
CA ILE A 60 -3.36 -7.31 -4.65
C ILE A 60 -2.39 -8.48 -4.54
N LEU A 61 -2.35 -9.30 -5.57
CA LEU A 61 -1.41 -10.40 -5.65
C LEU A 61 -0.15 -9.95 -6.38
N ARG A 62 -0.31 -8.87 -7.14
CA ARG A 62 0.80 -8.29 -7.88
C ARG A 62 1.82 -7.67 -6.95
N GLU A 63 3.06 -8.09 -7.09
CA GLU A 63 4.16 -7.53 -6.34
C GLU A 63 5.21 -6.97 -7.29
N ASP A 64 5.11 -7.36 -8.56
CA ASP A 64 6.05 -6.95 -9.58
C ASP A 64 5.69 -5.59 -10.16
N LEU A 65 4.45 -5.16 -9.93
CA LEU A 65 3.98 -3.89 -10.44
C LEU A 65 4.31 -2.77 -9.48
N THR A 66 4.19 -1.55 -9.98
CA THR A 66 4.44 -0.37 -9.17
C THR A 66 3.13 0.31 -8.80
N VAL A 67 3.15 1.11 -7.73
CA VAL A 67 1.95 1.76 -7.20
C VAL A 67 1.22 2.57 -8.27
N GLU A 68 1.94 3.42 -8.99
CA GLU A 68 1.34 4.32 -9.96
C GLU A 68 0.72 3.56 -11.13
N GLN A 69 1.25 2.39 -11.43
CA GLN A 69 0.76 1.58 -12.54
C GLN A 69 -0.26 0.55 -12.07
N CYS A 70 -0.53 0.56 -10.77
CA CYS A 70 -1.54 -0.31 -10.20
C CYS A 70 -2.73 0.50 -9.72
N GLN A 71 -2.56 1.83 -9.70
CA GLN A 71 -3.64 2.77 -9.35
C GLN A 71 -4.06 2.65 -7.89
N ILE A 72 -3.16 2.18 -7.04
CA ILE A 72 -3.45 2.06 -5.62
C ILE A 72 -3.42 3.43 -4.95
N VAL A 73 -4.59 3.95 -4.64
CA VAL A 73 -4.72 5.25 -3.98
C VAL A 73 -5.54 5.12 -2.70
N PRO A 74 -5.30 6.02 -1.74
CA PRO A 74 -6.03 6.02 -0.45
C PRO A 74 -7.51 6.33 -0.62
N THR A 75 -7.88 6.74 -1.83
CA THR A 75 -9.26 7.03 -2.16
C THR A 75 -10.09 5.74 -2.16
N SER A 76 -9.41 4.61 -2.25
CA SER A 76 -10.05 3.30 -2.18
C SER A 76 -9.79 2.70 -0.80
N ASP A 77 -10.73 1.86 -0.34
CA ASP A 77 -10.61 1.26 0.98
C ASP A 77 -9.66 0.07 0.93
N ILE A 78 -8.56 0.18 1.67
CA ILE A 78 -7.52 -0.84 1.66
C ILE A 78 -7.56 -1.65 2.95
N GLN A 79 -7.99 -2.89 2.84
CA GLN A 79 -8.08 -3.79 3.98
C GLN A 79 -6.86 -4.69 4.05
N LEU A 80 -6.38 -4.93 5.27
CA LEU A 80 -5.38 -5.96 5.51
C LEU A 80 -6.05 -7.19 6.09
N GLU A 81 -6.46 -8.10 5.23
CA GLU A 81 -7.11 -9.32 5.68
C GLU A 81 -6.06 -10.29 6.21
N VAL A 82 -5.89 -10.31 7.53
CA VAL A 82 -4.89 -11.14 8.17
C VAL A 82 -5.06 -12.61 7.80
N SER A 83 -4.07 -13.12 7.08
CA SER A 83 -4.08 -14.48 6.60
C SER A 83 -2.73 -15.13 6.86
N SER A 84 -2.51 -16.31 6.29
CA SER A 84 -1.21 -16.96 6.34
C SER A 84 -1.19 -18.14 5.36
N MET A 1 -10.64 27.44 -0.97
CA MET A 1 -9.63 28.34 -0.38
C MET A 1 -8.64 28.77 -1.46
N GLY A 2 -7.75 27.86 -1.83
CA GLY A 2 -6.82 28.13 -2.91
C GLY A 2 -6.91 27.05 -3.97
N HIS A 3 -7.36 27.43 -5.15
CA HIS A 3 -7.55 26.47 -6.24
C HIS A 3 -6.22 25.90 -6.71
N HIS A 4 -5.90 24.71 -6.21
CA HIS A 4 -4.65 24.03 -6.55
C HIS A 4 -4.88 22.53 -6.63
N HIS A 5 -4.50 21.92 -7.74
CA HIS A 5 -4.57 20.46 -7.85
C HIS A 5 -3.32 19.90 -8.52
N HIS A 6 -2.49 19.25 -7.73
CA HIS A 6 -1.29 18.59 -8.22
C HIS A 6 -0.99 17.36 -7.39
N HIS A 7 -1.14 16.19 -7.99
CA HIS A 7 -0.85 14.93 -7.30
C HIS A 7 0.66 14.83 -7.00
N HIS A 8 0.98 14.58 -5.75
CA HIS A 8 2.37 14.54 -5.29
C HIS A 8 3.05 13.24 -5.71
N SER A 9 4.37 13.22 -5.64
CA SER A 9 5.16 12.06 -6.06
C SER A 9 4.98 10.90 -5.09
N HIS A 10 4.79 11.20 -3.81
CA HIS A 10 4.51 10.14 -2.84
C HIS A 10 3.11 10.31 -2.26
N MET A 11 2.44 9.19 -2.08
CA MET A 11 1.08 9.18 -1.60
C MET A 11 1.01 8.56 -0.22
N LYS A 12 0.28 9.21 0.67
CA LYS A 12 0.03 8.66 1.99
C LYS A 12 -1.28 7.90 1.99
N PHE A 13 -1.19 6.58 2.11
CA PHE A 13 -2.37 5.75 2.12
C PHE A 13 -2.54 5.09 3.48
N LEU A 14 -3.73 5.21 4.03
CA LEU A 14 -4.03 4.67 5.35
C LEU A 14 -4.29 3.18 5.27
N VAL A 15 -3.33 2.40 5.74
CA VAL A 15 -3.50 0.96 5.80
C VAL A 15 -4.13 0.56 7.12
N GLU A 16 -5.40 0.17 7.06
CA GLU A 16 -6.11 -0.22 8.24
C GLU A 16 -6.22 -1.74 8.32
N ASN A 17 -5.40 -2.32 9.18
CA ASN A 17 -5.48 -3.75 9.44
C ASN A 17 -6.69 -4.02 10.32
N LEU A 18 -7.57 -4.90 9.88
CA LEU A 18 -8.82 -5.16 10.56
C LEU A 18 -8.57 -5.77 11.93
N ASN A 19 -7.41 -6.41 12.10
CA ASN A 19 -7.05 -7.00 13.37
C ASN A 19 -5.87 -6.23 13.99
N GLY A 20 -5.32 -5.32 13.22
CA GLY A 20 -4.15 -4.58 13.65
C GLY A 20 -4.46 -3.14 14.03
N SER A 21 -3.77 -2.20 13.41
CA SER A 21 -3.94 -0.79 13.72
C SER A 21 -3.88 0.04 12.44
N SER A 22 -4.69 1.08 12.37
CA SER A 22 -4.68 1.99 11.22
C SER A 22 -3.38 2.80 11.22
N PHE A 23 -2.58 2.63 10.18
CA PHE A 23 -1.27 3.29 10.11
C PHE A 23 -1.16 4.14 8.85
N GLU A 24 -0.63 5.34 8.99
CA GLU A 24 -0.39 6.21 7.85
C GLU A 24 0.91 5.80 7.17
N LEU A 25 0.79 5.21 5.99
CA LEU A 25 1.95 4.73 5.26
C LEU A 25 2.21 5.62 4.05
N GLU A 26 3.47 6.03 3.89
CA GLU A 26 3.85 6.91 2.80
C GLU A 26 4.75 6.18 1.82
N VAL A 27 4.28 6.03 0.58
CA VAL A 27 5.09 5.42 -0.47
C VAL A 27 5.10 6.31 -1.71
N ASP A 28 6.15 6.20 -2.49
CA ASP A 28 6.27 6.96 -3.72
C ASP A 28 5.65 6.17 -4.87
N TYR A 29 5.30 6.84 -5.95
CA TYR A 29 4.75 6.18 -7.13
C TYR A 29 5.64 5.03 -7.61
N ARG A 30 6.95 5.19 -7.46
CA ARG A 30 7.89 4.21 -7.98
C ARG A 30 8.19 3.11 -6.95
N ASP A 31 7.54 3.16 -5.79
CA ASP A 31 7.70 2.10 -4.81
C ASP A 31 6.91 0.87 -5.25
N THR A 32 7.55 -0.29 -5.20
CA THR A 32 6.92 -1.53 -5.63
C THR A 32 6.00 -2.08 -4.56
N LEU A 33 5.09 -2.94 -4.98
CA LEU A 33 4.13 -3.54 -4.08
C LEU A 33 4.77 -4.66 -3.26
N LEU A 34 6.08 -4.84 -3.46
CA LEU A 34 6.84 -5.80 -2.67
C LEU A 34 7.60 -5.09 -1.55
N VAL A 35 8.23 -3.96 -1.90
CA VAL A 35 8.98 -3.18 -0.91
C VAL A 35 8.04 -2.61 0.15
N VAL A 36 6.85 -2.19 -0.28
CA VAL A 36 5.86 -1.66 0.65
C VAL A 36 5.46 -2.72 1.67
N LYS A 37 5.43 -3.98 1.26
CA LYS A 37 5.09 -5.08 2.15
C LYS A 37 6.15 -5.23 3.24
N GLN A 38 7.40 -4.97 2.87
CA GLN A 38 8.50 -5.01 3.83
C GLN A 38 8.32 -3.93 4.89
N LYS A 39 7.65 -2.85 4.51
CA LYS A 39 7.38 -1.75 5.42
C LYS A 39 6.15 -2.09 6.26
N ILE A 40 5.13 -2.64 5.62
CA ILE A 40 3.89 -3.01 6.30
C ILE A 40 4.13 -4.10 7.33
N GLU A 41 4.99 -5.06 6.99
CA GLU A 41 5.28 -6.20 7.86
C GLU A 41 5.75 -5.74 9.24
N ARG A 42 6.55 -4.69 9.25
CA ARG A 42 7.10 -4.17 10.48
C ARG A 42 6.04 -3.46 11.30
N SER A 43 5.30 -2.57 10.63
CA SER A 43 4.29 -1.76 11.30
C SER A 43 3.08 -2.59 11.76
N GLN A 44 2.61 -3.48 10.91
CA GLN A 44 1.42 -4.27 11.21
C GLN A 44 1.77 -5.58 11.90
N HIS A 45 3.06 -5.89 11.94
CA HIS A 45 3.58 -7.09 12.64
C HIS A 45 3.19 -8.39 11.93
N ILE A 46 2.68 -8.26 10.71
CA ILE A 46 2.24 -9.43 9.94
C ILE A 46 3.19 -9.70 8.78
N PRO A 47 3.59 -10.98 8.61
CA PRO A 47 4.51 -11.39 7.54
C PRO A 47 4.02 -10.98 6.15
N VAL A 48 4.99 -10.74 5.26
CA VAL A 48 4.71 -10.31 3.88
C VAL A 48 3.67 -11.21 3.19
N SER A 49 3.81 -12.52 3.36
CA SER A 49 2.90 -13.47 2.72
C SER A 49 1.52 -13.47 3.40
N LYS A 50 1.41 -12.85 4.56
CA LYS A 50 0.15 -12.83 5.29
C LYS A 50 -0.51 -11.46 5.17
N GLN A 51 -0.01 -10.65 4.26
CA GLN A 51 -0.57 -9.33 4.02
C GLN A 51 -1.56 -9.38 2.87
N THR A 52 -2.84 -9.50 3.21
CA THR A 52 -3.90 -9.50 2.23
C THR A 52 -4.23 -8.05 1.85
N LEU A 53 -3.61 -7.58 0.79
CA LEU A 53 -3.79 -6.20 0.35
C LEU A 53 -5.13 -6.02 -0.34
N ILE A 54 -6.15 -5.64 0.42
CA ILE A 54 -7.46 -5.41 -0.14
C ILE A 54 -7.63 -3.93 -0.47
N VAL A 55 -7.37 -3.57 -1.71
CA VAL A 55 -7.48 -2.19 -2.15
C VAL A 55 -8.84 -1.95 -2.80
N ASP A 56 -9.75 -1.40 -2.00
CA ASP A 56 -11.09 -1.03 -2.45
C ASP A 56 -11.87 -2.27 -2.91
N GLY A 57 -11.51 -3.42 -2.34
CA GLY A 57 -12.19 -4.65 -2.68
C GLY A 57 -11.37 -5.52 -3.61
N ILE A 58 -10.34 -4.94 -4.21
CA ILE A 58 -9.47 -5.67 -5.12
C ILE A 58 -8.22 -6.13 -4.39
N VAL A 59 -8.04 -7.44 -4.31
CA VAL A 59 -6.87 -8.01 -3.65
C VAL A 59 -5.64 -7.90 -4.55
N ILE A 60 -4.62 -7.25 -4.03
CA ILE A 60 -3.39 -7.05 -4.77
C ILE A 60 -2.50 -8.29 -4.68
N LEU A 61 -2.50 -9.08 -5.74
CA LEU A 61 -1.64 -10.25 -5.83
C LEU A 61 -0.33 -9.90 -6.52
N ARG A 62 -0.19 -8.62 -6.85
CA ARG A 62 0.99 -8.13 -7.55
C ARG A 62 2.05 -7.65 -6.57
N GLU A 63 3.27 -8.15 -6.75
CA GLU A 63 4.40 -7.68 -5.97
C GLU A 63 5.48 -7.16 -6.91
N ASP A 64 5.35 -7.51 -8.18
CA ASP A 64 6.35 -7.17 -9.19
C ASP A 64 6.09 -5.79 -9.80
N LEU A 65 4.97 -5.19 -9.44
CA LEU A 65 4.59 -3.90 -10.01
C LEU A 65 4.69 -2.80 -8.97
N THR A 66 4.59 -1.55 -9.43
CA THR A 66 4.66 -0.40 -8.55
C THR A 66 3.27 0.19 -8.34
N VAL A 67 3.18 1.22 -7.49
CA VAL A 67 1.94 1.95 -7.30
C VAL A 67 1.55 2.64 -8.60
N GLU A 68 2.53 3.28 -9.23
CA GLU A 68 2.34 4.01 -10.48
C GLU A 68 1.85 3.08 -11.59
N GLN A 69 2.52 1.94 -11.71
CA GLN A 69 2.28 1.02 -12.81
C GLN A 69 0.98 0.22 -12.62
N CYS A 70 0.34 0.39 -11.46
CA CYS A 70 -0.94 -0.24 -11.20
C CYS A 70 -2.06 0.79 -11.13
N GLN A 71 -1.67 2.08 -11.17
CA GLN A 71 -2.61 3.18 -11.10
C GLN A 71 -3.38 3.18 -9.79
N ILE A 72 -2.71 2.78 -8.71
CA ILE A 72 -3.33 2.71 -7.39
C ILE A 72 -3.42 4.10 -6.76
N VAL A 73 -4.61 4.47 -6.31
CA VAL A 73 -4.81 5.74 -5.64
C VAL A 73 -5.08 5.52 -4.15
N PRO A 74 -4.75 6.52 -3.31
CA PRO A 74 -4.98 6.43 -1.87
C PRO A 74 -6.46 6.56 -1.51
N THR A 75 -7.25 7.10 -2.43
CA THR A 75 -8.67 7.29 -2.22
C THR A 75 -9.43 6.01 -2.52
N SER A 76 -9.26 5.02 -1.67
CA SER A 76 -9.93 3.73 -1.80
C SER A 76 -10.02 3.07 -0.44
N ASP A 77 -10.89 2.07 -0.31
CA ASP A 77 -11.03 1.34 0.95
C ASP A 77 -9.88 0.35 1.12
N ILE A 78 -8.87 0.75 1.88
CA ILE A 78 -7.66 -0.05 2.02
C ILE A 78 -7.68 -0.85 3.32
N GLN A 79 -8.10 -2.09 3.19
CA GLN A 79 -8.21 -2.99 4.35
C GLN A 79 -7.10 -4.02 4.35
N LEU A 80 -6.40 -4.14 5.47
CA LEU A 80 -5.37 -5.16 5.60
C LEU A 80 -5.89 -6.33 6.42
N GLU A 81 -5.88 -7.50 5.81
CA GLU A 81 -6.27 -8.71 6.50
C GLU A 81 -5.09 -9.66 6.60
N VAL A 82 -4.94 -10.32 7.74
CA VAL A 82 -3.90 -11.32 7.89
C VAL A 82 -4.33 -12.62 7.20
N SER A 83 -3.52 -13.08 6.27
CA SER A 83 -3.83 -14.29 5.51
C SER A 83 -3.79 -15.52 6.41
N SER A 84 -4.96 -15.94 6.85
CA SER A 84 -5.08 -17.13 7.69
C SER A 84 -6.47 -17.71 7.53
N MET A 1 -1.95 16.46 -21.15
CA MET A 1 -1.71 15.02 -20.91
C MET A 1 -0.37 14.80 -20.22
N GLY A 2 -0.33 13.87 -19.28
CA GLY A 2 0.92 13.54 -18.61
C GLY A 2 0.74 13.38 -17.11
N HIS A 3 1.86 13.29 -16.42
CA HIS A 3 1.85 13.09 -14.97
C HIS A 3 1.78 14.43 -14.24
N HIS A 4 0.61 14.77 -13.73
CA HIS A 4 0.47 15.99 -12.96
C HIS A 4 0.75 15.73 -11.48
N HIS A 5 1.29 14.56 -11.21
CA HIS A 5 1.71 14.18 -9.87
C HIS A 5 3.17 13.74 -9.89
N HIS A 6 3.91 14.18 -10.92
CA HIS A 6 5.28 13.71 -11.12
C HIS A 6 6.25 14.42 -10.19
N HIS A 7 5.88 15.62 -9.75
CA HIS A 7 6.74 16.41 -8.89
C HIS A 7 6.40 16.14 -7.43
N HIS A 8 5.11 15.94 -7.16
CA HIS A 8 4.67 15.61 -5.82
C HIS A 8 4.73 14.11 -5.60
N SER A 9 5.94 13.59 -5.47
CA SER A 9 6.14 12.20 -5.14
C SER A 9 5.80 11.96 -3.68
N HIS A 10 4.51 11.77 -3.40
CA HIS A 10 4.04 11.68 -2.03
C HIS A 10 2.71 10.93 -1.99
N MET A 11 2.75 9.67 -1.61
CA MET A 11 1.54 8.86 -1.53
C MET A 11 1.33 8.34 -0.11
N LYS A 12 0.39 8.94 0.60
CA LYS A 12 -0.01 8.43 1.90
C LYS A 12 -1.34 7.69 1.78
N PHE A 13 -1.27 6.38 1.64
CA PHE A 13 -2.47 5.58 1.51
C PHE A 13 -2.76 4.84 2.81
N LEU A 14 -4.02 4.72 3.14
CA LEU A 14 -4.42 4.15 4.41
C LEU A 14 -4.56 2.65 4.33
N VAL A 15 -3.69 1.94 5.04
CA VAL A 15 -3.81 0.50 5.19
C VAL A 15 -4.40 0.18 6.56
N GLU A 16 -5.65 -0.22 6.56
CA GLU A 16 -6.33 -0.51 7.81
C GLU A 16 -6.22 -1.98 8.17
N ASN A 17 -5.36 -2.28 9.13
CA ASN A 17 -5.28 -3.63 9.65
C ASN A 17 -6.45 -3.86 10.61
N LEU A 18 -7.33 -4.78 10.25
CA LEU A 18 -8.54 -5.01 11.02
C LEU A 18 -8.23 -5.55 12.42
N ASN A 19 -7.05 -6.16 12.57
CA ASN A 19 -6.64 -6.70 13.86
C ASN A 19 -5.39 -5.99 14.37
N GLY A 20 -5.02 -4.90 13.70
CA GLY A 20 -3.84 -4.18 14.08
C GLY A 20 -4.11 -2.70 14.22
N SER A 21 -3.62 -1.91 13.28
CA SER A 21 -3.82 -0.48 13.31
C SER A 21 -4.12 0.06 11.92
N SER A 22 -4.88 1.15 11.86
CA SER A 22 -5.15 1.83 10.61
C SER A 22 -4.08 2.90 10.39
N PHE A 23 -3.21 2.69 9.42
CA PHE A 23 -2.06 3.56 9.24
C PHE A 23 -2.00 4.08 7.81
N GLU A 24 -1.74 5.37 7.68
CA GLU A 24 -1.57 5.98 6.37
C GLU A 24 -0.09 5.90 5.98
N LEU A 25 0.27 4.82 5.31
CA LEU A 25 1.66 4.56 4.98
C LEU A 25 2.12 5.51 3.88
N GLU A 26 3.21 6.20 4.14
CA GLU A 26 3.73 7.18 3.22
C GLU A 26 4.78 6.55 2.31
N VAL A 27 4.39 6.31 1.06
CA VAL A 27 5.28 5.73 0.08
C VAL A 27 5.56 6.70 -1.05
N ASP A 28 6.40 6.28 -1.98
CA ASP A 28 6.70 7.06 -3.16
C ASP A 28 6.13 6.33 -4.38
N TYR A 29 6.15 6.98 -5.53
CA TYR A 29 5.65 6.36 -6.76
C TYR A 29 6.68 5.40 -7.32
N ARG A 30 7.93 5.58 -6.87
CA ARG A 30 9.06 4.79 -7.36
C ARG A 30 9.11 3.43 -6.65
N ASP A 31 8.39 3.31 -5.54
CA ASP A 31 8.36 2.06 -4.77
C ASP A 31 7.40 1.07 -5.40
N THR A 32 7.77 -0.20 -5.38
CA THR A 32 6.90 -1.24 -5.87
C THR A 32 6.02 -1.78 -4.74
N LEU A 33 4.99 -2.52 -5.09
CA LEU A 33 4.10 -3.09 -4.09
C LEU A 33 4.84 -4.14 -3.26
N LEU A 34 5.87 -4.74 -3.85
CA LEU A 34 6.72 -5.67 -3.12
C LEU A 34 7.50 -4.94 -2.03
N VAL A 35 7.92 -3.72 -2.33
CA VAL A 35 8.67 -2.92 -1.36
C VAL A 35 7.77 -2.48 -0.21
N VAL A 36 6.54 -2.08 -0.52
CA VAL A 36 5.63 -1.64 0.52
C VAL A 36 5.19 -2.81 1.42
N LYS A 37 5.22 -4.02 0.88
CA LYS A 37 4.95 -5.22 1.67
C LYS A 37 6.00 -5.37 2.75
N GLN A 38 7.23 -4.98 2.43
CA GLN A 38 8.34 -5.02 3.39
C GLN A 38 8.17 -3.92 4.44
N LYS A 39 7.54 -2.82 4.05
CA LYS A 39 7.27 -1.72 4.96
C LYS A 39 6.22 -2.13 5.99
N ILE A 40 5.09 -2.63 5.50
CA ILE A 40 3.97 -3.01 6.36
C ILE A 40 4.31 -4.22 7.22
N GLU A 41 5.12 -5.12 6.66
CA GLU A 41 5.49 -6.36 7.36
C GLU A 41 6.04 -6.08 8.74
N ARG A 42 6.90 -5.10 8.85
CA ARG A 42 7.51 -4.77 10.12
C ARG A 42 6.62 -3.82 10.93
N SER A 43 5.79 -3.06 10.23
CA SER A 43 4.90 -2.10 10.88
C SER A 43 3.75 -2.82 11.59
N GLN A 44 3.08 -3.71 10.88
CA GLN A 44 1.94 -4.44 11.43
C GLN A 44 2.37 -5.79 11.96
N HIS A 45 3.67 -6.08 11.85
CA HIS A 45 4.28 -7.28 12.42
C HIS A 45 3.77 -8.55 11.76
N ILE A 46 3.28 -8.44 10.54
CA ILE A 46 2.78 -9.59 9.82
C ILE A 46 3.56 -9.79 8.51
N PRO A 47 4.23 -10.94 8.38
CA PRO A 47 5.00 -11.30 7.19
C PRO A 47 4.23 -11.09 5.88
N VAL A 48 5.00 -10.88 4.80
CA VAL A 48 4.45 -10.64 3.47
C VAL A 48 3.38 -11.66 3.08
N SER A 49 3.60 -12.93 3.41
CA SER A 49 2.68 -14.00 3.03
C SER A 49 1.35 -13.91 3.77
N LYS A 50 1.33 -13.22 4.91
CA LYS A 50 0.14 -13.14 5.73
C LYS A 50 -0.65 -11.87 5.43
N GLN A 51 -0.03 -11.00 4.63
CA GLN A 51 -0.64 -9.73 4.26
C GLN A 51 -1.56 -9.88 3.07
N THR A 52 -2.85 -9.97 3.34
CA THR A 52 -3.83 -10.04 2.28
C THR A 52 -4.22 -8.63 1.84
N LEU A 53 -3.71 -8.21 0.69
CA LEU A 53 -3.95 -6.87 0.18
C LEU A 53 -5.34 -6.78 -0.46
N ILE A 54 -6.33 -6.38 0.31
CA ILE A 54 -7.67 -6.18 -0.21
C ILE A 54 -7.89 -4.70 -0.50
N VAL A 55 -7.76 -4.33 -1.76
CA VAL A 55 -7.95 -2.95 -2.16
C VAL A 55 -9.37 -2.74 -2.68
N ASP A 56 -10.23 -2.26 -1.80
CA ASP A 56 -11.64 -1.96 -2.12
C ASP A 56 -12.45 -3.23 -2.35
N GLY A 57 -12.10 -3.98 -3.39
CA GLY A 57 -12.78 -5.23 -3.66
C GLY A 57 -11.93 -6.19 -4.46
N ILE A 58 -10.65 -5.87 -4.60
CA ILE A 58 -9.74 -6.70 -5.39
C ILE A 58 -8.50 -7.05 -4.56
N VAL A 59 -8.12 -8.32 -4.59
CA VAL A 59 -6.92 -8.77 -3.90
C VAL A 59 -5.70 -8.56 -4.79
N ILE A 60 -4.71 -7.85 -4.26
CA ILE A 60 -3.51 -7.52 -5.04
C ILE A 60 -2.43 -8.55 -4.80
N LEU A 61 -2.13 -9.34 -5.82
CA LEU A 61 -1.06 -10.31 -5.76
C LEU A 61 0.08 -9.93 -6.70
N ARG A 62 -0.09 -8.81 -7.38
CA ARG A 62 0.93 -8.31 -8.30
C ARG A 62 1.85 -7.31 -7.58
N GLU A 63 2.86 -7.85 -6.92
CA GLU A 63 3.76 -7.03 -6.11
C GLU A 63 4.86 -6.41 -6.97
N ASP A 64 4.93 -6.84 -8.22
CA ASP A 64 5.95 -6.37 -9.15
C ASP A 64 5.59 -5.02 -9.72
N LEU A 65 4.38 -4.56 -9.43
CA LEU A 65 3.90 -3.28 -9.94
C LEU A 65 4.30 -2.15 -9.01
N THR A 66 4.53 -0.99 -9.60
CA THR A 66 4.85 0.21 -8.84
C THR A 66 3.57 0.89 -8.37
N VAL A 67 3.68 1.66 -7.29
CA VAL A 67 2.52 2.36 -6.71
C VAL A 67 1.79 3.20 -7.75
N GLU A 68 2.56 3.88 -8.60
CA GLU A 68 1.99 4.72 -9.64
C GLU A 68 1.17 3.90 -10.63
N GLN A 69 1.78 2.85 -11.17
CA GLN A 69 1.14 2.03 -12.19
C GLN A 69 0.03 1.16 -11.61
N CYS A 70 -0.02 1.09 -10.28
CA CYS A 70 -1.08 0.37 -9.60
C CYS A 70 -2.37 1.20 -9.62
N GLN A 71 -2.23 2.51 -9.87
CA GLN A 71 -3.37 3.42 -10.02
C GLN A 71 -4.20 3.47 -8.74
N ILE A 72 -3.52 3.50 -7.60
CA ILE A 72 -4.19 3.53 -6.31
C ILE A 72 -4.92 4.86 -6.11
N VAL A 73 -6.24 4.79 -6.12
CA VAL A 73 -7.07 5.97 -5.88
C VAL A 73 -7.37 6.11 -4.38
N PRO A 74 -7.46 7.35 -3.88
CA PRO A 74 -7.68 7.61 -2.45
C PRO A 74 -9.06 7.15 -1.98
N THR A 75 -9.93 6.83 -2.93
CA THR A 75 -11.30 6.43 -2.60
C THR A 75 -11.43 4.92 -2.50
N SER A 76 -10.31 4.22 -2.45
CA SER A 76 -10.31 2.77 -2.32
C SER A 76 -10.20 2.38 -0.85
N ASP A 77 -10.83 1.27 -0.49
CA ASP A 77 -10.77 0.78 0.88
C ASP A 77 -9.70 -0.29 1.02
N ILE A 78 -8.51 0.13 1.42
CA ILE A 78 -7.39 -0.80 1.57
C ILE A 78 -7.34 -1.34 2.98
N GLN A 79 -7.89 -2.53 3.16
CA GLN A 79 -7.93 -3.16 4.46
C GLN A 79 -7.02 -4.37 4.48
N LEU A 80 -6.24 -4.49 5.54
CA LEU A 80 -5.32 -5.60 5.69
C LEU A 80 -5.98 -6.76 6.40
N GLU A 81 -6.36 -7.77 5.65
CA GLU A 81 -6.93 -8.98 6.21
C GLU A 81 -5.82 -9.87 6.73
N VAL A 82 -5.81 -10.08 8.04
CA VAL A 82 -4.78 -10.88 8.68
C VAL A 82 -5.02 -12.37 8.46
N SER A 83 -4.19 -12.97 7.64
CA SER A 83 -4.21 -14.40 7.47
C SER A 83 -3.64 -15.05 8.72
N SER A 84 -4.48 -15.77 9.45
CA SER A 84 -4.08 -16.37 10.71
C SER A 84 -3.05 -17.47 10.48
N MET A 1 18.97 29.00 -6.57
CA MET A 1 18.15 27.77 -6.55
C MET A 1 17.33 27.70 -5.27
N GLY A 2 16.03 27.49 -5.43
CA GLY A 2 15.15 27.39 -4.29
C GLY A 2 14.51 26.01 -4.20
N HIS A 3 13.87 25.73 -3.07
CA HIS A 3 13.27 24.42 -2.86
C HIS A 3 11.75 24.51 -2.93
N HIS A 4 11.19 23.89 -3.95
CA HIS A 4 9.75 23.87 -4.15
C HIS A 4 9.16 22.64 -3.48
N HIS A 5 7.97 22.78 -2.90
CA HIS A 5 7.31 21.65 -2.26
C HIS A 5 6.62 20.78 -3.28
N HIS A 6 6.95 19.51 -3.27
CA HIS A 6 6.37 18.57 -4.21
C HIS A 6 5.72 17.40 -3.47
N HIS A 7 4.53 17.02 -3.93
CA HIS A 7 3.86 15.84 -3.40
C HIS A 7 3.63 14.86 -4.54
N HIS A 8 4.57 14.83 -5.47
CA HIS A 8 4.51 13.95 -6.62
C HIS A 8 4.81 12.51 -6.18
N SER A 9 5.63 12.39 -5.16
CA SER A 9 5.95 11.10 -4.58
C SER A 9 5.92 11.20 -3.06
N HIS A 10 5.98 10.06 -2.38
CA HIS A 10 5.87 10.01 -0.92
C HIS A 10 4.52 10.57 -0.45
N MET A 11 3.47 9.80 -0.66
CA MET A 11 2.13 10.20 -0.27
C MET A 11 1.64 9.36 0.90
N LYS A 12 0.96 9.99 1.83
CA LYS A 12 0.48 9.29 3.02
C LYS A 12 -0.99 8.95 2.86
N PHE A 13 -1.37 7.74 3.22
CA PHE A 13 -2.76 7.35 3.22
C PHE A 13 -3.06 6.44 4.41
N LEU A 14 -4.29 6.47 4.87
CA LEU A 14 -4.69 5.70 6.04
C LEU A 14 -4.86 4.23 5.70
N VAL A 15 -3.86 3.43 6.00
CA VAL A 15 -3.90 2.00 5.75
C VAL A 15 -4.56 1.29 6.92
N GLU A 16 -5.78 0.83 6.72
CA GLU A 16 -6.52 0.18 7.80
C GLU A 16 -6.21 -1.31 7.85
N ASN A 17 -5.48 -1.71 8.88
CA ASN A 17 -5.23 -3.12 9.12
C ASN A 17 -6.30 -3.69 10.03
N LEU A 18 -7.03 -4.68 9.52
CA LEU A 18 -8.15 -5.26 10.24
C LEU A 18 -7.67 -5.93 11.53
N ASN A 19 -6.48 -6.50 11.48
CA ASN A 19 -5.93 -7.22 12.62
C ASN A 19 -4.95 -6.33 13.37
N GLY A 20 -5.06 -5.03 13.16
CA GLY A 20 -4.19 -4.09 13.83
C GLY A 20 -4.84 -2.73 13.99
N SER A 21 -4.27 -1.72 13.36
CA SER A 21 -4.81 -0.38 13.42
C SER A 21 -4.64 0.31 12.09
N SER A 22 -5.29 1.46 11.91
CA SER A 22 -5.17 2.21 10.68
C SER A 22 -4.01 3.20 10.78
N PHE A 23 -2.98 2.96 9.98
CA PHE A 23 -1.77 3.77 10.03
C PHE A 23 -1.62 4.59 8.76
N GLU A 24 -1.31 5.87 8.91
CA GLU A 24 -1.05 6.73 7.77
C GLU A 24 0.34 6.43 7.20
N LEU A 25 0.40 5.49 6.29
CA LEU A 25 1.66 5.02 5.74
C LEU A 25 2.02 5.85 4.51
N GLU A 26 3.30 6.19 4.40
CA GLU A 26 3.77 6.98 3.28
C GLU A 26 4.44 6.09 2.24
N VAL A 27 3.85 6.05 1.06
CA VAL A 27 4.39 5.24 -0.02
C VAL A 27 4.83 6.11 -1.19
N ASP A 28 5.80 5.62 -1.94
CA ASP A 28 6.28 6.33 -3.11
C ASP A 28 5.72 5.65 -4.36
N TYR A 29 5.55 6.39 -5.44
CA TYR A 29 5.00 5.82 -6.66
C TYR A 29 6.02 4.93 -7.36
N ARG A 30 7.26 5.02 -6.92
CA ARG A 30 8.32 4.13 -7.41
C ARG A 30 8.25 2.79 -6.68
N ASP A 31 7.59 2.79 -5.53
CA ASP A 31 7.50 1.60 -4.70
C ASP A 31 6.82 0.46 -5.45
N THR A 32 7.58 -0.58 -5.69
CA THR A 32 7.06 -1.79 -6.28
C THR A 32 6.16 -2.50 -5.26
N LEU A 33 5.16 -3.24 -5.73
CA LEU A 33 4.23 -3.91 -4.83
C LEU A 33 4.97 -4.85 -3.86
N LEU A 34 6.10 -5.37 -4.32
CA LEU A 34 6.96 -6.20 -3.48
C LEU A 34 7.56 -5.38 -2.34
N VAL A 35 7.97 -4.15 -2.66
CA VAL A 35 8.62 -3.28 -1.69
C VAL A 35 7.62 -2.74 -0.68
N VAL A 36 6.42 -2.38 -1.15
CA VAL A 36 5.38 -1.87 -0.27
C VAL A 36 4.90 -2.96 0.69
N LYS A 37 5.06 -4.22 0.29
CA LYS A 37 4.79 -5.35 1.18
C LYS A 37 5.73 -5.29 2.37
N GLN A 38 7.00 -5.05 2.09
CA GLN A 38 8.03 -4.98 3.12
C GLN A 38 7.87 -3.72 3.97
N LYS A 39 7.33 -2.66 3.38
CA LYS A 39 7.03 -1.44 4.13
C LYS A 39 5.94 -1.69 5.15
N ILE A 40 4.81 -2.21 4.70
CA ILE A 40 3.67 -2.49 5.57
C ILE A 40 4.04 -3.55 6.61
N GLU A 41 4.88 -4.50 6.19
CA GLU A 41 5.34 -5.57 7.08
C GLU A 41 6.01 -4.99 8.31
N ARG A 42 6.80 -3.95 8.10
CA ARG A 42 7.57 -3.34 9.19
C ARG A 42 6.67 -2.42 10.02
N SER A 43 5.62 -1.90 9.40
CA SER A 43 4.71 -0.99 10.07
C SER A 43 3.73 -1.75 10.97
N GLN A 44 3.03 -2.71 10.39
CA GLN A 44 1.98 -3.44 11.10
C GLN A 44 2.55 -4.67 11.81
N HIS A 45 3.83 -4.96 11.56
CA HIS A 45 4.53 -6.11 12.15
C HIS A 45 3.97 -7.42 11.62
N ILE A 46 3.28 -7.36 10.50
CA ILE A 46 2.72 -8.55 9.87
C ILE A 46 3.56 -8.94 8.66
N PRO A 47 4.00 -10.20 8.60
CA PRO A 47 4.87 -10.70 7.52
C PRO A 47 4.18 -10.61 6.15
N VAL A 48 4.99 -10.43 5.11
CA VAL A 48 4.50 -10.31 3.74
C VAL A 48 3.55 -11.45 3.35
N SER A 49 3.81 -12.64 3.89
CA SER A 49 3.01 -13.81 3.57
C SER A 49 1.57 -13.68 4.07
N LYS A 50 1.39 -12.90 5.13
CA LYS A 50 0.08 -12.75 5.76
C LYS A 50 -0.58 -11.45 5.31
N GLN A 51 0.03 -10.79 4.36
CA GLN A 51 -0.44 -9.48 3.91
C GLN A 51 -1.40 -9.60 2.73
N THR A 52 -2.68 -9.71 3.01
CA THR A 52 -3.68 -9.71 1.96
C THR A 52 -4.12 -8.28 1.68
N LEU A 53 -3.52 -7.68 0.67
CA LEU A 53 -3.80 -6.29 0.34
C LEU A 53 -4.97 -6.20 -0.63
N ILE A 54 -6.11 -5.78 -0.11
CA ILE A 54 -7.31 -5.60 -0.90
C ILE A 54 -7.38 -4.17 -1.43
N VAL A 55 -7.33 -4.02 -2.76
CA VAL A 55 -7.39 -2.71 -3.38
C VAL A 55 -8.69 -2.54 -4.13
N ASP A 56 -9.55 -1.65 -3.63
CA ASP A 56 -10.83 -1.29 -4.27
C ASP A 56 -11.86 -2.41 -4.13
N GLY A 57 -11.39 -3.61 -3.79
CA GLY A 57 -12.28 -4.73 -3.62
C GLY A 57 -11.59 -6.04 -3.95
N ILE A 58 -10.60 -5.97 -4.82
CA ILE A 58 -9.87 -7.16 -5.24
C ILE A 58 -8.47 -7.17 -4.65
N VAL A 59 -8.00 -8.35 -4.25
CA VAL A 59 -6.64 -8.49 -3.76
C VAL A 59 -5.66 -8.48 -4.93
N ILE A 60 -4.63 -7.65 -4.83
CA ILE A 60 -3.66 -7.53 -5.90
C ILE A 60 -2.50 -8.50 -5.71
N LEU A 61 -2.56 -9.62 -6.41
CA LEU A 61 -1.51 -10.63 -6.31
C LEU A 61 -0.51 -10.46 -7.45
N ARG A 62 0.34 -9.46 -7.32
CA ARG A 62 1.35 -9.20 -8.33
C ARG A 62 2.75 -9.12 -7.73
N GLU A 63 2.98 -8.10 -6.90
CA GLU A 63 4.30 -7.79 -6.33
C GLU A 63 5.25 -7.23 -7.40
N ASP A 64 5.01 -7.64 -8.64
CA ASP A 64 5.83 -7.24 -9.78
C ASP A 64 5.61 -5.78 -10.17
N LEU A 65 4.35 -5.36 -10.22
CA LEU A 65 4.01 -4.00 -10.63
C LEU A 65 4.28 -3.01 -9.50
N THR A 66 4.23 -1.72 -9.81
CA THR A 66 4.42 -0.68 -8.81
C THR A 66 3.07 -0.16 -8.34
N VAL A 67 3.06 0.58 -7.24
CA VAL A 67 1.83 1.14 -6.69
C VAL A 67 1.20 2.14 -7.66
N GLU A 68 2.03 2.80 -8.45
CA GLU A 68 1.55 3.78 -9.42
C GLU A 68 0.77 3.08 -10.53
N GLN A 69 1.32 1.99 -11.04
CA GLN A 69 0.71 1.25 -12.14
C GLN A 69 -0.52 0.49 -11.63
N CYS A 70 -0.52 0.15 -10.35
CA CYS A 70 -1.63 -0.55 -9.73
C CYS A 70 -2.77 0.43 -9.43
N GLN A 71 -2.47 1.73 -9.50
CA GLN A 71 -3.45 2.79 -9.27
C GLN A 71 -4.02 2.71 -7.86
N ILE A 72 -3.14 2.46 -6.88
CA ILE A 72 -3.56 2.40 -5.49
C ILE A 72 -3.88 3.81 -4.98
N VAL A 73 -5.16 4.10 -4.87
CA VAL A 73 -5.61 5.41 -4.43
C VAL A 73 -6.32 5.31 -3.08
N PRO A 74 -6.18 6.35 -2.24
CA PRO A 74 -6.77 6.37 -0.89
C PRO A 74 -8.30 6.49 -0.92
N THR A 75 -8.86 6.53 -2.11
CA THR A 75 -10.29 6.63 -2.28
C THR A 75 -10.92 5.29 -2.67
N SER A 76 -10.11 4.24 -2.63
CA SER A 76 -10.61 2.92 -2.94
C SER A 76 -10.68 2.07 -1.69
N ASP A 77 -11.54 1.05 -1.71
CA ASP A 77 -11.72 0.13 -0.58
C ASP A 77 -10.43 -0.64 -0.30
N ILE A 78 -9.68 -0.19 0.70
CA ILE A 78 -8.41 -0.83 1.02
C ILE A 78 -8.37 -1.28 2.48
N GLN A 79 -8.22 -2.58 2.67
CA GLN A 79 -8.04 -3.16 4.00
C GLN A 79 -6.95 -4.21 3.97
N LEU A 80 -6.28 -4.38 5.10
CA LEU A 80 -5.28 -5.42 5.25
C LEU A 80 -5.87 -6.61 6.00
N GLU A 81 -6.07 -7.70 5.27
CA GLU A 81 -6.53 -8.93 5.87
C GLU A 81 -5.34 -9.81 6.22
N VAL A 82 -5.07 -9.97 7.50
CA VAL A 82 -3.94 -10.76 7.93
C VAL A 82 -4.33 -12.22 8.05
N SER A 83 -3.67 -13.06 7.28
CA SER A 83 -3.92 -14.49 7.30
C SER A 83 -3.24 -15.12 8.52
N SER A 84 -3.97 -15.19 9.63
CA SER A 84 -3.44 -15.70 10.89
C SER A 84 -2.88 -17.11 10.72
N MET A 1 9.85 28.46 -8.11
CA MET A 1 10.83 27.96 -9.09
C MET A 1 10.85 26.44 -9.09
N GLY A 2 11.54 25.86 -10.05
CA GLY A 2 11.63 24.42 -10.15
C GLY A 2 11.91 23.98 -11.57
N HIS A 3 12.55 22.84 -11.72
CA HIS A 3 12.86 22.34 -13.05
C HIS A 3 11.94 21.17 -13.39
N HIS A 4 11.15 20.76 -12.41
CA HIS A 4 10.21 19.68 -12.59
C HIS A 4 8.79 20.17 -12.29
N HIS A 5 7.81 19.56 -12.94
CA HIS A 5 6.42 19.90 -12.68
C HIS A 5 6.01 19.38 -11.30
N HIS A 6 5.26 20.19 -10.57
CA HIS A 6 4.77 19.84 -9.24
C HIS A 6 4.09 18.47 -9.28
N HIS A 7 4.60 17.52 -8.51
CA HIS A 7 4.13 16.15 -8.58
C HIS A 7 3.90 15.54 -7.20
N HIS A 8 2.70 15.00 -7.00
CA HIS A 8 2.36 14.29 -5.77
C HIS A 8 2.70 12.82 -5.91
N SER A 9 3.97 12.52 -6.13
CA SER A 9 4.42 11.14 -6.33
C SER A 9 4.41 10.37 -5.01
N HIS A 10 4.80 11.03 -3.93
CA HIS A 10 4.78 10.40 -2.62
C HIS A 10 3.57 10.88 -1.83
N MET A 11 2.68 9.94 -1.48
CA MET A 11 1.48 10.26 -0.74
C MET A 11 1.18 9.17 0.27
N LYS A 12 0.27 9.45 1.19
CA LYS A 12 -0.15 8.46 2.18
C LYS A 12 -1.26 7.58 1.62
N PHE A 13 -1.22 6.31 1.98
CA PHE A 13 -2.33 5.41 1.70
C PHE A 13 -2.83 4.83 3.02
N LEU A 14 -4.15 4.74 3.15
CA LEU A 14 -4.75 4.31 4.40
C LEU A 14 -4.99 2.81 4.41
N VAL A 15 -4.21 2.10 5.21
CA VAL A 15 -4.38 0.67 5.36
C VAL A 15 -5.00 0.34 6.72
N GLU A 16 -6.15 -0.32 6.67
CA GLU A 16 -6.81 -0.74 7.90
C GLU A 16 -6.43 -2.19 8.21
N ASN A 17 -5.57 -2.37 9.19
CA ASN A 17 -5.17 -3.70 9.62
C ASN A 17 -6.34 -4.36 10.33
N LEU A 18 -6.79 -5.49 9.79
CA LEU A 18 -7.98 -6.18 10.29
C LEU A 18 -7.80 -6.63 11.73
N ASN A 19 -6.56 -6.87 12.14
CA ASN A 19 -6.28 -7.33 13.49
C ASN A 19 -5.27 -6.39 14.17
N GLY A 20 -5.18 -5.18 13.66
CA GLY A 20 -4.24 -4.22 14.19
C GLY A 20 -4.80 -2.81 14.24
N SER A 21 -4.22 -1.91 13.46
CA SER A 21 -4.61 -0.50 13.49
C SER A 21 -4.70 0.05 12.07
N SER A 22 -5.40 1.16 11.92
CA SER A 22 -5.51 1.82 10.63
C SER A 22 -4.47 2.93 10.53
N PHE A 23 -3.45 2.70 9.72
CA PHE A 23 -2.33 3.61 9.62
C PHE A 23 -2.23 4.20 8.21
N GLU A 24 -1.79 5.45 8.14
CA GLU A 24 -1.60 6.10 6.84
C GLU A 24 -0.11 6.21 6.51
N LEU A 25 0.36 5.26 5.74
CA LEU A 25 1.78 5.17 5.39
C LEU A 25 2.04 5.94 4.10
N GLU A 26 3.13 6.73 4.08
CA GLU A 26 3.47 7.49 2.89
C GLU A 26 4.42 6.70 2.01
N VAL A 27 4.02 6.49 0.77
CA VAL A 27 4.84 5.76 -0.19
C VAL A 27 4.87 6.53 -1.51
N ASP A 28 5.91 6.32 -2.29
CA ASP A 28 6.02 6.96 -3.59
C ASP A 28 5.44 6.05 -4.67
N TYR A 29 4.79 6.66 -5.66
CA TYR A 29 4.17 5.93 -6.75
C TYR A 29 5.16 5.05 -7.52
N ARG A 30 6.44 5.44 -7.51
CA ARG A 30 7.46 4.70 -8.24
C ARG A 30 7.90 3.46 -7.46
N ASP A 31 7.47 3.35 -6.20
CA ASP A 31 7.82 2.20 -5.38
C ASP A 31 6.95 1.01 -5.75
N THR A 32 7.36 -0.17 -5.32
CA THR A 32 6.64 -1.38 -5.64
C THR A 32 6.15 -2.08 -4.37
N LEU A 33 5.11 -2.89 -4.53
CA LEU A 33 4.45 -3.53 -3.40
C LEU A 33 5.39 -4.46 -2.64
N LEU A 34 6.34 -5.05 -3.35
CA LEU A 34 7.31 -5.95 -2.74
C LEU A 34 8.20 -5.19 -1.73
N VAL A 35 8.32 -3.88 -1.90
CA VAL A 35 9.13 -3.08 -1.00
C VAL A 35 8.31 -2.55 0.17
N VAL A 36 7.18 -1.92 -0.13
CA VAL A 36 6.31 -1.38 0.91
C VAL A 36 5.83 -2.49 1.88
N LYS A 37 5.74 -3.72 1.38
CA LYS A 37 5.36 -4.85 2.22
C LYS A 37 6.41 -5.13 3.29
N GLN A 38 7.66 -4.75 3.01
CA GLN A 38 8.75 -4.93 3.96
C GLN A 38 8.55 -4.01 5.15
N LYS A 39 7.87 -2.90 4.91
CA LYS A 39 7.58 -1.93 5.95
C LYS A 39 6.40 -2.41 6.78
N ILE A 40 5.33 -2.78 6.10
CA ILE A 40 4.09 -3.20 6.76
C ILE A 40 4.33 -4.46 7.57
N GLU A 41 5.17 -5.36 7.07
CA GLU A 41 5.54 -6.57 7.81
C GLU A 41 6.15 -6.22 9.15
N ARG A 42 6.98 -5.19 9.15
CA ARG A 42 7.76 -4.83 10.31
C ARG A 42 6.97 -3.93 11.26
N SER A 43 6.22 -3.00 10.71
CA SER A 43 5.45 -2.05 11.50
C SER A 43 4.10 -2.62 11.94
N GLN A 44 3.41 -3.31 11.03
CA GLN A 44 2.09 -3.85 11.32
C GLN A 44 2.19 -5.30 11.78
N HIS A 45 3.41 -5.82 11.84
CA HIS A 45 3.70 -7.13 12.43
C HIS A 45 3.09 -8.28 11.61
N ILE A 46 2.73 -8.03 10.36
CA ILE A 46 2.13 -9.06 9.53
C ILE A 46 3.04 -9.42 8.35
N PRO A 47 3.42 -10.71 8.26
CA PRO A 47 4.33 -11.22 7.22
C PRO A 47 3.86 -10.91 5.79
N VAL A 48 4.80 -10.99 4.85
CA VAL A 48 4.55 -10.64 3.46
C VAL A 48 3.45 -11.49 2.84
N SER A 49 3.49 -12.80 3.09
CA SER A 49 2.50 -13.72 2.54
C SER A 49 1.13 -13.50 3.17
N LYS A 50 1.13 -13.02 4.41
CA LYS A 50 -0.10 -12.82 5.15
C LYS A 50 -0.68 -11.43 4.91
N GLN A 51 0.08 -10.60 4.21
CA GLN A 51 -0.37 -9.27 3.86
C GLN A 51 -1.34 -9.33 2.68
N THR A 52 -2.61 -9.48 2.99
CA THR A 52 -3.65 -9.48 1.98
C THR A 52 -3.99 -8.04 1.60
N LEU A 53 -3.43 -7.57 0.50
CA LEU A 53 -3.63 -6.20 0.07
C LEU A 53 -4.98 -6.04 -0.61
N ILE A 54 -6.00 -5.71 0.16
CA ILE A 54 -7.33 -5.51 -0.39
C ILE A 54 -7.51 -4.05 -0.74
N VAL A 55 -7.27 -3.74 -2.01
CA VAL A 55 -7.43 -2.37 -2.49
C VAL A 55 -8.75 -2.24 -3.23
N ASP A 56 -9.59 -1.31 -2.76
CA ASP A 56 -10.92 -1.07 -3.33
C ASP A 56 -11.84 -2.25 -3.00
N GLY A 57 -11.62 -3.35 -3.69
CA GLY A 57 -12.33 -4.57 -3.41
C GLY A 57 -11.61 -5.77 -3.99
N ILE A 58 -10.37 -5.58 -4.39
CA ILE A 58 -9.58 -6.61 -5.05
C ILE A 58 -8.29 -6.86 -4.28
N VAL A 59 -8.01 -8.13 -4.01
CA VAL A 59 -6.76 -8.50 -3.39
C VAL A 59 -5.63 -8.47 -4.42
N ILE A 60 -4.67 -7.58 -4.19
CA ILE A 60 -3.56 -7.44 -5.12
C ILE A 60 -2.53 -8.53 -4.86
N LEU A 61 -2.34 -9.40 -5.85
CA LEU A 61 -1.45 -10.54 -5.72
C LEU A 61 -0.07 -10.23 -6.30
N ARG A 62 -0.05 -9.38 -7.31
CA ARG A 62 1.20 -9.06 -8.00
C ARG A 62 2.01 -8.05 -7.22
N GLU A 63 3.04 -8.53 -6.53
CA GLU A 63 3.87 -7.68 -5.68
C GLU A 63 4.99 -7.05 -6.51
N ASP A 64 5.17 -7.55 -7.72
CA ASP A 64 6.19 -7.02 -8.62
C ASP A 64 5.80 -5.66 -9.18
N LEU A 65 4.49 -5.43 -9.27
CA LEU A 65 3.97 -4.19 -9.83
C LEU A 65 4.23 -3.01 -8.90
N THR A 66 4.25 -1.82 -9.46
CA THR A 66 4.49 -0.61 -8.69
C THR A 66 3.16 0.07 -8.37
N VAL A 67 3.18 0.95 -7.36
CA VAL A 67 1.97 1.62 -6.89
C VAL A 67 1.31 2.40 -8.03
N GLU A 68 2.12 3.03 -8.86
CA GLU A 68 1.64 3.85 -9.96
C GLU A 68 0.93 3.00 -11.01
N GLN A 69 1.50 1.84 -11.33
CA GLN A 69 0.95 0.98 -12.37
C GLN A 69 -0.32 0.28 -11.90
N CYS A 70 -0.60 0.38 -10.61
CA CYS A 70 -1.84 -0.16 -10.07
C CYS A 70 -2.85 0.97 -9.89
N GLN A 71 -2.38 2.21 -10.11
CA GLN A 71 -3.21 3.41 -9.94
C GLN A 71 -3.84 3.45 -8.55
N ILE A 72 -3.04 3.19 -7.54
CA ILE A 72 -3.51 3.21 -6.16
C ILE A 72 -3.73 4.66 -5.70
N VAL A 73 -4.99 5.05 -5.59
CA VAL A 73 -5.33 6.38 -5.13
C VAL A 73 -5.59 6.38 -3.62
N PRO A 74 -5.24 7.47 -2.94
CA PRO A 74 -5.38 7.57 -1.48
C PRO A 74 -6.84 7.69 -1.04
N THR A 75 -7.72 7.85 -2.01
CA THR A 75 -9.14 8.01 -1.73
C THR A 75 -9.86 6.66 -1.86
N SER A 76 -9.09 5.60 -2.07
CA SER A 76 -9.65 4.25 -2.18
C SER A 76 -9.63 3.58 -0.81
N ASP A 77 -10.35 2.48 -0.69
CA ASP A 77 -10.43 1.75 0.57
C ASP A 77 -9.46 0.57 0.55
N ILE A 78 -8.45 0.64 1.39
CA ILE A 78 -7.45 -0.42 1.47
C ILE A 78 -7.48 -1.07 2.84
N GLN A 79 -7.72 -2.38 2.86
CA GLN A 79 -7.74 -3.13 4.10
C GLN A 79 -6.62 -4.17 4.11
N LEU A 80 -6.05 -4.38 5.27
CA LEU A 80 -5.02 -5.39 5.44
C LEU A 80 -5.60 -6.59 6.16
N GLU A 81 -6.01 -7.59 5.40
CA GLU A 81 -6.58 -8.80 5.98
C GLU A 81 -5.46 -9.74 6.40
N VAL A 82 -5.31 -9.91 7.71
CA VAL A 82 -4.29 -10.79 8.25
C VAL A 82 -4.62 -12.24 7.94
N SER A 83 -3.88 -12.81 7.01
CA SER A 83 -4.08 -14.19 6.60
C SER A 83 -3.57 -15.15 7.67
N SER A 84 -4.25 -16.27 7.81
CA SER A 84 -3.83 -17.30 8.74
C SER A 84 -3.52 -18.59 7.99
N MET A 1 5.92 18.13 -22.04
CA MET A 1 6.83 18.46 -20.92
C MET A 1 6.39 19.76 -20.26
N GLY A 2 5.76 19.66 -19.11
CA GLY A 2 5.30 20.84 -18.42
C GLY A 2 4.40 20.50 -17.25
N HIS A 3 4.96 20.55 -16.06
CA HIS A 3 4.20 20.29 -14.85
C HIS A 3 4.67 21.21 -13.72
N HIS A 4 4.85 22.48 -14.07
CA HIS A 4 5.22 23.53 -13.12
C HIS A 4 6.61 23.33 -12.56
N HIS A 5 7.36 22.38 -13.13
CA HIS A 5 8.71 22.05 -12.66
C HIS A 5 8.67 21.46 -11.25
N HIS A 6 7.46 21.08 -10.78
CA HIS A 6 7.31 20.51 -9.45
C HIS A 6 6.59 19.17 -9.52
N HIS A 7 6.82 18.35 -8.52
CA HIS A 7 6.09 17.09 -8.38
C HIS A 7 6.26 16.55 -6.96
N HIS A 8 5.16 16.34 -6.26
CA HIS A 8 5.21 15.80 -4.91
C HIS A 8 5.11 14.29 -4.96
N SER A 9 6.25 13.63 -5.15
CA SER A 9 6.28 12.19 -5.31
C SER A 9 6.25 11.48 -3.96
N HIS A 10 5.14 11.63 -3.24
CA HIS A 10 4.90 10.90 -2.02
C HIS A 10 3.40 10.87 -1.75
N MET A 11 2.91 9.77 -1.22
CA MET A 11 1.48 9.63 -0.97
C MET A 11 1.24 8.73 0.24
N LYS A 12 0.50 9.23 1.22
CA LYS A 12 0.15 8.44 2.39
C LYS A 12 -1.20 7.78 2.18
N PHE A 13 -1.20 6.46 2.02
CA PHE A 13 -2.45 5.73 1.94
C PHE A 13 -2.74 5.06 3.26
N LEU A 14 -3.99 5.11 3.69
CA LEU A 14 -4.39 4.57 4.97
C LEU A 14 -4.44 3.04 4.89
N VAL A 15 -3.40 2.40 5.40
CA VAL A 15 -3.33 0.95 5.41
C VAL A 15 -4.16 0.42 6.57
N GLU A 16 -5.39 0.02 6.27
CA GLU A 16 -6.28 -0.48 7.30
C GLU A 16 -6.16 -2.00 7.42
N ASN A 17 -5.56 -2.43 8.50
CA ASN A 17 -5.41 -3.85 8.80
C ASN A 17 -6.67 -4.37 9.47
N LEU A 18 -7.14 -5.53 9.04
CA LEU A 18 -8.32 -6.15 9.63
C LEU A 18 -8.03 -6.53 11.09
N ASN A 19 -6.76 -6.82 11.36
CA ASN A 19 -6.33 -7.14 12.71
C ASN A 19 -5.05 -6.37 13.02
N GLY A 20 -5.20 -5.08 13.29
CA GLY A 20 -4.07 -4.22 13.56
C GLY A 20 -4.49 -2.79 13.73
N SER A 21 -3.88 -1.88 12.97
CA SER A 21 -4.19 -0.48 13.07
C SER A 21 -4.17 0.17 11.68
N SER A 22 -5.03 1.16 11.47
CA SER A 22 -5.07 1.88 10.21
C SER A 22 -3.95 2.92 10.19
N PHE A 23 -2.88 2.63 9.46
CA PHE A 23 -1.68 3.44 9.50
C PHE A 23 -1.45 4.16 8.17
N GLU A 24 -1.14 5.46 8.23
CA GLU A 24 -0.78 6.22 7.05
C GLU A 24 0.64 5.89 6.63
N LEU A 25 0.79 5.13 5.57
CA LEU A 25 2.10 4.78 5.06
C LEU A 25 2.46 5.70 3.89
N GLU A 26 3.42 6.58 4.12
CA GLU A 26 3.89 7.47 3.07
C GLU A 26 4.82 6.72 2.14
N VAL A 27 4.34 6.43 0.95
CA VAL A 27 5.15 5.72 -0.04
C VAL A 27 5.44 6.59 -1.24
N ASP A 28 6.33 6.12 -2.09
CA ASP A 28 6.65 6.80 -3.33
C ASP A 28 5.83 6.14 -4.43
N TYR A 29 5.51 6.88 -5.49
CA TYR A 29 4.81 6.29 -6.62
C TYR A 29 5.72 5.30 -7.34
N ARG A 30 7.01 5.41 -7.04
CA ARG A 30 8.02 4.50 -7.53
C ARG A 30 8.00 3.18 -6.76
N ASP A 31 7.40 3.18 -5.56
CA ASP A 31 7.31 1.98 -4.74
C ASP A 31 6.35 0.97 -5.36
N THR A 32 6.73 -0.30 -5.33
CA THR A 32 5.88 -1.36 -5.82
C THR A 32 5.19 -2.05 -4.64
N LEU A 33 4.22 -2.90 -4.95
CA LEU A 33 3.49 -3.62 -3.91
C LEU A 33 4.44 -4.52 -3.12
N LEU A 34 5.45 -5.07 -3.79
CA LEU A 34 6.44 -5.91 -3.12
C LEU A 34 7.23 -5.10 -2.10
N VAL A 35 7.67 -3.92 -2.52
CA VAL A 35 8.49 -3.07 -1.67
C VAL A 35 7.69 -2.51 -0.49
N VAL A 36 6.46 -2.10 -0.75
CA VAL A 36 5.63 -1.54 0.31
C VAL A 36 5.26 -2.62 1.33
N LYS A 37 5.10 -3.85 0.88
CA LYS A 37 4.80 -4.97 1.78
C LYS A 37 5.95 -5.20 2.77
N GLN A 38 7.16 -4.88 2.36
CA GLN A 38 8.32 -4.97 3.25
C GLN A 38 8.26 -3.86 4.29
N LYS A 39 7.62 -2.75 3.93
CA LYS A 39 7.52 -1.58 4.78
C LYS A 39 6.30 -1.66 5.69
N ILE A 40 5.32 -2.46 5.29
CA ILE A 40 4.12 -2.69 6.09
C ILE A 40 4.42 -3.66 7.23
N GLU A 41 5.38 -4.54 6.98
CA GLU A 41 5.70 -5.66 7.87
C GLU A 41 5.89 -5.21 9.33
N ARG A 42 6.79 -4.26 9.56
CA ARG A 42 7.11 -3.81 10.91
C ARG A 42 5.91 -3.15 11.58
N SER A 43 5.33 -2.17 10.89
CA SER A 43 4.30 -1.32 11.48
C SER A 43 3.02 -2.10 11.77
N GLN A 44 2.67 -3.05 10.91
CA GLN A 44 1.48 -3.85 11.11
C GLN A 44 1.80 -5.09 11.93
N HIS A 45 3.10 -5.29 12.20
CA HIS A 45 3.58 -6.39 13.04
C HIS A 45 3.30 -7.75 12.39
N ILE A 46 3.09 -7.75 11.08
CA ILE A 46 2.74 -8.97 10.37
C ILE A 46 3.70 -9.23 9.22
N PRO A 47 4.18 -10.47 9.09
CA PRO A 47 5.08 -10.89 8.00
C PRO A 47 4.47 -10.62 6.62
N VAL A 48 5.31 -10.73 5.60
CA VAL A 48 4.94 -10.36 4.23
C VAL A 48 3.74 -11.17 3.72
N SER A 49 3.80 -12.49 3.87
CA SER A 49 2.73 -13.36 3.37
C SER A 49 1.47 -13.27 4.22
N LYS A 50 1.59 -12.71 5.41
CA LYS A 50 0.45 -12.51 6.28
C LYS A 50 -0.35 -11.29 5.82
N GLN A 51 0.30 -10.49 4.97
CA GLN A 51 -0.31 -9.30 4.41
C GLN A 51 -1.03 -9.60 3.11
N THR A 52 -2.31 -9.89 3.19
CA THR A 52 -3.12 -10.08 2.00
C THR A 52 -3.63 -8.73 1.51
N LEU A 53 -3.29 -8.39 0.27
CA LEU A 53 -3.64 -7.09 -0.29
C LEU A 53 -5.05 -7.10 -0.86
N ILE A 54 -5.91 -6.23 -0.33
CA ILE A 54 -7.27 -6.08 -0.86
C ILE A 54 -7.53 -4.64 -1.25
N VAL A 55 -7.88 -4.42 -2.51
CA VAL A 55 -8.24 -3.10 -2.98
C VAL A 55 -9.61 -3.15 -3.66
N ASP A 56 -10.55 -2.34 -3.16
CA ASP A 56 -11.92 -2.29 -3.68
C ASP A 56 -12.63 -3.61 -3.46
N GLY A 57 -12.10 -4.43 -2.56
CA GLY A 57 -12.67 -5.73 -2.31
C GLY A 57 -12.02 -6.81 -3.16
N ILE A 58 -11.09 -6.40 -4.01
CA ILE A 58 -10.39 -7.34 -4.88
C ILE A 58 -9.03 -7.71 -4.28
N VAL A 59 -8.77 -9.00 -4.18
CA VAL A 59 -7.51 -9.48 -3.63
C VAL A 59 -6.39 -9.39 -4.67
N ILE A 60 -5.30 -8.76 -4.29
CA ILE A 60 -4.15 -8.60 -5.17
C ILE A 60 -2.98 -9.44 -4.65
N LEU A 61 -2.47 -10.32 -5.50
CA LEU A 61 -1.35 -11.17 -5.13
C LEU A 61 -0.15 -10.89 -6.04
N ARG A 62 -0.24 -9.80 -6.79
CA ARG A 62 0.83 -9.42 -7.71
C ARG A 62 1.67 -8.31 -7.09
N GLU A 63 2.81 -8.69 -6.54
CA GLU A 63 3.68 -7.75 -5.83
C GLU A 63 4.52 -6.94 -6.81
N ASP A 64 4.51 -7.35 -8.06
CA ASP A 64 5.29 -6.71 -9.11
C ASP A 64 4.68 -5.37 -9.50
N LEU A 65 3.39 -5.20 -9.22
CA LEU A 65 2.66 -4.00 -9.60
C LEU A 65 3.15 -2.78 -8.82
N THR A 66 3.47 -1.72 -9.56
CA THR A 66 3.85 -0.45 -8.96
C THR A 66 2.60 0.34 -8.58
N VAL A 67 2.65 1.06 -7.47
CA VAL A 67 1.48 1.81 -7.00
C VAL A 67 1.08 2.89 -8.01
N GLU A 68 2.05 3.45 -8.71
CA GLU A 68 1.78 4.44 -9.75
C GLU A 68 1.10 3.77 -10.94
N GLN A 69 1.63 2.61 -11.32
CA GLN A 69 1.10 1.86 -12.45
C GLN A 69 -0.35 1.49 -12.22
N CYS A 70 -0.63 0.96 -11.03
CA CYS A 70 -1.98 0.52 -10.70
C CYS A 70 -2.89 1.70 -10.35
N GLN A 71 -2.31 2.90 -10.33
CA GLN A 71 -3.06 4.13 -10.05
C GLN A 71 -3.72 4.06 -8.68
N ILE A 72 -2.92 3.77 -7.66
CA ILE A 72 -3.42 3.64 -6.30
C ILE A 72 -3.67 5.01 -5.68
N VAL A 73 -4.88 5.20 -5.17
CA VAL A 73 -5.23 6.42 -4.46
C VAL A 73 -5.72 6.08 -3.05
N PRO A 74 -5.49 6.98 -2.08
CA PRO A 74 -5.80 6.71 -0.67
C PRO A 74 -7.30 6.75 -0.36
N THR A 75 -8.10 7.07 -1.36
CA THR A 75 -9.54 7.15 -1.18
C THR A 75 -10.21 5.81 -1.51
N SER A 76 -9.44 4.90 -2.11
CA SER A 76 -9.96 3.59 -2.47
C SER A 76 -10.05 2.69 -1.23
N ASP A 77 -10.82 1.62 -1.33
CA ASP A 77 -10.97 0.67 -0.24
C ASP A 77 -9.72 -0.19 -0.12
N ILE A 78 -8.84 0.17 0.80
CA ILE A 78 -7.58 -0.55 0.98
C ILE A 78 -7.53 -1.17 2.37
N GLN A 79 -7.77 -2.46 2.43
CA GLN A 79 -7.74 -3.19 3.70
C GLN A 79 -6.89 -4.44 3.58
N LEU A 80 -6.19 -4.79 4.65
CA LEU A 80 -5.38 -5.99 4.66
C LEU A 80 -6.08 -7.06 5.48
N GLU A 81 -6.52 -8.11 4.82
CA GLU A 81 -7.14 -9.24 5.50
C GLU A 81 -6.03 -10.15 6.02
N VAL A 82 -5.84 -10.13 7.33
CA VAL A 82 -4.77 -10.87 7.97
C VAL A 82 -4.91 -12.38 7.71
N SER A 83 -3.82 -12.98 7.24
CA SER A 83 -3.77 -14.41 7.04
C SER A 83 -3.13 -15.05 8.27
N SER A 84 -3.22 -16.37 8.38
CA SER A 84 -2.59 -17.07 9.49
C SER A 84 -1.09 -17.13 9.29
N MET A 1 7.68 26.80 -11.11
CA MET A 1 7.36 25.90 -12.23
C MET A 1 7.28 24.46 -11.76
N GLY A 2 6.06 23.97 -11.57
CA GLY A 2 5.87 22.61 -11.09
C GLY A 2 5.13 21.74 -12.09
N HIS A 3 5.37 21.97 -13.38
CA HIS A 3 4.72 21.18 -14.41
C HIS A 3 5.44 19.86 -14.61
N HIS A 4 5.19 18.93 -13.69
CA HIS A 4 5.74 17.58 -13.77
C HIS A 4 4.68 16.58 -13.36
N HIS A 5 4.68 15.41 -13.99
CA HIS A 5 3.69 14.38 -13.70
C HIS A 5 3.90 13.83 -12.28
N HIS A 6 5.16 13.70 -11.88
CA HIS A 6 5.48 13.30 -10.52
C HIS A 6 5.82 14.53 -9.66
N HIS A 7 4.79 15.12 -9.06
CA HIS A 7 4.99 16.24 -8.15
C HIS A 7 4.33 15.92 -6.81
N HIS A 8 3.15 15.32 -6.89
CA HIS A 8 2.50 14.73 -5.74
C HIS A 8 2.60 13.22 -5.85
N SER A 9 3.68 12.66 -5.33
CA SER A 9 3.97 11.27 -5.54
C SER A 9 4.03 10.52 -4.21
N HIS A 10 4.38 11.23 -3.14
CA HIS A 10 4.42 10.65 -1.81
C HIS A 10 3.06 10.78 -1.14
N MET A 11 2.28 9.72 -1.20
CA MET A 11 0.91 9.74 -0.69
C MET A 11 0.80 8.97 0.61
N LYS A 12 0.14 9.56 1.59
CA LYS A 12 -0.17 8.85 2.82
C LYS A 12 -1.52 8.17 2.68
N PHE A 13 -1.54 6.85 2.75
CA PHE A 13 -2.80 6.13 2.68
C PHE A 13 -3.06 5.42 3.99
N LEU A 14 -4.31 5.44 4.43
CA LEU A 14 -4.68 4.81 5.69
C LEU A 14 -4.61 3.30 5.56
N VAL A 15 -3.58 2.71 6.12
CA VAL A 15 -3.40 1.26 6.10
C VAL A 15 -4.29 0.62 7.15
N GLU A 16 -5.50 0.29 6.76
CA GLU A 16 -6.46 -0.27 7.69
C GLU A 16 -6.26 -1.78 7.84
N ASN A 17 -5.59 -2.16 8.90
CA ASN A 17 -5.40 -3.57 9.22
C ASN A 17 -6.63 -4.07 9.96
N LEU A 18 -7.15 -5.21 9.55
CA LEU A 18 -8.34 -5.80 10.14
C LEU A 18 -8.16 -6.01 11.64
N ASN A 19 -7.14 -6.77 12.00
CA ASN A 19 -6.90 -7.10 13.41
C ASN A 19 -5.84 -6.17 14.00
N GLY A 20 -5.05 -5.56 13.13
CA GLY A 20 -4.00 -4.66 13.58
C GLY A 20 -4.51 -3.24 13.79
N SER A 21 -3.71 -2.26 13.38
CA SER A 21 -4.06 -0.87 13.58
C SER A 21 -3.94 -0.09 12.27
N SER A 22 -4.84 0.86 12.07
CA SER A 22 -4.80 1.71 10.88
C SER A 22 -3.67 2.73 11.01
N PHE A 23 -2.64 2.57 10.19
CA PHE A 23 -1.46 3.41 10.27
C PHE A 23 -1.34 4.30 9.04
N GLU A 24 -0.91 5.53 9.26
CA GLU A 24 -0.65 6.46 8.16
C GLU A 24 0.70 6.15 7.53
N LEU A 25 0.69 5.36 6.46
CA LEU A 25 1.93 5.00 5.78
C LEU A 25 2.07 5.84 4.53
N GLU A 26 3.18 6.55 4.42
CA GLU A 26 3.45 7.37 3.26
C GLU A 26 4.25 6.59 2.23
N VAL A 27 3.63 6.32 1.09
CA VAL A 27 4.25 5.56 0.03
C VAL A 27 4.37 6.44 -1.22
N ASP A 28 5.32 6.14 -2.08
CA ASP A 28 5.46 6.87 -3.32
C ASP A 28 5.06 5.97 -4.47
N TYR A 29 4.58 6.56 -5.57
CA TYR A 29 4.25 5.79 -6.76
C TYR A 29 5.50 5.13 -7.35
N ARG A 30 6.65 5.59 -6.90
CA ARG A 30 7.94 5.02 -7.30
C ARG A 30 8.18 3.70 -6.58
N ASP A 31 7.55 3.53 -5.42
CA ASP A 31 7.73 2.32 -4.62
C ASP A 31 7.14 1.11 -5.33
N THR A 32 7.85 0.00 -5.26
CA THR A 32 7.35 -1.25 -5.78
C THR A 32 6.47 -1.91 -4.73
N LEU A 33 5.42 -2.59 -5.16
CA LEU A 33 4.47 -3.19 -4.22
C LEU A 33 5.12 -4.19 -3.28
N LEU A 34 5.97 -5.05 -3.83
CA LEU A 34 6.69 -6.02 -3.02
C LEU A 34 7.62 -5.33 -2.03
N VAL A 35 8.01 -4.10 -2.35
CA VAL A 35 8.87 -3.31 -1.48
C VAL A 35 8.06 -2.71 -0.32
N VAL A 36 6.92 -2.11 -0.65
CA VAL A 36 6.09 -1.49 0.38
C VAL A 36 5.51 -2.54 1.32
N LYS A 37 5.37 -3.78 0.83
CA LYS A 37 4.93 -4.89 1.65
C LYS A 37 5.87 -5.08 2.84
N GLN A 38 7.17 -4.91 2.59
CA GLN A 38 8.17 -5.03 3.64
C GLN A 38 8.02 -3.89 4.65
N LYS A 39 7.77 -2.69 4.12
CA LYS A 39 7.57 -1.51 4.95
C LYS A 39 6.34 -1.69 5.84
N ILE A 40 5.31 -2.32 5.29
CA ILE A 40 4.09 -2.59 6.03
C ILE A 40 4.32 -3.67 7.08
N GLU A 41 5.07 -4.70 6.70
CA GLU A 41 5.34 -5.83 7.60
C GLU A 41 5.99 -5.36 8.89
N ARG A 42 6.98 -4.49 8.76
CA ARG A 42 7.74 -4.01 9.91
C ARG A 42 6.86 -3.13 10.81
N SER A 43 5.77 -2.63 10.27
CA SER A 43 4.88 -1.76 11.01
C SER A 43 3.71 -2.55 11.61
N GLN A 44 3.04 -3.31 10.76
CA GLN A 44 1.84 -4.05 11.17
C GLN A 44 2.19 -5.35 11.87
N HIS A 45 3.46 -5.76 11.73
CA HIS A 45 3.98 -6.97 12.37
C HIS A 45 3.39 -8.24 11.77
N ILE A 46 2.71 -8.08 10.64
CA ILE A 46 2.20 -9.22 9.91
C ILE A 46 3.04 -9.43 8.65
N PRO A 47 3.54 -10.67 8.46
CA PRO A 47 4.45 -10.99 7.36
C PRO A 47 3.88 -10.65 5.99
N VAL A 48 4.77 -10.34 5.05
CA VAL A 48 4.40 -10.05 3.67
C VAL A 48 3.51 -11.15 3.10
N SER A 49 3.78 -12.39 3.49
CA SER A 49 3.04 -13.55 2.99
C SER A 49 1.71 -13.74 3.73
N LYS A 50 1.40 -12.81 4.63
CA LYS A 50 0.15 -12.88 5.39
C LYS A 50 -0.65 -11.59 5.25
N GLN A 51 -0.22 -10.72 4.35
CA GLN A 51 -0.91 -9.46 4.10
C GLN A 51 -1.79 -9.57 2.87
N THR A 52 -3.08 -9.76 3.09
CA THR A 52 -4.03 -9.79 1.99
C THR A 52 -4.37 -8.38 1.56
N LEU A 53 -3.85 -7.96 0.41
CA LEU A 53 -4.06 -6.61 -0.08
C LEU A 53 -5.46 -6.47 -0.68
N ILE A 54 -6.42 -6.07 0.14
CA ILE A 54 -7.77 -5.84 -0.35
C ILE A 54 -7.91 -4.40 -0.81
N VAL A 55 -7.98 -4.22 -2.13
CA VAL A 55 -8.11 -2.90 -2.72
C VAL A 55 -9.46 -2.77 -3.41
N ASP A 56 -10.37 -2.03 -2.77
CA ASP A 56 -11.72 -1.81 -3.30
C ASP A 56 -12.46 -3.14 -3.46
N GLY A 57 -12.09 -4.12 -2.67
CA GLY A 57 -12.74 -5.42 -2.72
C GLY A 57 -11.89 -6.46 -3.45
N ILE A 58 -11.07 -6.00 -4.38
CA ILE A 58 -10.23 -6.88 -5.18
C ILE A 58 -8.91 -7.12 -4.48
N VAL A 59 -8.50 -8.37 -4.37
CA VAL A 59 -7.22 -8.69 -3.76
C VAL A 59 -6.08 -8.52 -4.76
N ILE A 60 -5.12 -7.69 -4.41
CA ILE A 60 -3.98 -7.45 -5.27
C ILE A 60 -2.86 -8.42 -4.95
N LEU A 61 -2.63 -9.37 -5.85
CA LEU A 61 -1.58 -10.35 -5.67
C LEU A 61 -0.39 -10.04 -6.56
N ARG A 62 -0.58 -9.07 -7.45
CA ARG A 62 0.50 -8.63 -8.34
C ARG A 62 1.38 -7.60 -7.65
N GLU A 63 2.21 -8.07 -6.74
CA GLU A 63 3.12 -7.21 -5.98
C GLU A 63 4.40 -7.00 -6.77
N ASP A 64 4.46 -7.62 -7.93
CA ASP A 64 5.59 -7.48 -8.84
C ASP A 64 5.54 -6.12 -9.54
N LEU A 65 4.41 -5.43 -9.40
CA LEU A 65 4.19 -4.16 -10.06
C LEU A 65 4.60 -2.99 -9.17
N THR A 66 4.72 -1.82 -9.78
CA THR A 66 5.00 -0.59 -9.06
C THR A 66 3.67 0.08 -8.68
N VAL A 67 3.68 0.91 -7.65
CA VAL A 67 2.48 1.62 -7.23
C VAL A 67 1.93 2.46 -8.39
N GLU A 68 2.84 3.07 -9.15
CA GLU A 68 2.47 3.87 -10.32
C GLU A 68 1.79 3.00 -11.38
N GLN A 69 2.32 1.79 -11.58
CA GLN A 69 1.82 0.90 -12.63
C GLN A 69 0.42 0.39 -12.32
N CYS A 70 0.05 0.37 -11.05
CA CYS A 70 -1.29 -0.04 -10.67
C CYS A 70 -2.19 1.18 -10.47
N GLN A 71 -1.57 2.37 -10.49
CA GLN A 71 -2.28 3.63 -10.29
C GLN A 71 -3.06 3.63 -8.99
N ILE A 72 -2.45 3.10 -7.94
CA ILE A 72 -3.11 3.00 -6.63
C ILE A 72 -3.38 4.39 -6.06
N VAL A 73 -4.64 4.75 -6.02
CA VAL A 73 -5.05 6.03 -5.46
C VAL A 73 -5.21 5.92 -3.94
N PRO A 74 -4.79 6.95 -3.20
CA PRO A 74 -4.83 6.94 -1.74
C PRO A 74 -6.25 6.99 -1.17
N THR A 75 -7.22 7.21 -2.07
CA THR A 75 -8.61 7.28 -1.69
C THR A 75 -9.30 5.93 -1.88
N SER A 76 -8.53 4.95 -2.33
CA SER A 76 -9.05 3.61 -2.57
C SER A 76 -9.24 2.87 -1.23
N ASP A 77 -10.16 1.91 -1.22
CA ASP A 77 -10.43 1.14 0.00
C ASP A 77 -9.37 0.06 0.17
N ILE A 78 -8.35 0.35 0.95
CA ILE A 78 -7.25 -0.57 1.15
C ILE A 78 -7.26 -1.13 2.56
N GLN A 79 -7.66 -2.38 2.69
CA GLN A 79 -7.74 -3.03 3.98
C GLN A 79 -6.86 -4.28 4.00
N LEU A 80 -6.22 -4.54 5.12
CA LEU A 80 -5.35 -5.69 5.25
C LEU A 80 -6.03 -6.81 6.02
N GLU A 81 -6.44 -7.84 5.29
CA GLU A 81 -6.97 -9.04 5.91
C GLU A 81 -5.80 -9.93 6.32
N VAL A 82 -5.56 -10.00 7.63
CA VAL A 82 -4.44 -10.77 8.16
C VAL A 82 -4.64 -12.26 7.93
N SER A 83 -3.83 -12.82 7.05
CA SER A 83 -3.90 -14.24 6.74
C SER A 83 -3.11 -15.04 7.77
N SER A 84 -3.74 -15.30 8.91
CA SER A 84 -3.10 -16.04 9.97
C SER A 84 -2.94 -17.50 9.56
N MET A 1 12.58 13.29 -21.08
CA MET A 1 12.19 14.63 -20.59
C MET A 1 13.01 15.00 -19.37
N GLY A 2 13.19 16.29 -19.14
CA GLY A 2 14.08 16.76 -18.10
C GLY A 2 13.41 16.99 -16.76
N HIS A 3 12.49 16.12 -16.39
CA HIS A 3 11.86 16.20 -15.08
C HIS A 3 12.74 15.53 -14.04
N HIS A 4 13.30 16.31 -13.14
CA HIS A 4 14.32 15.83 -12.22
C HIS A 4 13.76 15.63 -10.82
N HIS A 5 12.52 16.05 -10.60
CA HIS A 5 11.91 15.94 -9.29
C HIS A 5 10.54 15.28 -9.37
N HIS A 6 10.40 14.12 -8.74
CA HIS A 6 9.10 13.46 -8.63
C HIS A 6 8.29 14.13 -7.52
N HIS A 7 7.82 15.35 -7.82
CA HIS A 7 7.24 16.23 -6.81
C HIS A 7 5.75 15.94 -6.57
N HIS A 8 5.32 14.73 -6.89
CA HIS A 8 3.91 14.36 -6.67
C HIS A 8 3.79 12.85 -6.49
N SER A 9 4.90 12.19 -6.19
CA SER A 9 4.91 10.74 -6.14
C SER A 9 4.87 10.20 -4.71
N HIS A 10 5.07 11.05 -3.71
CA HIS A 10 5.05 10.58 -2.33
C HIS A 10 3.73 10.98 -1.67
N MET A 11 2.96 9.96 -1.27
CA MET A 11 1.65 10.18 -0.65
C MET A 11 1.43 9.18 0.47
N LYS A 12 0.60 9.55 1.44
CA LYS A 12 0.31 8.68 2.57
C LYS A 12 -1.00 7.95 2.33
N PHE A 13 -0.98 6.63 2.40
CA PHE A 13 -2.20 5.85 2.22
C PHE A 13 -2.56 5.15 3.53
N LEU A 14 -3.85 5.12 3.83
CA LEU A 14 -4.34 4.56 5.07
C LEU A 14 -4.35 3.03 5.01
N VAL A 15 -3.38 2.42 5.67
CA VAL A 15 -3.27 0.97 5.72
C VAL A 15 -4.07 0.43 6.90
N GLU A 16 -5.33 0.12 6.67
CA GLU A 16 -6.16 -0.43 7.74
C GLU A 16 -6.17 -1.95 7.64
N ASN A 17 -6.22 -2.62 8.77
CA ASN A 17 -6.21 -4.07 8.80
C ASN A 17 -7.43 -4.58 9.55
N LEU A 18 -8.13 -5.54 8.95
CA LEU A 18 -9.32 -6.14 9.55
C LEU A 18 -8.97 -6.80 10.88
N ASN A 19 -7.78 -7.35 10.93
CA ASN A 19 -7.26 -7.95 12.14
C ASN A 19 -5.97 -7.24 12.53
N GLY A 20 -6.11 -6.16 13.27
CA GLY A 20 -4.96 -5.36 13.65
C GLY A 20 -5.33 -3.91 13.87
N SER A 21 -4.63 -3.02 13.19
CA SER A 21 -4.86 -1.59 13.33
C SER A 21 -4.57 -0.87 12.01
N SER A 22 -4.86 0.42 11.96
CA SER A 22 -4.61 1.21 10.77
C SER A 22 -3.34 2.04 10.94
N PHE A 23 -2.58 2.18 9.85
CA PHE A 23 -1.34 2.93 9.88
C PHE A 23 -1.24 3.81 8.65
N GLU A 24 -0.74 5.03 8.83
CA GLU A 24 -0.57 5.96 7.72
C GLU A 24 0.85 5.87 7.19
N LEU A 25 1.04 5.06 6.17
CA LEU A 25 2.35 4.86 5.59
C LEU A 25 2.50 5.70 4.33
N GLU A 26 3.61 6.40 4.20
CA GLU A 26 3.84 7.22 3.02
C GLU A 26 4.59 6.40 1.96
N VAL A 27 3.94 6.20 0.83
CA VAL A 27 4.49 5.37 -0.22
C VAL A 27 4.87 6.22 -1.43
N ASP A 28 5.81 5.75 -2.20
CA ASP A 28 6.18 6.40 -3.44
C ASP A 28 5.48 5.69 -4.58
N TYR A 29 4.93 6.46 -5.51
CA TYR A 29 4.21 5.89 -6.64
C TYR A 29 5.12 5.00 -7.49
N ARG A 30 6.41 5.24 -7.43
CA ARG A 30 7.36 4.45 -8.21
C ARG A 30 7.92 3.29 -7.38
N ASP A 31 7.50 3.21 -6.13
CA ASP A 31 7.96 2.14 -5.25
C ASP A 31 7.26 0.83 -5.62
N THR A 32 8.04 -0.25 -5.62
CA THR A 32 7.51 -1.55 -5.99
C THR A 32 6.72 -2.14 -4.82
N LEU A 33 5.62 -2.81 -5.12
CA LEU A 33 4.74 -3.36 -4.09
C LEU A 33 5.45 -4.40 -3.24
N LEU A 34 6.50 -5.00 -3.79
CA LEU A 34 7.32 -5.95 -3.05
C LEU A 34 8.12 -5.24 -1.96
N VAL A 35 8.35 -3.95 -2.16
CA VAL A 35 9.15 -3.16 -1.23
C VAL A 35 8.27 -2.59 -0.12
N VAL A 36 7.14 -2.01 -0.49
CA VAL A 36 6.21 -1.42 0.47
C VAL A 36 5.69 -2.49 1.45
N LYS A 37 5.55 -3.72 0.98
CA LYS A 37 5.15 -4.83 1.85
C LYS A 37 6.16 -5.01 2.99
N GLN A 38 7.43 -4.82 2.66
CA GLN A 38 8.50 -4.96 3.64
C GLN A 38 8.48 -3.80 4.62
N LYS A 39 7.86 -2.71 4.21
CA LYS A 39 7.73 -1.52 5.05
C LYS A 39 6.51 -1.63 5.97
N ILE A 40 5.44 -2.24 5.45
CA ILE A 40 4.25 -2.51 6.25
C ILE A 40 4.57 -3.51 7.36
N GLU A 41 5.34 -4.53 6.99
CA GLU A 41 5.83 -5.52 7.95
C GLU A 41 6.68 -4.84 9.01
N ARG A 42 7.47 -3.88 8.58
CA ARG A 42 8.45 -3.21 9.43
C ARG A 42 7.76 -2.31 10.46
N SER A 43 6.54 -1.89 10.15
CA SER A 43 5.80 -1.00 11.04
C SER A 43 4.76 -1.76 11.85
N GLN A 44 3.83 -2.42 11.18
CA GLN A 44 2.76 -3.14 11.86
C GLN A 44 3.25 -4.43 12.49
N HIS A 45 4.44 -4.87 12.07
CA HIS A 45 5.07 -6.09 12.58
C HIS A 45 4.21 -7.32 12.28
N ILE A 46 3.73 -7.39 11.06
CA ILE A 46 2.90 -8.51 10.62
C ILE A 46 3.61 -9.26 9.51
N PRO A 47 3.40 -10.60 9.45
CA PRO A 47 3.97 -11.43 8.40
C PRO A 47 3.57 -10.94 7.01
N VAL A 48 4.50 -11.02 6.07
CA VAL A 48 4.26 -10.56 4.71
C VAL A 48 3.14 -11.38 4.06
N SER A 49 2.95 -12.61 4.54
CA SER A 49 1.90 -13.48 4.04
C SER A 49 0.52 -13.03 4.54
N LYS A 50 0.50 -12.31 5.66
CA LYS A 50 -0.76 -11.80 6.21
C LYS A 50 -1.22 -10.59 5.40
N GLN A 51 -0.27 -9.91 4.79
CA GLN A 51 -0.54 -8.68 4.06
C GLN A 51 -1.28 -8.98 2.76
N THR A 52 -2.58 -9.11 2.86
CA THR A 52 -3.42 -9.30 1.69
C THR A 52 -3.90 -7.95 1.19
N LEU A 53 -3.24 -7.43 0.17
CA LEU A 53 -3.53 -6.11 -0.34
C LEU A 53 -4.90 -6.06 -1.01
N ILE A 54 -5.88 -5.54 -0.29
CA ILE A 54 -7.23 -5.41 -0.81
C ILE A 54 -7.60 -3.94 -0.96
N VAL A 55 -7.65 -3.48 -2.19
CA VAL A 55 -8.00 -2.10 -2.47
C VAL A 55 -9.38 -2.00 -3.10
N ASP A 56 -10.35 -1.55 -2.29
CA ASP A 56 -11.74 -1.38 -2.73
C ASP A 56 -12.45 -2.72 -2.89
N GLY A 57 -11.89 -3.59 -3.73
CA GLY A 57 -12.48 -4.88 -3.98
C GLY A 57 -11.51 -5.82 -4.65
N ILE A 58 -10.64 -5.26 -5.48
CA ILE A 58 -9.64 -6.04 -6.18
C ILE A 58 -8.54 -6.47 -5.24
N VAL A 59 -8.23 -7.76 -5.25
CA VAL A 59 -7.14 -8.29 -4.44
C VAL A 59 -5.81 -8.19 -5.19
N ILE A 60 -4.86 -7.52 -4.59
CA ILE A 60 -3.55 -7.33 -5.22
C ILE A 60 -2.56 -8.35 -4.66
N LEU A 61 -2.29 -9.38 -5.44
CA LEU A 61 -1.32 -10.40 -5.05
C LEU A 61 -0.12 -10.33 -5.98
N ARG A 62 0.10 -9.16 -6.54
CA ARG A 62 1.21 -8.95 -7.46
C ARG A 62 2.15 -7.87 -6.93
N GLU A 63 3.19 -8.28 -6.21
CA GLU A 63 4.19 -7.35 -5.71
C GLU A 63 5.09 -6.89 -6.85
N ASP A 64 5.00 -7.61 -7.96
CA ASP A 64 5.73 -7.31 -9.18
C ASP A 64 5.42 -5.89 -9.68
N LEU A 65 4.20 -5.43 -9.43
CA LEU A 65 3.75 -4.15 -9.93
C LEU A 65 4.16 -3.00 -9.01
N THR A 66 3.86 -1.79 -9.43
CA THR A 66 4.19 -0.59 -8.66
C THR A 66 2.92 0.22 -8.38
N VAL A 67 2.96 1.04 -7.33
CA VAL A 67 1.79 1.81 -6.89
C VAL A 67 1.15 2.61 -8.02
N GLU A 68 1.97 3.34 -8.76
CA GLU A 68 1.49 4.20 -9.85
C GLU A 68 0.70 3.40 -10.88
N GLN A 69 1.28 2.31 -11.37
CA GLN A 69 0.68 1.55 -12.45
C GLN A 69 -0.54 0.77 -11.99
N CYS A 70 -0.69 0.61 -10.67
CA CYS A 70 -1.87 -0.05 -10.12
C CYS A 70 -3.01 0.94 -9.96
N GLN A 71 -2.68 2.23 -10.06
CA GLN A 71 -3.63 3.32 -9.86
C GLN A 71 -4.35 3.18 -8.53
N ILE A 72 -3.58 3.31 -7.45
CA ILE A 72 -4.14 3.24 -6.11
C ILE A 72 -4.69 4.60 -5.71
N VAL A 73 -6.01 4.74 -5.85
CA VAL A 73 -6.67 5.99 -5.48
C VAL A 73 -7.10 5.94 -4.01
N PRO A 74 -6.75 6.99 -3.25
CA PRO A 74 -7.01 7.07 -1.80
C PRO A 74 -8.49 7.09 -1.45
N THR A 75 -9.32 7.27 -2.46
CA THR A 75 -10.77 7.29 -2.28
C THR A 75 -11.35 5.88 -2.29
N SER A 76 -10.48 4.89 -2.09
CA SER A 76 -10.91 3.51 -2.02
C SER A 76 -10.63 2.93 -0.64
N ASP A 77 -11.44 1.98 -0.23
CA ASP A 77 -11.25 1.33 1.07
C ASP A 77 -10.08 0.35 1.01
N ILE A 78 -9.01 0.71 1.69
CA ILE A 78 -7.82 -0.13 1.75
C ILE A 78 -7.77 -0.89 3.06
N GLN A 79 -8.10 -2.18 3.00
CA GLN A 79 -8.16 -2.99 4.21
C GLN A 79 -7.45 -4.30 3.99
N LEU A 80 -6.54 -4.63 4.90
CA LEU A 80 -5.83 -5.90 4.85
C LEU A 80 -6.57 -6.93 5.68
N GLU A 81 -6.47 -8.19 5.28
CA GLU A 81 -7.04 -9.28 6.06
C GLU A 81 -5.94 -9.98 6.85
N VAL A 82 -6.29 -11.10 7.47
CA VAL A 82 -5.32 -11.89 8.21
C VAL A 82 -5.16 -13.27 7.57
N SER A 83 -3.91 -13.68 7.39
CA SER A 83 -3.61 -14.97 6.82
C SER A 83 -2.33 -15.52 7.44
N SER A 84 -2.46 -16.62 8.17
CA SER A 84 -1.31 -17.27 8.77
C SER A 84 -1.54 -18.78 8.78
N MET A 1 5.21 28.22 -4.83
CA MET A 1 4.86 27.68 -6.17
C MET A 1 5.09 28.74 -7.24
N GLY A 2 6.02 28.45 -8.14
CA GLY A 2 6.30 29.36 -9.24
C GLY A 2 5.57 28.97 -10.50
N HIS A 3 6.28 29.00 -11.62
CA HIS A 3 5.70 28.64 -12.90
C HIS A 3 6.05 27.19 -13.24
N HIS A 4 7.11 26.70 -12.60
CA HIS A 4 7.52 25.31 -12.78
C HIS A 4 6.71 24.41 -11.85
N HIS A 5 6.21 23.31 -12.39
CA HIS A 5 5.36 22.41 -11.64
C HIS A 5 5.94 21.01 -11.56
N HIS A 6 5.95 20.46 -10.36
CA HIS A 6 6.48 19.13 -10.10
C HIS A 6 5.60 18.42 -9.07
N HIS A 7 5.84 17.13 -8.86
CA HIS A 7 5.04 16.36 -7.92
C HIS A 7 5.94 15.62 -6.94
N HIS A 8 5.42 15.42 -5.73
CA HIS A 8 6.18 14.75 -4.67
C HIS A 8 6.29 13.26 -4.96
N SER A 9 5.18 12.67 -5.41
CA SER A 9 5.07 11.22 -5.65
C SER A 9 5.06 10.47 -4.32
N HIS A 10 4.67 11.17 -3.26
CA HIS A 10 4.63 10.61 -1.91
C HIS A 10 3.26 10.85 -1.30
N MET A 11 2.52 9.78 -1.04
CA MET A 11 1.19 9.91 -0.44
C MET A 11 1.05 9.00 0.76
N LYS A 12 0.30 9.46 1.75
CA LYS A 12 0.03 8.67 2.94
C LYS A 12 -1.38 8.13 2.90
N PHE A 13 -1.52 6.83 2.66
CA PHE A 13 -2.85 6.23 2.64
C PHE A 13 -3.09 5.48 3.94
N LEU A 14 -4.35 5.33 4.31
CA LEU A 14 -4.68 4.66 5.55
C LEU A 14 -4.76 3.17 5.36
N VAL A 15 -3.79 2.45 5.92
CA VAL A 15 -3.80 1.01 5.91
C VAL A 15 -4.80 0.51 6.95
N GLU A 16 -5.97 0.11 6.48
CA GLU A 16 -7.02 -0.33 7.38
C GLU A 16 -6.85 -1.80 7.71
N ASN A 17 -6.21 -2.10 8.83
CA ASN A 17 -6.06 -3.47 9.25
C ASN A 17 -7.36 -3.95 9.87
N LEU A 18 -8.07 -4.79 9.13
CA LEU A 18 -9.40 -5.26 9.53
C LEU A 18 -9.31 -6.03 10.85
N ASN A 19 -8.17 -6.64 11.09
CA ASN A 19 -7.96 -7.43 12.31
C ASN A 19 -6.89 -6.78 13.18
N GLY A 20 -6.71 -5.47 13.00
CA GLY A 20 -5.68 -4.77 13.73
C GLY A 20 -6.01 -3.30 13.90
N SER A 21 -5.06 -2.44 13.58
CA SER A 21 -5.24 -1.01 13.75
C SER A 21 -4.86 -0.24 12.48
N SER A 22 -5.45 0.92 12.29
CA SER A 22 -5.20 1.76 11.13
C SER A 22 -3.80 2.38 11.20
N PHE A 23 -3.21 2.66 10.04
CA PHE A 23 -1.89 3.29 9.97
C PHE A 23 -1.73 4.05 8.65
N GLU A 24 -1.26 5.28 8.73
CA GLU A 24 -0.97 6.07 7.53
C GLU A 24 0.40 5.68 6.99
N LEU A 25 0.42 4.93 5.90
CA LEU A 25 1.67 4.50 5.32
C LEU A 25 2.00 5.35 4.10
N GLU A 26 3.25 5.77 4.01
CA GLU A 26 3.70 6.53 2.86
C GLU A 26 4.02 5.60 1.70
N VAL A 27 3.31 5.76 0.61
CA VAL A 27 3.63 5.04 -0.61
C VAL A 27 4.23 5.97 -1.63
N ASP A 28 5.31 5.53 -2.25
CA ASP A 28 5.94 6.28 -3.31
C ASP A 28 5.46 5.72 -4.64
N TYR A 29 5.26 6.58 -5.62
CA TYR A 29 4.81 6.11 -6.92
C TYR A 29 5.92 5.32 -7.63
N ARG A 30 7.11 5.36 -7.06
CA ARG A 30 8.24 4.58 -7.56
C ARG A 30 8.31 3.23 -6.84
N ASP A 31 7.49 3.06 -5.81
CA ASP A 31 7.47 1.81 -5.05
C ASP A 31 6.79 0.71 -5.84
N THR A 32 7.36 -0.49 -5.76
CA THR A 32 6.72 -1.66 -6.33
C THR A 32 5.79 -2.28 -5.30
N LEU A 33 4.89 -3.14 -5.74
CA LEU A 33 3.95 -3.78 -4.84
C LEU A 33 4.62 -4.93 -4.10
N LEU A 34 5.94 -5.03 -4.25
CA LEU A 34 6.75 -5.95 -3.48
C LEU A 34 7.32 -5.25 -2.26
N VAL A 35 7.92 -4.09 -2.48
CA VAL A 35 8.55 -3.32 -1.41
C VAL A 35 7.52 -2.81 -0.42
N VAL A 36 6.33 -2.47 -0.92
CA VAL A 36 5.27 -1.94 -0.08
C VAL A 36 4.90 -2.92 1.04
N LYS A 37 4.96 -4.22 0.75
CA LYS A 37 4.63 -5.25 1.73
C LYS A 37 5.61 -5.21 2.89
N GLN A 38 6.87 -4.94 2.58
CA GLN A 38 7.92 -4.89 3.58
C GLN A 38 7.77 -3.63 4.43
N LYS A 39 7.27 -2.57 3.80
CA LYS A 39 7.02 -1.32 4.50
C LYS A 39 5.81 -1.47 5.43
N ILE A 40 4.83 -2.26 5.00
CA ILE A 40 3.68 -2.59 5.83
C ILE A 40 4.11 -3.50 6.97
N GLU A 41 4.96 -4.46 6.66
CA GLU A 41 5.46 -5.41 7.65
C GLU A 41 6.12 -4.68 8.81
N ARG A 42 6.93 -3.68 8.48
CA ARG A 42 7.64 -2.90 9.49
C ARG A 42 6.66 -2.15 10.41
N SER A 43 5.49 -1.83 9.89
CA SER A 43 4.53 -1.01 10.62
C SER A 43 3.50 -1.87 11.36
N GLN A 44 2.89 -2.81 10.65
CA GLN A 44 1.84 -3.63 11.22
C GLN A 44 2.40 -4.81 12.00
N HIS A 45 3.70 -5.06 11.82
CA HIS A 45 4.42 -6.14 12.51
C HIS A 45 3.98 -7.51 12.01
N ILE A 46 3.22 -7.53 10.92
CA ILE A 46 2.79 -8.77 10.31
C ILE A 46 3.64 -9.08 9.09
N PRO A 47 4.23 -10.27 9.04
CA PRO A 47 5.12 -10.69 7.96
C PRO A 47 4.46 -10.59 6.59
N VAL A 48 5.29 -10.33 5.58
CA VAL A 48 4.85 -10.21 4.19
C VAL A 48 3.95 -11.38 3.77
N SER A 49 4.29 -12.57 4.24
CA SER A 49 3.56 -13.78 3.87
C SER A 49 2.22 -13.90 4.59
N LYS A 50 1.85 -12.89 5.36
CA LYS A 50 0.56 -12.90 6.06
C LYS A 50 -0.30 -11.71 5.66
N GLN A 51 0.17 -10.95 4.69
CA GLN A 51 -0.51 -9.73 4.29
C GLN A 51 -1.42 -9.96 3.10
N THR A 52 -2.71 -10.10 3.36
CA THR A 52 -3.69 -10.12 2.30
C THR A 52 -4.08 -8.69 1.92
N LEU A 53 -3.46 -8.18 0.87
CA LEU A 53 -3.69 -6.82 0.42
C LEU A 53 -5.05 -6.71 -0.26
N ILE A 54 -6.05 -6.27 0.47
CA ILE A 54 -7.40 -6.13 -0.06
C ILE A 54 -7.69 -4.69 -0.43
N VAL A 55 -7.55 -4.36 -1.70
CA VAL A 55 -7.85 -3.02 -2.17
C VAL A 55 -9.33 -2.91 -2.53
N ASP A 56 -10.13 -2.58 -1.51
CA ASP A 56 -11.58 -2.45 -1.65
C ASP A 56 -12.19 -3.66 -2.37
N GLY A 57 -11.95 -4.84 -1.82
CA GLY A 57 -12.54 -6.05 -2.38
C GLY A 57 -11.53 -6.91 -3.13
N ILE A 58 -10.71 -6.29 -3.95
CA ILE A 58 -9.78 -7.03 -4.80
C ILE A 58 -8.43 -7.20 -4.11
N VAL A 59 -7.97 -8.43 -4.02
CA VAL A 59 -6.66 -8.73 -3.45
C VAL A 59 -5.55 -8.52 -4.49
N ILE A 60 -4.52 -7.80 -4.08
CA ILE A 60 -3.41 -7.52 -4.98
C ILE A 60 -2.26 -8.48 -4.73
N LEU A 61 -1.96 -9.30 -5.73
CA LEU A 61 -0.88 -10.27 -5.64
C LEU A 61 0.21 -9.94 -6.65
N ARG A 62 0.04 -8.83 -7.36
CA ARG A 62 0.99 -8.43 -8.38
C ARG A 62 2.11 -7.58 -7.81
N GLU A 63 3.13 -8.24 -7.29
CA GLU A 63 4.31 -7.57 -6.77
C GLU A 63 5.15 -7.05 -7.95
N ASP A 64 4.84 -7.60 -9.11
CA ASP A 64 5.48 -7.24 -10.37
C ASP A 64 5.13 -5.80 -10.78
N LEU A 65 4.02 -5.29 -10.24
CA LEU A 65 3.57 -3.95 -10.59
C LEU A 65 4.00 -2.91 -9.56
N THR A 66 3.72 -1.65 -9.83
CA THR A 66 4.08 -0.56 -8.93
C THR A 66 2.83 0.18 -8.45
N VAL A 67 3.04 1.15 -7.56
CA VAL A 67 1.96 2.00 -7.09
C VAL A 67 1.44 2.88 -8.22
N GLU A 68 2.36 3.32 -9.08
CA GLU A 68 2.02 4.18 -10.19
C GLU A 68 1.28 3.41 -11.28
N GLN A 69 1.70 2.18 -11.53
CA GLN A 69 1.11 1.35 -12.57
C GLN A 69 -0.39 1.20 -12.35
N CYS A 70 -0.77 0.85 -11.12
CA CYS A 70 -2.16 0.60 -10.80
C CYS A 70 -2.92 1.89 -10.52
N GLN A 71 -2.20 3.02 -10.58
CA GLN A 71 -2.78 4.34 -10.29
C GLN A 71 -3.45 4.34 -8.91
N ILE A 72 -2.66 4.04 -7.89
CA ILE A 72 -3.17 3.97 -6.53
C ILE A 72 -3.34 5.38 -5.96
N VAL A 73 -4.52 5.65 -5.42
CA VAL A 73 -4.83 6.93 -4.82
C VAL A 73 -5.48 6.73 -3.45
N PRO A 74 -5.41 7.73 -2.56
CA PRO A 74 -5.88 7.61 -1.17
C PRO A 74 -7.38 7.32 -1.04
N THR A 75 -8.13 7.44 -2.14
CA THR A 75 -9.58 7.22 -2.09
C THR A 75 -9.90 5.72 -2.10
N SER A 76 -8.99 4.90 -2.62
CA SER A 76 -9.21 3.47 -2.66
C SER A 76 -8.73 2.83 -1.35
N ASP A 77 -9.67 2.36 -0.56
CA ASP A 77 -9.37 1.78 0.74
C ASP A 77 -8.61 0.46 0.60
N ILE A 78 -7.33 0.49 0.94
CA ILE A 78 -6.52 -0.72 0.95
C ILE A 78 -6.47 -1.29 2.36
N GLN A 79 -7.25 -2.33 2.59
CA GLN A 79 -7.35 -2.89 3.92
C GLN A 79 -6.59 -4.20 4.01
N LEU A 80 -6.20 -4.57 5.23
CA LEU A 80 -5.40 -5.76 5.45
C LEU A 80 -6.20 -6.85 6.14
N GLU A 81 -6.08 -8.05 5.61
CA GLU A 81 -6.58 -9.24 6.27
C GLU A 81 -5.40 -10.13 6.63
N VAL A 82 -5.31 -10.52 7.89
CA VAL A 82 -4.19 -11.33 8.35
C VAL A 82 -4.36 -12.80 7.95
N SER A 83 -3.43 -13.29 7.16
CA SER A 83 -3.43 -14.69 6.77
C SER A 83 -2.94 -15.54 7.93
N SER A 84 -3.87 -16.20 8.60
CA SER A 84 -3.54 -16.99 9.78
C SER A 84 -2.88 -18.31 9.39
N MET A 1 18.52 27.92 -6.21
CA MET A 1 17.93 29.17 -6.76
C MET A 1 16.84 28.84 -7.76
N GLY A 2 16.12 29.85 -8.22
CA GLY A 2 15.03 29.63 -9.15
C GLY A 2 13.79 29.13 -8.45
N HIS A 3 13.05 28.27 -9.12
CA HIS A 3 11.83 27.70 -8.56
C HIS A 3 11.76 26.21 -8.86
N HIS A 4 11.08 25.46 -8.00
CA HIS A 4 11.01 24.02 -8.14
C HIS A 4 9.63 23.62 -8.67
N HIS A 5 9.55 22.47 -9.32
CA HIS A 5 8.29 21.99 -9.88
C HIS A 5 7.72 20.91 -8.98
N HIS A 6 6.43 21.03 -8.67
CA HIS A 6 5.80 20.12 -7.72
C HIS A 6 5.18 18.92 -8.43
N HIS A 7 5.55 17.74 -7.96
CA HIS A 7 4.99 16.49 -8.46
C HIS A 7 4.82 15.52 -7.29
N HIS A 8 3.58 15.19 -6.97
CA HIS A 8 3.29 14.36 -5.81
C HIS A 8 3.46 12.90 -6.15
N SER A 9 4.65 12.38 -5.90
CA SER A 9 4.93 10.97 -6.10
C SER A 9 4.71 10.22 -4.79
N HIS A 10 4.74 10.97 -3.70
CA HIS A 10 4.51 10.41 -2.37
C HIS A 10 3.09 10.70 -1.90
N MET A 11 2.37 9.65 -1.51
CA MET A 11 0.99 9.78 -1.06
C MET A 11 0.78 8.97 0.21
N LYS A 12 0.22 9.59 1.23
CA LYS A 12 -0.13 8.87 2.45
C LYS A 12 -1.45 8.14 2.28
N PHE A 13 -1.41 6.82 2.44
CA PHE A 13 -2.62 6.01 2.34
C PHE A 13 -2.89 5.33 3.68
N LEU A 14 -4.12 5.40 4.13
CA LEU A 14 -4.50 4.82 5.41
C LEU A 14 -4.85 3.35 5.23
N VAL A 15 -4.03 2.48 5.81
CA VAL A 15 -4.30 1.06 5.77
C VAL A 15 -5.13 0.65 6.98
N GLU A 16 -6.30 0.08 6.71
CA GLU A 16 -7.13 -0.47 7.76
C GLU A 16 -6.89 -1.96 7.84
N ASN A 17 -6.29 -2.39 8.93
CA ASN A 17 -5.96 -3.80 9.11
C ASN A 17 -7.01 -4.47 9.99
N LEU A 18 -7.49 -5.62 9.53
CA LEU A 18 -8.56 -6.35 10.22
C LEU A 18 -8.16 -6.62 11.66
N ASN A 19 -6.91 -7.00 11.87
CA ASN A 19 -6.42 -7.28 13.21
C ASN A 19 -5.06 -6.62 13.40
N GLY A 20 -5.08 -5.38 13.87
CA GLY A 20 -3.84 -4.65 14.07
C GLY A 20 -4.10 -3.18 14.35
N SER A 21 -3.33 -2.31 13.72
CA SER A 21 -3.44 -0.87 13.92
C SER A 21 -3.58 -0.15 12.59
N SER A 22 -4.48 0.82 12.54
CA SER A 22 -4.64 1.66 11.36
C SER A 22 -3.46 2.61 11.23
N PHE A 23 -2.86 2.70 10.05
CA PHE A 23 -1.67 3.52 9.86
C PHE A 23 -1.71 4.25 8.52
N GLU A 24 -1.35 5.54 8.55
CA GLU A 24 -1.24 6.33 7.33
C GLU A 24 0.20 6.32 6.84
N LEU A 25 0.49 5.41 5.92
CA LEU A 25 1.85 5.22 5.42
C LEU A 25 2.05 6.06 4.17
N GLU A 26 3.16 6.79 4.10
CA GLU A 26 3.48 7.55 2.91
C GLU A 26 4.14 6.66 1.87
N VAL A 27 3.40 6.32 0.82
CA VAL A 27 3.90 5.46 -0.22
C VAL A 27 4.36 6.31 -1.41
N ASP A 28 5.10 5.69 -2.31
CA ASP A 28 5.54 6.33 -3.53
C ASP A 28 4.97 5.56 -4.71
N TYR A 29 4.62 6.26 -5.78
CA TYR A 29 4.15 5.58 -6.99
C TYR A 29 5.25 4.66 -7.54
N ARG A 30 6.49 4.98 -7.20
CA ARG A 30 7.64 4.17 -7.59
C ARG A 30 7.86 2.99 -6.64
N ASP A 31 7.22 3.05 -5.46
CA ASP A 31 7.37 2.00 -4.47
C ASP A 31 6.63 0.76 -4.94
N THR A 32 7.31 -0.37 -4.97
CA THR A 32 6.73 -1.61 -5.46
C THR A 32 5.85 -2.25 -4.37
N LEU A 33 4.82 -2.98 -4.78
CA LEU A 33 3.88 -3.58 -3.83
C LEU A 33 4.59 -4.55 -2.89
N LEU A 34 5.63 -5.21 -3.38
CA LEU A 34 6.43 -6.09 -2.54
C LEU A 34 7.26 -5.28 -1.56
N VAL A 35 7.58 -4.05 -1.94
CA VAL A 35 8.44 -3.18 -1.14
C VAL A 35 7.63 -2.49 -0.04
N VAL A 36 6.43 -2.05 -0.37
CA VAL A 36 5.56 -1.43 0.62
C VAL A 36 5.20 -2.44 1.71
N LYS A 37 5.08 -3.71 1.34
CA LYS A 37 4.82 -4.79 2.29
C LYS A 37 5.93 -4.87 3.34
N GLN A 38 7.16 -4.60 2.92
CA GLN A 38 8.30 -4.62 3.84
C GLN A 38 8.11 -3.61 4.95
N LYS A 39 7.50 -2.48 4.61
CA LYS A 39 7.25 -1.41 5.56
C LYS A 39 6.06 -1.74 6.45
N ILE A 40 5.08 -2.42 5.87
CA ILE A 40 3.90 -2.86 6.63
C ILE A 40 4.28 -3.96 7.62
N GLU A 41 5.18 -4.84 7.19
CA GLU A 41 5.67 -5.90 8.05
C GLU A 41 6.41 -5.34 9.25
N ARG A 42 7.17 -4.28 9.03
CA ARG A 42 7.93 -3.63 10.09
C ARG A 42 6.99 -3.01 11.12
N SER A 43 5.97 -2.30 10.64
CA SER A 43 5.06 -1.58 11.50
C SER A 43 4.04 -2.50 12.18
N GLN A 44 3.30 -3.27 11.38
CA GLN A 44 2.24 -4.13 11.91
C GLN A 44 2.79 -5.40 12.53
N HIS A 45 4.02 -5.75 12.16
CA HIS A 45 4.66 -7.00 12.61
C HIS A 45 3.96 -8.21 12.02
N ILE A 46 3.30 -8.00 10.88
CA ILE A 46 2.67 -9.10 10.17
C ILE A 46 3.48 -9.44 8.93
N PRO A 47 3.88 -10.72 8.80
CA PRO A 47 4.73 -11.20 7.70
C PRO A 47 4.17 -10.85 6.32
N VAL A 48 5.07 -10.63 5.38
CA VAL A 48 4.71 -10.33 4.00
C VAL A 48 3.76 -11.37 3.42
N SER A 49 3.98 -12.63 3.79
CA SER A 49 3.16 -13.74 3.32
C SER A 49 1.74 -13.66 3.87
N LYS A 50 1.57 -12.94 4.97
CA LYS A 50 0.28 -12.88 5.66
C LYS A 50 -0.46 -11.59 5.34
N GLN A 51 0.13 -10.76 4.50
CA GLN A 51 -0.45 -9.48 4.15
C GLN A 51 -1.30 -9.58 2.88
N THR A 52 -2.62 -9.53 3.04
CA THR A 52 -3.51 -9.51 1.90
C THR A 52 -3.88 -8.07 1.55
N LEU A 53 -3.36 -7.60 0.42
CA LEU A 53 -3.64 -6.24 -0.03
C LEU A 53 -4.96 -6.17 -0.77
N ILE A 54 -5.99 -5.69 -0.10
CA ILE A 54 -7.29 -5.52 -0.74
C ILE A 54 -7.55 -4.03 -0.99
N VAL A 55 -7.12 -3.56 -2.14
CA VAL A 55 -7.30 -2.16 -2.50
C VAL A 55 -8.39 -2.03 -3.54
N ASP A 56 -9.25 -1.04 -3.37
CA ASP A 56 -10.33 -0.76 -4.33
C ASP A 56 -11.38 -1.87 -4.31
N GLY A 57 -11.21 -2.80 -3.38
CA GLY A 57 -12.13 -3.92 -3.26
C GLY A 57 -11.59 -5.15 -3.96
N ILE A 58 -10.41 -5.04 -4.54
CA ILE A 58 -9.79 -6.14 -5.27
C ILE A 58 -8.54 -6.62 -4.56
N VAL A 59 -8.42 -7.94 -4.42
CA VAL A 59 -7.22 -8.53 -3.84
C VAL A 59 -6.07 -8.50 -4.83
N ILE A 60 -4.96 -7.93 -4.41
CA ILE A 60 -3.79 -7.81 -5.27
C ILE A 60 -2.93 -9.07 -5.19
N LEU A 61 -2.60 -9.62 -6.34
CA LEU A 61 -1.79 -10.83 -6.41
C LEU A 61 -0.41 -10.52 -6.99
N ARG A 62 -0.36 -9.57 -7.92
CA ARG A 62 0.89 -9.16 -8.55
C ARG A 62 1.61 -8.15 -7.68
N GLU A 63 2.58 -8.63 -6.90
CA GLU A 63 3.33 -7.79 -5.99
C GLU A 63 4.50 -7.14 -6.69
N ASP A 64 4.77 -7.58 -7.92
CA ASP A 64 5.90 -7.08 -8.69
C ASP A 64 5.57 -5.74 -9.35
N LEU A 65 4.31 -5.35 -9.26
CA LEU A 65 3.88 -4.09 -9.84
C LEU A 65 4.07 -2.96 -8.83
N THR A 66 4.29 -1.75 -9.34
CA THR A 66 4.45 -0.59 -8.48
C THR A 66 3.09 0.02 -8.16
N VAL A 67 3.07 0.97 -7.23
CA VAL A 67 1.86 1.70 -6.88
C VAL A 67 1.30 2.42 -8.10
N GLU A 68 2.20 2.87 -8.97
CA GLU A 68 1.80 3.52 -10.22
C GLU A 68 1.12 2.52 -11.15
N GLN A 69 1.70 1.32 -11.25
CA GLN A 69 1.17 0.28 -12.12
C GLN A 69 -0.25 -0.12 -11.71
N CYS A 70 -0.48 -0.18 -10.42
CA CYS A 70 -1.78 -0.57 -9.89
C CYS A 70 -2.70 0.64 -9.79
N GLN A 71 -2.12 1.83 -9.84
CA GLN A 71 -2.86 3.08 -9.70
C GLN A 71 -3.64 3.11 -8.39
N ILE A 72 -2.92 2.94 -7.29
CA ILE A 72 -3.53 2.98 -5.97
C ILE A 72 -3.75 4.42 -5.53
N VAL A 73 -4.98 4.89 -5.68
CA VAL A 73 -5.32 6.24 -5.30
C VAL A 73 -5.66 6.30 -3.82
N PRO A 74 -5.21 7.37 -3.12
CA PRO A 74 -5.44 7.53 -1.68
C PRO A 74 -6.91 7.78 -1.33
N THR A 75 -7.75 7.89 -2.34
CA THR A 75 -9.18 8.10 -2.13
C THR A 75 -9.94 6.78 -2.30
N SER A 76 -9.19 5.69 -2.42
CA SER A 76 -9.79 4.37 -2.58
C SER A 76 -9.81 3.65 -1.24
N ASP A 77 -10.60 2.58 -1.17
CA ASP A 77 -10.70 1.79 0.06
C ASP A 77 -9.60 0.75 0.11
N ILE A 78 -8.90 0.69 1.24
CA ILE A 78 -7.76 -0.21 1.40
C ILE A 78 -7.92 -1.07 2.65
N GLN A 79 -8.13 -2.36 2.44
CA GLN A 79 -8.30 -3.30 3.55
C GLN A 79 -7.08 -4.23 3.63
N LEU A 80 -6.54 -4.37 4.82
CA LEU A 80 -5.48 -5.34 5.07
C LEU A 80 -6.06 -6.57 5.75
N GLU A 81 -6.04 -7.68 5.03
CA GLU A 81 -6.54 -8.93 5.56
C GLU A 81 -5.36 -9.77 6.06
N VAL A 82 -5.56 -10.42 7.20
CA VAL A 82 -4.49 -11.18 7.84
C VAL A 82 -4.58 -12.66 7.48
N SER A 83 -3.66 -13.09 6.63
CA SER A 83 -3.61 -14.49 6.23
C SER A 83 -2.78 -15.30 7.23
N SER A 84 -2.63 -16.58 6.97
CA SER A 84 -1.87 -17.45 7.84
C SER A 84 -1.08 -18.46 7.00
N MET A 1 9.61 27.25 -22.11
CA MET A 1 10.46 26.29 -22.85
C MET A 1 10.03 24.86 -22.55
N GLY A 2 9.93 24.54 -21.27
CA GLY A 2 9.52 23.22 -20.85
C GLY A 2 9.43 23.13 -19.35
N HIS A 3 8.91 22.04 -18.82
CA HIS A 3 8.74 21.92 -17.38
C HIS A 3 9.65 20.84 -16.81
N HIS A 4 10.79 21.26 -16.31
CA HIS A 4 11.77 20.36 -15.72
C HIS A 4 11.43 20.11 -14.26
N HIS A 5 10.22 19.64 -14.03
CA HIS A 5 9.70 19.40 -12.69
C HIS A 5 8.85 18.15 -12.67
N HIS A 6 9.13 17.25 -11.75
CA HIS A 6 8.34 16.04 -11.59
C HIS A 6 7.22 16.27 -10.60
N HIS A 7 6.36 15.27 -10.44
CA HIS A 7 5.24 15.39 -9.51
C HIS A 7 5.73 15.25 -8.08
N HIS A 8 5.00 15.86 -7.14
CA HIS A 8 5.31 15.73 -5.72
C HIS A 8 5.29 14.27 -5.32
N SER A 9 6.47 13.68 -5.22
CA SER A 9 6.60 12.28 -4.90
C SER A 9 6.50 12.06 -3.40
N HIS A 10 5.28 12.01 -2.92
CA HIS A 10 4.99 11.83 -1.51
C HIS A 10 3.52 11.49 -1.33
N MET A 11 3.23 10.21 -1.16
CA MET A 11 1.85 9.76 -1.04
C MET A 11 1.62 9.13 0.33
N LYS A 12 0.51 9.47 0.95
CA LYS A 12 0.12 8.84 2.19
C LYS A 12 -1.32 8.36 2.10
N PHE A 13 -1.53 7.09 2.37
CA PHE A 13 -2.87 6.53 2.35
C PHE A 13 -3.14 5.80 3.65
N LEU A 14 -4.38 5.81 4.08
CA LEU A 14 -4.77 5.15 5.31
C LEU A 14 -4.84 3.64 5.11
N VAL A 15 -3.90 2.93 5.72
CA VAL A 15 -3.88 1.48 5.66
C VAL A 15 -4.87 0.91 6.67
N GLU A 16 -6.02 0.50 6.19
CA GLU A 16 -7.04 -0.08 7.04
C GLU A 16 -6.65 -1.52 7.37
N ASN A 17 -6.88 -1.93 8.60
CA ASN A 17 -6.46 -3.25 9.02
C ASN A 17 -7.65 -4.04 9.58
N LEU A 18 -7.75 -5.30 9.18
CA LEU A 18 -8.82 -6.18 9.65
C LEU A 18 -8.62 -6.54 11.12
N ASN A 19 -7.36 -6.63 11.53
CA ASN A 19 -7.03 -6.98 12.91
C ASN A 19 -5.64 -6.49 13.26
N GLY A 20 -5.59 -5.38 13.98
CA GLY A 20 -4.32 -4.82 14.38
C GLY A 20 -4.40 -3.33 14.62
N SER A 21 -3.78 -2.56 13.74
CA SER A 21 -3.78 -1.12 13.84
C SER A 21 -3.89 -0.50 12.46
N SER A 22 -4.72 0.53 12.32
CA SER A 22 -4.84 1.25 11.06
C SER A 22 -3.77 2.34 11.03
N PHE A 23 -2.98 2.38 9.98
CA PHE A 23 -1.82 3.26 9.95
C PHE A 23 -1.74 4.03 8.63
N GLU A 24 -1.55 5.32 8.73
CA GLU A 24 -1.30 6.16 7.57
C GLU A 24 0.15 5.99 7.13
N LEU A 25 0.35 5.23 6.06
CA LEU A 25 1.69 4.86 5.63
C LEU A 25 2.15 5.76 4.50
N GLU A 26 3.38 6.24 4.61
CA GLU A 26 3.97 7.11 3.62
C GLU A 26 4.67 6.30 2.53
N VAL A 27 4.10 6.34 1.33
CA VAL A 27 4.67 5.63 0.20
C VAL A 27 5.08 6.60 -0.89
N ASP A 28 5.58 6.05 -1.99
CA ASP A 28 6.05 6.85 -3.11
C ASP A 28 5.52 6.25 -4.41
N TYR A 29 5.46 7.05 -5.46
CA TYR A 29 5.02 6.58 -6.77
C TYR A 29 5.92 5.47 -7.28
N ARG A 30 7.19 5.54 -6.90
CA ARG A 30 8.22 4.66 -7.40
C ARG A 30 8.30 3.37 -6.56
N ASP A 31 7.48 3.29 -5.53
CA ASP A 31 7.46 2.11 -4.68
C ASP A 31 6.59 1.03 -5.30
N THR A 32 7.05 -0.21 -5.22
CA THR A 32 6.30 -1.34 -5.75
C THR A 32 5.52 -2.05 -4.64
N LEU A 33 4.52 -2.81 -5.04
CA LEU A 33 3.67 -3.54 -4.10
C LEU A 33 4.48 -4.50 -3.23
N LEU A 34 5.60 -4.99 -3.76
CA LEU A 34 6.48 -5.85 -3.00
C LEU A 34 7.20 -5.05 -1.91
N VAL A 35 7.72 -3.88 -2.29
CA VAL A 35 8.47 -3.04 -1.37
C VAL A 35 7.57 -2.45 -0.29
N VAL A 36 6.35 -2.09 -0.65
CA VAL A 36 5.42 -1.53 0.32
C VAL A 36 4.99 -2.57 1.35
N LYS A 37 4.86 -3.83 0.92
CA LYS A 37 4.54 -4.90 1.84
C LYS A 37 5.67 -5.11 2.83
N GLN A 38 6.90 -4.94 2.37
CA GLN A 38 8.06 -5.05 3.24
C GLN A 38 8.05 -3.93 4.28
N LYS A 39 7.52 -2.76 3.90
CA LYS A 39 7.31 -1.67 4.84
C LYS A 39 6.26 -2.06 5.88
N ILE A 40 5.16 -2.64 5.41
CA ILE A 40 4.08 -3.05 6.28
C ILE A 40 4.53 -4.20 7.19
N GLU A 41 5.43 -5.03 6.69
CA GLU A 41 5.95 -6.16 7.46
C GLU A 41 6.74 -5.65 8.68
N ARG A 42 7.18 -4.40 8.60
CA ARG A 42 7.88 -3.77 9.71
C ARG A 42 6.90 -2.94 10.55
N SER A 43 5.97 -2.29 9.88
CA SER A 43 4.99 -1.45 10.56
C SER A 43 3.99 -2.27 11.37
N GLN A 44 3.37 -3.27 10.74
CA GLN A 44 2.40 -4.11 11.42
C GLN A 44 3.05 -5.39 11.93
N HIS A 45 4.27 -5.64 11.45
CA HIS A 45 5.04 -6.84 11.83
C HIS A 45 4.36 -8.11 11.35
N ILE A 46 3.58 -7.98 10.29
CA ILE A 46 2.97 -9.12 9.64
C ILE A 46 3.70 -9.42 8.34
N PRO A 47 4.16 -10.67 8.16
CA PRO A 47 4.91 -11.07 6.95
C PRO A 47 4.16 -10.76 5.65
N VAL A 48 4.93 -10.52 4.59
CA VAL A 48 4.39 -10.24 3.27
C VAL A 48 3.37 -11.31 2.83
N SER A 49 3.70 -12.57 3.09
CA SER A 49 2.82 -13.68 2.74
C SER A 49 1.55 -13.67 3.60
N LYS A 50 1.60 -12.91 4.70
CA LYS A 50 0.48 -12.82 5.62
C LYS A 50 -0.35 -11.57 5.31
N GLN A 51 0.15 -10.76 4.39
CA GLN A 51 -0.52 -9.52 4.01
C GLN A 51 -1.35 -9.72 2.75
N THR A 52 -2.65 -9.87 2.93
CA THR A 52 -3.56 -9.93 1.81
C THR A 52 -4.11 -8.53 1.53
N LEU A 53 -3.66 -7.94 0.42
CA LEU A 53 -4.06 -6.60 0.05
C LEU A 53 -5.47 -6.59 -0.54
N ILE A 54 -6.39 -5.95 0.14
CA ILE A 54 -7.72 -5.76 -0.38
C ILE A 54 -7.85 -4.36 -0.96
N VAL A 55 -7.70 -4.25 -2.27
CA VAL A 55 -7.84 -2.96 -2.94
C VAL A 55 -9.19 -2.88 -3.60
N ASP A 56 -10.00 -1.90 -3.17
CA ASP A 56 -11.39 -1.75 -3.60
C ASP A 56 -12.22 -2.90 -3.05
N GLY A 57 -12.07 -4.06 -3.65
CA GLY A 57 -12.72 -5.25 -3.18
C GLY A 57 -12.10 -6.49 -3.79
N ILE A 58 -10.87 -6.34 -4.26
CA ILE A 58 -10.17 -7.41 -4.95
C ILE A 58 -8.85 -7.73 -4.25
N VAL A 59 -8.56 -9.02 -4.10
CA VAL A 59 -7.32 -9.47 -3.50
C VAL A 59 -6.12 -9.21 -4.43
N ILE A 60 -5.14 -8.48 -3.91
CA ILE A 60 -3.94 -8.19 -4.67
C ILE A 60 -2.76 -8.99 -4.12
N LEU A 61 -2.23 -9.89 -4.94
CA LEU A 61 -1.10 -10.72 -4.56
C LEU A 61 -0.02 -10.67 -5.64
N ARG A 62 0.00 -9.57 -6.39
CA ARG A 62 0.92 -9.41 -7.50
C ARG A 62 2.33 -9.11 -7.02
N GLU A 63 2.48 -7.99 -6.30
CA GLU A 63 3.79 -7.52 -5.82
C GLU A 63 4.74 -7.19 -6.96
N ASP A 64 4.19 -7.12 -8.18
CA ASP A 64 4.99 -6.84 -9.37
C ASP A 64 4.60 -5.49 -9.97
N LEU A 65 3.68 -4.80 -9.30
CA LEU A 65 3.17 -3.54 -9.79
C LEU A 65 3.66 -2.38 -8.94
N THR A 66 4.02 -1.29 -9.59
CA THR A 66 4.43 -0.07 -8.91
C THR A 66 3.18 0.73 -8.51
N VAL A 67 3.29 1.58 -7.48
CA VAL A 67 2.19 2.43 -7.07
C VAL A 67 1.72 3.32 -8.23
N GLU A 68 2.68 3.89 -8.94
CA GLU A 68 2.39 4.73 -10.10
C GLU A 68 1.82 3.92 -11.26
N GLN A 69 2.14 2.64 -11.28
CA GLN A 69 1.71 1.75 -12.36
C GLN A 69 0.31 1.20 -12.11
N CYS A 70 0.07 0.75 -10.88
CA CYS A 70 -1.20 0.14 -10.54
C CYS A 70 -2.23 1.20 -10.14
N GLN A 71 -1.75 2.43 -9.94
CA GLN A 71 -2.59 3.55 -9.54
C GLN A 71 -3.26 3.26 -8.21
N ILE A 72 -2.47 3.33 -7.14
CA ILE A 72 -2.98 3.10 -5.80
C ILE A 72 -3.64 4.36 -5.26
N VAL A 73 -4.96 4.42 -5.35
CA VAL A 73 -5.71 5.58 -4.90
C VAL A 73 -6.36 5.31 -3.54
N PRO A 74 -6.21 6.25 -2.59
CA PRO A 74 -6.74 6.11 -1.23
C PRO A 74 -8.26 6.20 -1.18
N THR A 75 -8.87 6.52 -2.31
CA THR A 75 -10.32 6.60 -2.39
C THR A 75 -10.91 5.20 -2.38
N SER A 76 -10.09 4.23 -2.74
CA SER A 76 -10.50 2.84 -2.72
C SER A 76 -10.27 2.25 -1.33
N ASP A 77 -11.22 1.46 -0.86
CA ASP A 77 -11.10 0.80 0.43
C ASP A 77 -9.96 -0.21 0.40
N ILE A 78 -8.83 0.18 0.96
CA ILE A 78 -7.66 -0.66 0.99
C ILE A 78 -7.46 -1.21 2.40
N GLN A 79 -7.74 -2.49 2.57
CA GLN A 79 -7.68 -3.11 3.88
C GLN A 79 -6.72 -4.29 3.88
N LEU A 80 -6.00 -4.46 4.98
CA LEU A 80 -5.12 -5.60 5.16
C LEU A 80 -5.86 -6.76 5.81
N GLU A 81 -6.06 -7.82 5.05
CA GLU A 81 -6.59 -9.04 5.63
C GLU A 81 -5.44 -9.89 6.17
N VAL A 82 -5.29 -9.85 7.48
CA VAL A 82 -4.19 -10.55 8.14
C VAL A 82 -4.46 -12.05 8.20
N SER A 83 -3.72 -12.80 7.39
CA SER A 83 -3.89 -14.24 7.32
C SER A 83 -3.25 -14.90 8.54
N SER A 84 -4.08 -15.25 9.52
CA SER A 84 -3.60 -15.84 10.75
C SER A 84 -3.24 -17.30 10.53
N MET A 1 -9.77 21.77 -2.89
CA MET A 1 -8.40 21.44 -2.41
C MET A 1 -7.82 20.30 -3.24
N GLY A 2 -6.49 20.25 -3.31
CA GLY A 2 -5.84 19.20 -4.06
C GLY A 2 -5.64 19.57 -5.52
N HIS A 3 -5.03 18.68 -6.27
CA HIS A 3 -4.78 18.90 -7.70
C HIS A 3 -5.03 17.62 -8.47
N HIS A 4 -5.71 17.73 -9.60
CA HIS A 4 -6.00 16.57 -10.44
C HIS A 4 -4.68 15.99 -10.95
N HIS A 5 -3.91 16.81 -11.66
CA HIS A 5 -2.57 16.41 -12.06
C HIS A 5 -1.59 16.86 -11.00
N HIS A 6 -1.25 15.96 -10.11
CA HIS A 6 -0.41 16.27 -8.96
C HIS A 6 0.99 15.69 -9.13
N HIS A 7 1.92 16.55 -9.49
CA HIS A 7 3.30 16.12 -9.72
C HIS A 7 4.10 16.18 -8.43
N HIS A 8 3.68 15.39 -7.45
CA HIS A 8 4.37 15.31 -6.18
C HIS A 8 4.36 13.88 -5.67
N SER A 9 5.52 13.24 -5.68
CA SER A 9 5.64 11.88 -5.18
C SER A 9 5.57 11.85 -3.65
N HIS A 10 4.35 11.88 -3.13
CA HIS A 10 4.12 11.86 -1.69
C HIS A 10 2.68 11.45 -1.41
N MET A 11 2.45 10.14 -1.38
CA MET A 11 1.11 9.63 -1.12
C MET A 11 1.05 8.89 0.19
N LYS A 12 0.24 9.41 1.10
CA LYS A 12 0.04 8.77 2.39
C LYS A 12 -1.24 7.96 2.35
N PHE A 13 -1.13 6.67 2.07
CA PHE A 13 -2.32 5.82 1.97
C PHE A 13 -2.59 5.16 3.31
N LEU A 14 -3.86 4.92 3.58
CA LEU A 14 -4.27 4.37 4.85
C LEU A 14 -4.27 2.85 4.82
N VAL A 15 -3.33 2.26 5.53
CA VAL A 15 -3.26 0.82 5.65
C VAL A 15 -4.17 0.36 6.78
N GLU A 16 -5.42 0.09 6.46
CA GLU A 16 -6.41 -0.26 7.47
C GLU A 16 -6.38 -1.74 7.81
N ASN A 17 -5.68 -2.06 8.89
CA ASN A 17 -5.71 -3.41 9.43
C ASN A 17 -7.00 -3.57 10.23
N LEU A 18 -7.91 -4.40 9.73
CA LEU A 18 -9.24 -4.51 10.32
C LEU A 18 -9.18 -5.02 11.76
N ASN A 19 -8.20 -5.87 12.05
CA ASN A 19 -8.06 -6.41 13.39
C ASN A 19 -6.84 -5.83 14.08
N GLY A 20 -6.41 -4.68 13.61
CA GLY A 20 -5.28 -4.00 14.19
C GLY A 20 -5.50 -2.50 14.26
N SER A 21 -4.78 -1.77 13.42
CA SER A 21 -4.89 -0.32 13.39
C SER A 21 -4.68 0.18 11.98
N SER A 22 -5.43 1.21 11.61
CA SER A 22 -5.28 1.82 10.30
C SER A 22 -4.11 2.79 10.29
N PHE A 23 -2.99 2.35 9.74
CA PHE A 23 -1.77 3.13 9.75
C PHE A 23 -1.57 3.83 8.42
N GLU A 24 -1.45 5.15 8.46
CA GLU A 24 -1.19 5.93 7.26
C GLU A 24 0.30 5.83 6.90
N LEU A 25 0.58 5.34 5.70
CA LEU A 25 1.96 5.09 5.29
C LEU A 25 2.29 5.93 4.06
N GLU A 26 3.48 6.54 4.05
CA GLU A 26 3.91 7.34 2.92
C GLU A 26 4.64 6.48 1.90
N VAL A 27 4.10 6.43 0.70
CA VAL A 27 4.75 5.70 -0.38
C VAL A 27 4.96 6.59 -1.59
N ASP A 28 5.89 6.17 -2.44
CA ASP A 28 6.18 6.88 -3.67
C ASP A 28 5.61 6.10 -4.84
N TYR A 29 5.25 6.78 -5.92
CA TYR A 29 4.80 6.09 -7.13
C TYR A 29 5.92 5.22 -7.66
N ARG A 30 7.14 5.61 -7.30
CA ARG A 30 8.35 4.89 -7.68
C ARG A 30 8.41 3.52 -6.99
N ASP A 31 7.75 3.40 -5.83
CA ASP A 31 7.81 2.18 -5.03
C ASP A 31 7.11 1.02 -5.74
N THR A 32 7.73 -0.15 -5.68
CA THR A 32 7.14 -1.37 -6.18
C THR A 32 6.24 -1.96 -5.09
N LEU A 33 5.22 -2.70 -5.49
CA LEU A 33 4.27 -3.27 -4.52
C LEU A 33 4.98 -4.25 -3.59
N LEU A 34 5.93 -5.01 -4.12
CA LEU A 34 6.73 -5.92 -3.30
C LEU A 34 7.46 -5.13 -2.21
N VAL A 35 7.84 -3.91 -2.52
CA VAL A 35 8.57 -3.06 -1.59
C VAL A 35 7.65 -2.55 -0.48
N VAL A 36 6.44 -2.16 -0.84
CA VAL A 36 5.49 -1.66 0.15
C VAL A 36 4.99 -2.79 1.06
N LYS A 37 4.94 -4.01 0.52
CA LYS A 37 4.62 -5.19 1.33
C LYS A 37 5.62 -5.31 2.47
N GLN A 38 6.89 -5.11 2.15
CA GLN A 38 7.97 -5.18 3.13
C GLN A 38 7.88 -4.02 4.11
N LYS A 39 7.43 -2.86 3.62
CA LYS A 39 7.24 -1.70 4.48
C LYS A 39 6.16 -1.98 5.53
N ILE A 40 5.01 -2.46 5.05
CA ILE A 40 3.88 -2.75 5.92
C ILE A 40 4.21 -3.90 6.88
N GLU A 41 5.01 -4.86 6.40
CA GLU A 41 5.41 -6.01 7.20
C GLU A 41 6.12 -5.57 8.47
N ARG A 42 6.85 -4.47 8.38
CA ARG A 42 7.58 -3.95 9.51
C ARG A 42 6.66 -3.17 10.45
N SER A 43 5.88 -2.26 9.87
CA SER A 43 5.02 -1.38 10.67
C SER A 43 3.86 -2.13 11.33
N GLN A 44 3.28 -3.07 10.60
CA GLN A 44 2.14 -3.84 11.10
C GLN A 44 2.60 -5.09 11.85
N HIS A 45 3.87 -5.45 11.65
CA HIS A 45 4.48 -6.62 12.30
C HIS A 45 3.82 -7.91 11.83
N ILE A 46 3.21 -7.87 10.66
CA ILE A 46 2.64 -9.06 10.04
C ILE A 46 3.40 -9.41 8.77
N PRO A 47 3.82 -10.67 8.63
CA PRO A 47 4.62 -11.11 7.49
C PRO A 47 3.90 -10.92 6.15
N VAL A 48 4.69 -10.74 5.10
CA VAL A 48 4.17 -10.56 3.74
C VAL A 48 3.26 -11.71 3.33
N SER A 49 3.58 -12.91 3.82
CA SER A 49 2.81 -14.11 3.48
C SER A 49 1.41 -14.07 4.11
N LYS A 50 1.26 -13.29 5.17
CA LYS A 50 -0.02 -13.17 5.86
C LYS A 50 -0.62 -11.79 5.62
N GLN A 51 -0.03 -11.07 4.69
CA GLN A 51 -0.41 -9.70 4.42
C GLN A 51 -1.34 -9.65 3.21
N THR A 52 -2.62 -9.89 3.46
CA THR A 52 -3.61 -9.89 2.40
C THR A 52 -4.07 -8.47 2.08
N LEU A 53 -3.60 -7.93 0.97
CA LEU A 53 -4.00 -6.61 0.52
C LEU A 53 -5.33 -6.68 -0.22
N ILE A 54 -6.38 -6.18 0.41
CA ILE A 54 -7.68 -6.10 -0.21
C ILE A 54 -7.92 -4.68 -0.71
N VAL A 55 -7.78 -4.49 -2.01
CA VAL A 55 -7.95 -3.17 -2.60
C VAL A 55 -9.21 -3.13 -3.47
N ASP A 56 -10.27 -2.53 -2.93
CA ASP A 56 -11.56 -2.40 -3.63
C ASP A 56 -12.13 -3.77 -4.00
N GLY A 57 -11.74 -4.78 -3.25
CA GLY A 57 -12.22 -6.14 -3.51
C GLY A 57 -11.21 -6.98 -4.26
N ILE A 58 -10.21 -6.32 -4.84
CA ILE A 58 -9.17 -7.01 -5.58
C ILE A 58 -8.04 -7.42 -4.65
N VAL A 59 -7.66 -8.68 -4.69
CA VAL A 59 -6.57 -9.17 -3.88
C VAL A 59 -5.25 -8.98 -4.60
N ILE A 60 -4.34 -8.24 -3.99
CA ILE A 60 -3.06 -7.94 -4.62
C ILE A 60 -2.10 -9.12 -4.51
N LEU A 61 -2.15 -9.99 -5.51
CA LEU A 61 -1.23 -11.11 -5.60
C LEU A 61 -0.13 -10.81 -6.63
N ARG A 62 -0.16 -9.60 -7.15
CA ARG A 62 0.83 -9.15 -8.10
C ARG A 62 1.63 -8.00 -7.49
N GLU A 63 2.84 -8.31 -7.06
CA GLU A 63 3.67 -7.36 -6.33
C GLU A 63 4.76 -6.80 -7.24
N ASP A 64 4.73 -7.24 -8.49
CA ASP A 64 5.70 -6.83 -9.49
C ASP A 64 5.32 -5.46 -10.07
N LEU A 65 4.11 -5.02 -9.79
CA LEU A 65 3.64 -3.71 -10.23
C LEU A 65 4.09 -2.63 -9.26
N THR A 66 4.00 -1.39 -9.69
CA THR A 66 4.41 -0.27 -8.86
C THR A 66 3.19 0.53 -8.41
N VAL A 67 3.41 1.44 -7.47
CA VAL A 67 2.36 2.35 -7.01
C VAL A 67 1.86 3.21 -8.18
N GLU A 68 2.78 3.50 -9.10
CA GLU A 68 2.45 4.25 -10.31
C GLU A 68 1.43 3.49 -11.16
N GLN A 69 1.53 2.16 -11.17
CA GLN A 69 0.67 1.34 -12.00
C GLN A 69 -0.69 1.10 -11.34
N CYS A 70 -0.68 0.71 -10.07
CA CYS A 70 -1.91 0.35 -9.38
C CYS A 70 -2.62 1.58 -8.80
N GLN A 71 -1.96 2.73 -8.87
CA GLN A 71 -2.55 3.99 -8.41
C GLN A 71 -2.95 3.90 -6.94
N ILE A 72 -2.04 3.41 -6.11
CA ILE A 72 -2.29 3.25 -4.68
C ILE A 72 -2.39 4.60 -4.00
N VAL A 73 -3.60 4.96 -3.59
CA VAL A 73 -3.87 6.24 -2.96
C VAL A 73 -4.70 6.06 -1.70
N PRO A 74 -4.74 7.06 -0.81
CA PRO A 74 -5.52 6.98 0.44
C PRO A 74 -7.04 6.95 0.20
N THR A 75 -7.46 7.33 -0.99
CA THR A 75 -8.88 7.42 -1.32
C THR A 75 -9.45 6.07 -1.79
N SER A 76 -8.58 5.18 -2.26
CA SER A 76 -9.02 3.86 -2.69
C SER A 76 -9.19 2.94 -1.47
N ASP A 77 -9.97 1.89 -1.63
CA ASP A 77 -10.25 0.97 -0.54
C ASP A 77 -9.08 0.02 -0.33
N ILE A 78 -8.44 0.10 0.82
CA ILE A 78 -7.29 -0.74 1.13
C ILE A 78 -7.38 -1.25 2.57
N GLN A 79 -7.68 -2.54 2.71
CA GLN A 79 -7.78 -3.15 4.03
C GLN A 79 -6.86 -4.36 4.14
N LEU A 80 -6.40 -4.62 5.35
CA LEU A 80 -5.59 -5.78 5.64
C LEU A 80 -6.38 -6.82 6.40
N GLU A 81 -6.49 -8.00 5.83
CA GLU A 81 -7.05 -9.14 6.55
C GLU A 81 -5.92 -10.11 6.87
N VAL A 82 -5.64 -10.27 8.15
CA VAL A 82 -4.58 -11.16 8.59
C VAL A 82 -4.99 -12.60 8.34
N SER A 83 -4.31 -13.23 7.39
CA SER A 83 -4.61 -14.60 7.02
C SER A 83 -3.88 -15.56 7.96
N SER A 84 -4.53 -16.67 8.26
CA SER A 84 -3.95 -17.67 9.14
C SER A 84 -3.24 -18.74 8.32
N MET A 1 15.04 15.44 -24.70
CA MET A 1 15.37 15.19 -23.28
C MET A 1 14.22 15.66 -22.39
N GLY A 2 14.06 15.03 -21.24
CA GLY A 2 12.96 15.37 -20.36
C GLY A 2 13.39 15.48 -18.92
N HIS A 3 12.86 16.48 -18.23
CA HIS A 3 13.16 16.69 -16.82
C HIS A 3 11.88 16.92 -16.05
N HIS A 4 11.79 16.34 -14.88
CA HIS A 4 10.63 16.54 -14.01
C HIS A 4 10.99 17.53 -12.92
N HIS A 5 10.84 18.81 -13.23
CA HIS A 5 11.19 19.89 -12.32
C HIS A 5 10.22 19.94 -11.16
N HIS A 6 8.94 19.73 -11.46
CA HIS A 6 7.93 19.66 -10.43
C HIS A 6 7.68 18.22 -10.07
N HIS A 7 7.97 17.87 -8.82
CA HIS A 7 7.83 16.51 -8.36
C HIS A 7 6.48 16.30 -7.71
N HIS A 8 5.96 15.09 -7.82
CA HIS A 8 4.66 14.75 -7.26
C HIS A 8 4.74 13.35 -6.68
N SER A 9 5.86 13.05 -6.05
CA SER A 9 6.12 11.72 -5.52
C SER A 9 6.13 11.74 -4.00
N HIS A 10 4.96 11.51 -3.42
CA HIS A 10 4.80 11.37 -1.98
C HIS A 10 3.32 11.18 -1.68
N MET A 11 2.98 10.05 -1.08
CA MET A 11 1.59 9.74 -0.83
C MET A 11 1.45 9.04 0.52
N LYS A 12 0.35 9.30 1.21
CA LYS A 12 0.06 8.63 2.45
C LYS A 12 -1.28 7.91 2.31
N PHE A 13 -1.38 6.73 2.89
CA PHE A 13 -2.63 5.99 2.85
C PHE A 13 -2.83 5.20 4.13
N LEU A 14 -4.05 5.22 4.63
CA LEU A 14 -4.39 4.49 5.84
C LEU A 14 -4.64 3.02 5.50
N VAL A 15 -3.83 2.14 6.06
CA VAL A 15 -4.06 0.72 5.91
C VAL A 15 -4.89 0.19 7.08
N GLU A 16 -6.07 -0.29 6.77
CA GLU A 16 -6.98 -0.77 7.78
C GLU A 16 -6.62 -2.20 8.18
N ASN A 17 -5.77 -2.35 9.17
CA ASN A 17 -5.39 -3.66 9.65
C ASN A 17 -6.46 -4.23 10.56
N LEU A 18 -6.97 -5.41 10.20
CA LEU A 18 -8.09 -6.01 10.89
C LEU A 18 -7.71 -6.43 12.32
N ASN A 19 -6.44 -6.76 12.52
CA ASN A 19 -5.96 -7.12 13.85
C ASN A 19 -4.66 -6.39 14.15
N GLY A 20 -4.80 -5.20 14.72
CA GLY A 20 -3.65 -4.40 15.05
C GLY A 20 -4.00 -2.93 15.14
N SER A 21 -3.21 -2.09 14.50
CA SER A 21 -3.43 -0.65 14.54
C SER A 21 -3.60 -0.12 13.12
N SER A 22 -4.59 0.75 12.94
CA SER A 22 -4.78 1.42 11.66
C SER A 22 -3.72 2.49 11.48
N PHE A 23 -2.73 2.21 10.64
CA PHE A 23 -1.57 3.09 10.52
C PHE A 23 -1.60 3.85 9.20
N GLU A 24 -1.26 5.12 9.26
CA GLU A 24 -1.16 5.95 8.07
C GLU A 24 0.26 5.86 7.53
N LEU A 25 0.44 4.99 6.53
CA LEU A 25 1.78 4.64 6.08
C LEU A 25 2.22 5.56 4.93
N GLU A 26 3.51 5.84 4.91
CA GLU A 26 4.09 6.71 3.89
C GLU A 26 4.57 5.89 2.70
N VAL A 27 3.96 6.13 1.55
CA VAL A 27 4.30 5.40 0.35
C VAL A 27 4.69 6.38 -0.75
N ASP A 28 5.37 5.88 -1.77
CA ASP A 28 5.73 6.70 -2.91
C ASP A 28 5.06 6.15 -4.16
N TYR A 29 4.87 6.99 -5.16
CA TYR A 29 4.29 6.56 -6.42
C TYR A 29 5.28 5.65 -7.14
N ARG A 30 6.55 5.85 -6.84
CA ARG A 30 7.63 5.08 -7.45
C ARG A 30 7.85 3.78 -6.67
N ASP A 31 7.13 3.62 -5.55
CA ASP A 31 7.26 2.42 -4.73
C ASP A 31 6.61 1.23 -5.40
N THR A 32 7.21 0.07 -5.21
CA THR A 32 6.68 -1.18 -5.72
C THR A 32 5.75 -1.81 -4.68
N LEU A 33 4.80 -2.63 -5.13
CA LEU A 33 3.87 -3.28 -4.22
C LEU A 33 4.61 -4.20 -3.25
N LEU A 34 5.66 -4.85 -3.73
CA LEU A 34 6.50 -5.69 -2.88
C LEU A 34 7.21 -4.86 -1.81
N VAL A 35 7.43 -3.58 -2.12
CA VAL A 35 8.12 -2.68 -1.20
C VAL A 35 7.19 -2.28 -0.06
N VAL A 36 5.95 -1.93 -0.40
CA VAL A 36 4.98 -1.51 0.61
C VAL A 36 4.61 -2.69 1.52
N LYS A 37 4.66 -3.90 0.97
CA LYS A 37 4.47 -5.11 1.77
C LYS A 37 5.47 -5.15 2.91
N GLN A 38 6.73 -4.86 2.60
CA GLN A 38 7.80 -4.87 3.58
C GLN A 38 7.60 -3.77 4.62
N LYS A 39 7.08 -2.63 4.17
CA LYS A 39 6.79 -1.52 5.06
C LYS A 39 5.74 -1.90 6.11
N ILE A 40 4.63 -2.47 5.64
CA ILE A 40 3.56 -2.89 6.53
C ILE A 40 4.02 -4.06 7.40
N GLU A 41 4.90 -4.89 6.82
CA GLU A 41 5.46 -6.03 7.53
C GLU A 41 6.30 -5.56 8.72
N ARG A 42 6.83 -4.35 8.61
CA ARG A 42 7.61 -3.75 9.69
C ARG A 42 6.66 -3.15 10.74
N SER A 43 5.64 -2.46 10.28
CA SER A 43 4.73 -1.74 11.16
C SER A 43 3.80 -2.68 11.94
N GLN A 44 3.19 -3.62 11.23
CA GLN A 44 2.20 -4.51 11.86
C GLN A 44 2.81 -5.87 12.17
N HIS A 45 3.99 -6.12 11.59
CA HIS A 45 4.70 -7.40 11.75
C HIS A 45 3.98 -8.56 11.09
N ILE A 46 3.08 -8.25 10.15
CA ILE A 46 2.42 -9.29 9.38
C ILE A 46 3.16 -9.50 8.06
N PRO A 47 3.68 -10.73 7.86
CA PRO A 47 4.49 -11.07 6.69
C PRO A 47 3.76 -10.87 5.36
N VAL A 48 4.52 -10.72 4.29
CA VAL A 48 3.98 -10.53 2.94
C VAL A 48 2.92 -11.58 2.60
N SER A 49 3.19 -12.84 2.98
CA SER A 49 2.29 -13.95 2.68
C SER A 49 0.96 -13.81 3.44
N LYS A 50 1.01 -13.18 4.61
CA LYS A 50 -0.18 -13.02 5.43
C LYS A 50 -0.77 -11.64 5.26
N GLN A 51 -0.18 -10.87 4.36
CA GLN A 51 -0.58 -9.49 4.15
C GLN A 51 -1.52 -9.39 2.96
N THR A 52 -2.80 -9.57 3.21
CA THR A 52 -3.79 -9.52 2.16
C THR A 52 -4.23 -8.08 1.88
N LEU A 53 -3.70 -7.51 0.80
CA LEU A 53 -4.08 -6.17 0.39
C LEU A 53 -5.43 -6.19 -0.31
N ILE A 54 -6.48 -5.90 0.43
CA ILE A 54 -7.81 -5.84 -0.14
C ILE A 54 -8.13 -4.42 -0.59
N VAL A 55 -7.93 -4.16 -1.87
CA VAL A 55 -8.24 -2.87 -2.44
C VAL A 55 -9.69 -2.86 -2.94
N ASP A 56 -10.56 -2.25 -2.13
CA ASP A 56 -12.00 -2.22 -2.39
C ASP A 56 -12.62 -3.61 -2.19
N GLY A 57 -12.30 -4.52 -3.10
CA GLY A 57 -12.77 -5.89 -2.98
C GLY A 57 -11.93 -6.82 -3.82
N ILE A 58 -10.70 -6.39 -4.12
CA ILE A 58 -9.79 -7.15 -4.97
C ILE A 58 -8.45 -7.35 -4.25
N VAL A 59 -7.87 -8.51 -4.41
CA VAL A 59 -6.54 -8.78 -3.88
C VAL A 59 -5.51 -8.80 -5.00
N ILE A 60 -4.46 -7.99 -4.85
CA ILE A 60 -3.42 -7.90 -5.85
C ILE A 60 -2.30 -8.90 -5.54
N LEU A 61 -1.99 -9.75 -6.52
CA LEU A 61 -0.96 -10.76 -6.35
C LEU A 61 0.29 -10.43 -7.16
N ARG A 62 0.32 -9.26 -7.77
CA ARG A 62 1.47 -8.83 -8.54
C ARG A 62 2.34 -7.87 -7.74
N GLU A 63 3.28 -8.44 -7.01
CA GLU A 63 4.17 -7.67 -6.13
C GLU A 63 5.14 -6.81 -6.94
N ASP A 64 5.33 -7.18 -8.20
CA ASP A 64 6.36 -6.58 -9.04
C ASP A 64 5.92 -5.23 -9.61
N LEU A 65 4.64 -4.93 -9.53
CA LEU A 65 4.10 -3.71 -10.12
C LEU A 65 4.32 -2.50 -9.21
N THR A 66 4.64 -1.37 -9.82
CA THR A 66 4.82 -0.11 -9.12
C THR A 66 3.46 0.55 -8.84
N VAL A 67 3.35 1.29 -7.76
CA VAL A 67 2.11 2.00 -7.42
C VAL A 67 1.64 2.89 -8.58
N GLU A 68 2.58 3.61 -9.18
CA GLU A 68 2.29 4.46 -10.33
C GLU A 68 1.78 3.62 -11.51
N GLN A 69 2.33 2.41 -11.64
CA GLN A 69 1.97 1.52 -12.73
C GLN A 69 0.55 0.97 -12.55
N CYS A 70 0.21 0.63 -11.32
CA CYS A 70 -1.12 0.13 -11.01
C CYS A 70 -2.14 1.26 -11.00
N GLN A 71 -1.65 2.50 -10.99
CA GLN A 71 -2.49 3.69 -10.93
C GLN A 71 -3.41 3.62 -9.73
N ILE A 72 -2.81 3.59 -8.55
CA ILE A 72 -3.56 3.54 -7.31
C ILE A 72 -4.20 4.90 -7.02
N VAL A 73 -5.52 4.90 -6.93
CA VAL A 73 -6.27 6.12 -6.69
C VAL A 73 -6.74 6.20 -5.24
N PRO A 74 -6.78 7.42 -4.67
CA PRO A 74 -7.24 7.62 -3.29
C PRO A 74 -8.73 7.31 -3.13
N THR A 75 -9.44 7.26 -4.24
CA THR A 75 -10.86 6.97 -4.25
C THR A 75 -11.12 5.48 -4.13
N SER A 76 -10.50 4.87 -3.12
CA SER A 76 -10.64 3.45 -2.86
C SER A 76 -10.45 3.19 -1.37
N ASP A 77 -10.38 1.92 -0.99
CA ASP A 77 -10.27 1.54 0.41
C ASP A 77 -9.43 0.27 0.54
N ILE A 78 -8.31 0.36 1.23
CA ILE A 78 -7.40 -0.77 1.38
C ILE A 78 -7.47 -1.33 2.80
N GLN A 79 -8.03 -2.51 2.92
CA GLN A 79 -8.12 -3.19 4.20
C GLN A 79 -7.17 -4.38 4.23
N LEU A 80 -6.53 -4.60 5.36
CA LEU A 80 -5.59 -5.70 5.51
C LEU A 80 -6.25 -6.90 6.18
N GLU A 81 -6.47 -7.95 5.42
CA GLU A 81 -6.95 -9.20 5.98
C GLU A 81 -5.75 -10.00 6.46
N VAL A 82 -5.61 -10.12 7.76
CA VAL A 82 -4.43 -10.74 8.35
C VAL A 82 -4.64 -12.24 8.56
N SER A 83 -3.87 -13.03 7.83
CA SER A 83 -3.85 -14.47 8.01
C SER A 83 -3.01 -14.82 9.22
N SER A 84 -3.52 -15.69 10.07
CA SER A 84 -2.79 -16.10 11.26
C SER A 84 -2.13 -17.45 11.04
N MET A 1 0.01 30.07 -17.00
CA MET A 1 0.58 28.84 -17.58
C MET A 1 -0.08 27.62 -16.95
N GLY A 2 0.16 26.46 -17.52
CA GLY A 2 -0.45 25.24 -17.00
C GLY A 2 0.44 24.03 -17.17
N HIS A 3 -0.10 22.88 -16.81
CA HIS A 3 0.61 21.61 -16.93
C HIS A 3 -0.41 20.48 -16.87
N HIS A 4 -0.62 19.83 -18.01
CA HIS A 4 -1.70 18.86 -18.16
C HIS A 4 -1.63 17.74 -17.12
N HIS A 5 -0.57 16.97 -17.13
CA HIS A 5 -0.49 15.83 -16.25
C HIS A 5 0.14 16.20 -14.92
N HIS A 6 -0.61 16.01 -13.85
CA HIS A 6 -0.11 16.27 -12.50
C HIS A 6 0.39 14.98 -11.89
N HIS A 7 1.40 15.08 -11.04
CA HIS A 7 1.93 13.91 -10.37
C HIS A 7 2.26 14.23 -8.92
N HIS A 8 1.86 13.35 -8.03
CA HIS A 8 2.17 13.49 -6.62
C HIS A 8 3.22 12.48 -6.21
N SER A 9 3.83 12.69 -5.07
CA SER A 9 4.78 11.73 -4.53
C SER A 9 4.59 11.58 -3.04
N HIS A 10 4.95 10.42 -2.51
CA HIS A 10 4.75 10.08 -1.10
C HIS A 10 3.30 10.28 -0.67
N MET A 11 2.49 9.25 -0.91
CA MET A 11 1.09 9.28 -0.54
C MET A 11 0.86 8.52 0.75
N LYS A 12 0.33 9.20 1.75
CA LYS A 12 -0.06 8.54 2.98
C LYS A 12 -1.46 7.96 2.82
N PHE A 13 -1.56 6.74 2.35
CA PHE A 13 -2.86 6.10 2.21
C PHE A 13 -3.24 5.43 3.52
N LEU A 14 -4.49 5.62 3.92
CA LEU A 14 -4.95 5.10 5.19
C LEU A 14 -5.03 3.58 5.17
N VAL A 15 -4.04 2.94 5.73
CA VAL A 15 -4.00 1.49 5.82
C VAL A 15 -4.82 1.04 7.01
N GLU A 16 -6.08 0.76 6.79
CA GLU A 16 -6.93 0.26 7.86
C GLU A 16 -6.91 -1.25 7.89
N ASN A 17 -6.08 -1.79 8.76
CA ASN A 17 -6.00 -3.23 8.95
C ASN A 17 -7.09 -3.66 9.91
N LEU A 18 -7.98 -4.52 9.43
CA LEU A 18 -9.12 -4.98 10.23
C LEU A 18 -8.64 -5.77 11.45
N ASN A 19 -7.43 -6.30 11.37
CA ASN A 19 -6.86 -7.08 12.45
C ASN A 19 -5.53 -6.47 12.89
N GLY A 20 -5.40 -5.16 12.71
CA GLY A 20 -4.18 -4.48 13.07
C GLY A 20 -4.42 -3.05 13.51
N SER A 21 -3.80 -2.10 12.82
CA SER A 21 -3.94 -0.70 13.18
C SER A 21 -4.11 0.15 11.91
N SER A 22 -4.95 1.16 12.00
CA SER A 22 -5.12 2.12 10.92
C SER A 22 -3.93 3.09 10.90
N PHE A 23 -3.04 2.89 9.95
CA PHE A 23 -1.82 3.68 9.89
C PHE A 23 -1.67 4.36 8.54
N GLU A 24 -1.09 5.55 8.53
CA GLU A 24 -0.85 6.27 7.29
C GLU A 24 0.47 5.83 6.68
N LEU A 25 0.44 4.86 5.80
CA LEU A 25 1.66 4.38 5.18
C LEU A 25 2.08 5.34 4.08
N GLU A 26 3.22 5.97 4.25
CA GLU A 26 3.73 6.91 3.28
C GLU A 26 4.49 6.18 2.20
N VAL A 27 3.79 5.80 1.14
CA VAL A 27 4.39 5.07 0.06
C VAL A 27 4.48 5.96 -1.17
N ASP A 28 5.49 5.74 -2.01
CA ASP A 28 5.64 6.54 -3.20
C ASP A 28 5.26 5.73 -4.44
N TYR A 29 4.92 6.41 -5.52
CA TYR A 29 4.57 5.74 -6.76
C TYR A 29 5.79 5.03 -7.34
N ARG A 30 6.95 5.43 -6.85
CA ARG A 30 8.22 4.84 -7.22
C ARG A 30 8.35 3.42 -6.68
N ASP A 31 7.66 3.15 -5.58
CA ASP A 31 7.78 1.87 -4.89
C ASP A 31 7.04 0.75 -5.61
N THR A 32 7.50 -0.46 -5.39
CA THR A 32 6.87 -1.64 -5.93
C THR A 32 6.06 -2.33 -4.83
N LEU A 33 5.02 -3.09 -5.21
CA LEU A 33 4.16 -3.74 -4.22
C LEU A 33 4.91 -4.79 -3.40
N LEU A 34 5.95 -5.37 -3.99
CA LEU A 34 6.82 -6.29 -3.27
C LEU A 34 7.62 -5.55 -2.19
N VAL A 35 7.86 -4.27 -2.45
CA VAL A 35 8.67 -3.46 -1.54
C VAL A 35 7.81 -2.91 -0.41
N VAL A 36 6.57 -2.53 -0.72
CA VAL A 36 5.68 -1.95 0.27
C VAL A 36 5.34 -2.97 1.36
N LYS A 37 5.36 -4.26 1.01
CA LYS A 37 5.12 -5.32 1.99
C LYS A 37 6.19 -5.31 3.08
N GLN A 38 7.41 -4.97 2.70
CA GLN A 38 8.51 -4.90 3.64
C GLN A 38 8.31 -3.73 4.60
N LYS A 39 7.60 -2.71 4.12
CA LYS A 39 7.29 -1.55 4.93
C LYS A 39 6.12 -1.87 5.87
N ILE A 40 5.15 -2.61 5.36
CA ILE A 40 3.99 -3.03 6.13
C ILE A 40 4.39 -3.98 7.25
N GLU A 41 5.42 -4.79 6.99
CA GLU A 41 5.93 -5.74 7.98
C GLU A 41 6.17 -5.06 9.33
N ARG A 42 6.92 -3.97 9.30
CA ARG A 42 7.34 -3.30 10.53
C ARG A 42 6.25 -2.38 11.06
N SER A 43 5.18 -2.23 10.28
CA SER A 43 4.07 -1.39 10.67
C SER A 43 2.95 -2.22 11.32
N GLN A 44 2.54 -3.28 10.63
CA GLN A 44 1.42 -4.09 11.10
C GLN A 44 1.91 -5.36 11.80
N HIS A 45 3.22 -5.59 11.74
CA HIS A 45 3.86 -6.72 12.44
C HIS A 45 3.38 -8.06 11.88
N ILE A 46 3.14 -8.10 10.58
CA ILE A 46 2.66 -9.32 9.93
C ILE A 46 3.62 -9.74 8.82
N PRO A 47 3.87 -11.05 8.70
CA PRO A 47 4.77 -11.62 7.68
C PRO A 47 4.30 -11.34 6.25
N VAL A 48 5.25 -11.29 5.33
CA VAL A 48 4.99 -10.93 3.93
C VAL A 48 3.90 -11.81 3.29
N SER A 49 3.96 -13.11 3.54
CA SER A 49 3.03 -14.04 2.92
C SER A 49 1.64 -13.94 3.54
N LYS A 50 1.56 -13.34 4.73
CA LYS A 50 0.30 -13.21 5.43
C LYS A 50 -0.33 -11.85 5.15
N GLN A 51 0.41 -11.00 4.45
CA GLN A 51 -0.08 -9.69 4.07
C GLN A 51 -0.93 -9.78 2.82
N THR A 52 -2.24 -9.85 2.99
CA THR A 52 -3.15 -9.89 1.87
C THR A 52 -3.56 -8.48 1.47
N LEU A 53 -2.99 -8.00 0.38
CA LEU A 53 -3.25 -6.64 -0.11
C LEU A 53 -4.59 -6.58 -0.83
N ILE A 54 -5.59 -6.02 -0.17
CA ILE A 54 -6.90 -5.86 -0.79
C ILE A 54 -7.11 -4.39 -1.15
N VAL A 55 -6.91 -4.09 -2.42
CA VAL A 55 -7.02 -2.72 -2.90
C VAL A 55 -8.35 -2.50 -3.61
N ASP A 56 -9.18 -1.64 -3.03
CA ASP A 56 -10.45 -1.24 -3.63
C ASP A 56 -11.41 -2.42 -3.71
N GLY A 57 -11.16 -3.43 -2.86
CA GLY A 57 -11.99 -4.60 -2.86
C GLY A 57 -11.43 -5.72 -3.73
N ILE A 58 -10.33 -5.43 -4.40
CA ILE A 58 -9.67 -6.41 -5.26
C ILE A 58 -8.35 -6.86 -4.63
N VAL A 59 -8.25 -8.14 -4.32
CA VAL A 59 -7.02 -8.70 -3.78
C VAL A 59 -5.90 -8.65 -4.83
N ILE A 60 -4.85 -7.92 -4.51
CA ILE A 60 -3.73 -7.76 -5.43
C ILE A 60 -2.58 -8.68 -5.04
N LEU A 61 -2.42 -9.76 -5.77
CA LEU A 61 -1.36 -10.72 -5.50
C LEU A 61 -0.17 -10.47 -6.43
N ARG A 62 -0.23 -9.37 -7.16
CA ARG A 62 0.84 -9.01 -8.09
C ARG A 62 1.81 -8.05 -7.42
N GLU A 63 2.85 -8.60 -6.80
CA GLU A 63 3.83 -7.80 -6.08
C GLU A 63 4.82 -7.15 -7.06
N ASP A 64 4.75 -7.58 -8.31
CA ASP A 64 5.66 -7.09 -9.34
C ASP A 64 5.22 -5.73 -9.87
N LEU A 65 3.99 -5.33 -9.54
CA LEU A 65 3.45 -4.06 -9.99
C LEU A 65 3.90 -2.94 -9.07
N THR A 66 4.03 -1.74 -9.63
CA THR A 66 4.42 -0.58 -8.84
C THR A 66 3.19 0.13 -8.30
N VAL A 67 3.42 1.07 -7.39
CA VAL A 67 2.36 1.89 -6.84
C VAL A 67 1.77 2.80 -7.94
N GLU A 68 2.60 3.18 -8.90
CA GLU A 68 2.16 3.99 -10.02
C GLU A 68 1.25 3.18 -10.95
N GLN A 69 1.64 1.94 -11.22
CA GLN A 69 0.84 1.05 -12.07
C GLN A 69 -0.58 0.90 -11.53
N CYS A 70 -0.71 0.90 -10.22
CA CYS A 70 -2.00 0.70 -9.57
C CYS A 70 -2.72 2.03 -9.36
N GLN A 71 -1.98 3.13 -9.52
CA GLN A 71 -2.51 4.48 -9.25
C GLN A 71 -3.06 4.56 -7.82
N ILE A 72 -2.26 4.10 -6.87
CA ILE A 72 -2.69 4.07 -5.47
C ILE A 72 -2.86 5.47 -4.91
N VAL A 73 -4.09 5.75 -4.47
CA VAL A 73 -4.41 7.02 -3.86
C VAL A 73 -5.02 6.79 -2.48
N PRO A 74 -4.83 7.74 -1.54
CA PRO A 74 -5.31 7.60 -0.17
C PRO A 74 -6.84 7.59 -0.07
N THR A 75 -7.50 7.93 -1.17
CA THR A 75 -8.95 7.96 -1.21
C THR A 75 -9.54 6.62 -1.62
N SER A 76 -8.69 5.69 -2.02
CA SER A 76 -9.13 4.37 -2.42
C SER A 76 -9.32 3.49 -1.19
N ASP A 77 -10.36 2.65 -1.21
CA ASP A 77 -10.65 1.79 -0.06
C ASP A 77 -9.71 0.60 -0.03
N ILE A 78 -8.63 0.74 0.73
CA ILE A 78 -7.64 -0.32 0.83
C ILE A 78 -7.64 -0.90 2.24
N GLN A 79 -7.58 -2.22 2.32
CA GLN A 79 -7.56 -2.90 3.60
C GLN A 79 -6.59 -4.08 3.57
N LEU A 80 -6.18 -4.53 4.74
CA LEU A 80 -5.26 -5.66 4.85
C LEU A 80 -5.93 -6.82 5.55
N GLU A 81 -5.91 -7.98 4.92
CA GLU A 81 -6.41 -9.19 5.53
C GLU A 81 -5.25 -10.02 6.06
N VAL A 82 -5.21 -10.21 7.37
CA VAL A 82 -4.14 -10.97 8.00
C VAL A 82 -4.42 -12.46 7.90
N SER A 83 -3.73 -13.13 7.00
CA SER A 83 -3.88 -14.56 6.82
C SER A 83 -3.16 -15.31 7.94
N SER A 84 -3.93 -15.82 8.89
CA SER A 84 -3.36 -16.57 9.99
C SER A 84 -3.05 -17.99 9.55
N MET A 1 -11.43 26.66 -8.94
CA MET A 1 -11.41 25.66 -7.84
C MET A 1 -10.00 25.51 -7.29
N GLY A 2 -9.05 25.21 -8.16
CA GLY A 2 -7.67 25.07 -7.74
C GLY A 2 -6.92 24.08 -8.60
N HIS A 3 -5.74 24.48 -9.06
CA HIS A 3 -4.90 23.61 -9.86
C HIS A 3 -4.18 22.60 -8.98
N HIS A 4 -4.81 21.45 -8.79
CA HIS A 4 -4.26 20.39 -7.96
C HIS A 4 -3.32 19.51 -8.80
N HIS A 5 -2.08 19.42 -8.34
CA HIS A 5 -1.05 18.72 -9.10
C HIS A 5 -0.75 17.34 -8.52
N HIS A 6 -0.66 16.36 -9.40
CA HIS A 6 -0.17 15.03 -9.04
C HIS A 6 1.35 14.97 -9.22
N HIS A 7 1.94 16.13 -9.48
CA HIS A 7 3.34 16.22 -9.82
C HIS A 7 4.24 16.27 -8.57
N HIS A 8 4.36 15.12 -7.93
CA HIS A 8 5.29 14.92 -6.81
C HIS A 8 5.10 13.51 -6.26
N SER A 9 6.19 12.80 -6.05
CA SER A 9 6.12 11.42 -5.59
C SER A 9 6.34 11.32 -4.08
N HIS A 10 5.23 11.14 -3.35
CA HIS A 10 5.26 10.94 -1.90
C HIS A 10 3.83 10.85 -1.37
N MET A 11 3.41 9.66 -1.00
CA MET A 11 2.03 9.42 -0.60
C MET A 11 1.95 8.90 0.82
N LYS A 12 0.74 8.95 1.38
CA LYS A 12 0.41 8.29 2.63
C LYS A 12 -0.94 7.62 2.49
N PHE A 13 -0.95 6.32 2.23
CA PHE A 13 -2.20 5.61 2.06
C PHE A 13 -2.62 4.96 3.36
N LEU A 14 -3.88 5.15 3.72
CA LEU A 14 -4.41 4.64 4.99
C LEU A 14 -4.47 3.12 4.97
N VAL A 15 -3.54 2.49 5.68
CA VAL A 15 -3.51 1.06 5.81
C VAL A 15 -4.38 0.63 6.99
N GLU A 16 -5.50 0.01 6.70
CA GLU A 16 -6.40 -0.45 7.73
C GLU A 16 -6.34 -1.96 7.87
N ASN A 17 -6.32 -2.43 9.11
CA ASN A 17 -6.16 -3.85 9.39
C ASN A 17 -7.26 -4.31 10.35
N LEU A 18 -7.75 -5.52 10.16
CA LEU A 18 -8.76 -6.08 11.05
C LEU A 18 -8.11 -6.48 12.37
N ASN A 19 -6.86 -6.89 12.31
CA ASN A 19 -6.09 -7.21 13.49
C ASN A 19 -4.77 -6.44 13.47
N GLY A 20 -4.84 -5.16 13.84
CA GLY A 20 -3.67 -4.32 13.81
C GLY A 20 -4.02 -2.89 14.16
N SER A 21 -3.70 -1.97 13.26
CA SER A 21 -4.01 -0.56 13.48
C SER A 21 -4.11 0.18 12.15
N SER A 22 -4.95 1.21 12.10
CA SER A 22 -5.09 2.03 10.90
C SER A 22 -4.01 3.10 10.87
N PHE A 23 -3.20 3.10 9.82
CA PHE A 23 -2.08 4.03 9.73
C PHE A 23 -1.82 4.42 8.27
N GLU A 24 -1.70 5.72 8.01
CA GLU A 24 -1.34 6.19 6.68
C GLU A 24 0.16 5.99 6.46
N LEU A 25 0.49 4.96 5.70
CA LEU A 25 1.89 4.61 5.48
C LEU A 25 2.46 5.43 4.33
N GLU A 26 3.63 6.00 4.57
CA GLU A 26 4.30 6.82 3.56
C GLU A 26 5.03 5.94 2.55
N VAL A 27 4.71 6.14 1.29
CA VAL A 27 5.31 5.38 0.21
C VAL A 27 5.55 6.30 -0.99
N ASP A 28 6.47 5.92 -1.87
CA ASP A 28 6.72 6.68 -3.08
C ASP A 28 6.10 5.96 -4.27
N TYR A 29 5.77 6.71 -5.31
CA TYR A 29 5.21 6.13 -6.53
C TYR A 29 6.18 5.15 -7.17
N ARG A 30 7.46 5.33 -6.89
CA ARG A 30 8.52 4.54 -7.50
C ARG A 30 8.67 3.17 -6.82
N ASP A 31 7.97 2.96 -5.71
CA ASP A 31 8.05 1.70 -4.98
C ASP A 31 7.11 0.66 -5.58
N THR A 32 7.50 -0.59 -5.50
CA THR A 32 6.67 -1.68 -6.00
C THR A 32 5.77 -2.19 -4.89
N LEU A 33 4.78 -3.00 -5.26
CA LEU A 33 3.86 -3.56 -4.29
C LEU A 33 4.55 -4.63 -3.43
N LEU A 34 5.77 -4.98 -3.81
CA LEU A 34 6.59 -5.88 -3.00
C LEU A 34 7.33 -5.07 -1.93
N VAL A 35 8.00 -4.02 -2.36
CA VAL A 35 8.79 -3.17 -1.47
C VAL A 35 7.90 -2.54 -0.39
N VAL A 36 6.70 -2.13 -0.78
CA VAL A 36 5.78 -1.48 0.16
C VAL A 36 5.33 -2.44 1.26
N LYS A 37 5.23 -3.73 0.94
CA LYS A 37 4.79 -4.71 1.92
C LYS A 37 5.85 -4.97 2.98
N GLN A 38 7.11 -4.66 2.66
CA GLN A 38 8.17 -4.73 3.66
C GLN A 38 8.00 -3.61 4.68
N LYS A 39 7.50 -2.48 4.21
CA LYS A 39 7.24 -1.33 5.07
C LYS A 39 6.03 -1.61 5.95
N ILE A 40 5.00 -2.20 5.35
CA ILE A 40 3.78 -2.53 6.07
C ILE A 40 4.04 -3.66 7.08
N GLU A 41 4.95 -4.57 6.71
CA GLU A 41 5.32 -5.69 7.57
C GLU A 41 5.76 -5.18 8.95
N ARG A 42 6.63 -4.18 8.95
CA ARG A 42 7.14 -3.61 10.19
C ARG A 42 6.05 -2.80 10.90
N SER A 43 5.18 -2.17 10.12
CA SER A 43 4.17 -1.28 10.66
C SER A 43 3.06 -2.06 11.37
N GLN A 44 2.54 -3.09 10.70
CA GLN A 44 1.47 -3.92 11.26
C GLN A 44 2.05 -5.05 12.10
N HIS A 45 3.35 -5.27 11.95
CA HIS A 45 4.06 -6.33 12.67
C HIS A 45 3.56 -7.71 12.25
N ILE A 46 3.24 -7.84 10.98
CA ILE A 46 2.82 -9.11 10.42
C ILE A 46 3.67 -9.44 9.19
N PRO A 47 4.17 -10.69 9.11
CA PRO A 47 5.03 -11.12 8.00
C PRO A 47 4.36 -10.97 6.63
N VAL A 48 5.18 -10.82 5.60
CA VAL A 48 4.69 -10.64 4.23
C VAL A 48 3.89 -11.88 3.77
N SER A 49 4.23 -13.03 4.34
CA SER A 49 3.56 -14.28 4.02
C SER A 49 2.19 -14.38 4.70
N LYS A 50 1.90 -13.39 5.55
CA LYS A 50 0.65 -13.38 6.30
C LYS A 50 -0.17 -12.15 5.90
N GLN A 51 0.33 -11.42 4.91
CA GLN A 51 -0.34 -10.21 4.43
C GLN A 51 -1.13 -10.49 3.17
N THR A 52 -2.15 -9.69 2.93
CA THR A 52 -2.95 -9.78 1.72
C THR A 52 -3.53 -8.41 1.36
N LEU A 53 -3.10 -7.87 0.23
CA LEU A 53 -3.55 -6.56 -0.21
C LEU A 53 -4.93 -6.66 -0.87
N ILE A 54 -5.92 -6.02 -0.27
CA ILE A 54 -7.26 -5.98 -0.83
C ILE A 54 -7.71 -4.54 -1.01
N VAL A 55 -8.08 -4.19 -2.23
CA VAL A 55 -8.58 -2.86 -2.53
C VAL A 55 -10.03 -2.94 -2.98
N ASP A 56 -10.92 -2.39 -2.15
CA ASP A 56 -12.37 -2.41 -2.39
C ASP A 56 -12.92 -3.83 -2.34
N GLY A 57 -12.70 -4.58 -3.41
CA GLY A 57 -13.11 -5.96 -3.46
C GLY A 57 -12.17 -6.80 -4.30
N ILE A 58 -11.07 -6.19 -4.71
CA ILE A 58 -10.10 -6.86 -5.58
C ILE A 58 -8.83 -7.17 -4.81
N VAL A 59 -8.36 -8.41 -4.92
CA VAL A 59 -7.14 -8.81 -4.25
C VAL A 59 -5.93 -8.51 -5.14
N ILE A 60 -4.88 -7.97 -4.54
CA ILE A 60 -3.69 -7.62 -5.27
C ILE A 60 -2.57 -8.62 -4.98
N LEU A 61 -2.19 -9.38 -5.99
CA LEU A 61 -1.15 -10.38 -5.86
C LEU A 61 0.00 -10.09 -6.82
N ARG A 62 -0.09 -8.97 -7.52
CA ARG A 62 0.91 -8.60 -8.50
C ARG A 62 2.07 -7.85 -7.86
N GLU A 63 3.16 -8.57 -7.61
CA GLU A 63 4.37 -7.96 -7.09
C GLU A 63 5.05 -7.19 -8.20
N ASP A 64 4.59 -7.45 -9.42
CA ASP A 64 5.13 -6.83 -10.62
C ASP A 64 4.75 -5.35 -10.72
N LEU A 65 3.67 -4.97 -10.04
CA LEU A 65 3.13 -3.63 -10.18
C LEU A 65 3.84 -2.63 -9.28
N THR A 66 4.13 -1.47 -9.86
CA THR A 66 4.65 -0.33 -9.11
C THR A 66 3.48 0.54 -8.65
N VAL A 67 3.64 1.19 -7.50
CA VAL A 67 2.58 2.05 -6.94
C VAL A 67 2.10 3.07 -7.97
N GLU A 68 3.04 3.67 -8.68
CA GLU A 68 2.75 4.65 -9.72
C GLU A 68 1.83 4.05 -10.79
N GLN A 69 2.18 2.88 -11.27
CA GLN A 69 1.44 2.22 -12.34
C GLN A 69 0.07 1.73 -11.86
N CYS A 70 -0.02 1.41 -10.58
CA CYS A 70 -1.27 0.91 -10.01
C CYS A 70 -2.24 2.04 -9.76
N GLN A 71 -1.71 3.24 -9.49
CA GLN A 71 -2.53 4.41 -9.16
C GLN A 71 -3.37 4.12 -7.93
N ILE A 72 -2.71 3.96 -6.78
CA ILE A 72 -3.40 3.68 -5.54
C ILE A 72 -4.08 4.93 -5.01
N VAL A 73 -5.34 5.10 -5.35
CA VAL A 73 -6.10 6.25 -4.88
C VAL A 73 -6.57 6.05 -3.44
N PRO A 74 -6.33 7.03 -2.57
CA PRO A 74 -6.66 6.94 -1.14
C PRO A 74 -8.18 7.01 -0.90
N THR A 75 -8.94 7.11 -1.97
CA THR A 75 -10.39 7.17 -1.87
C THR A 75 -11.00 5.77 -1.93
N SER A 76 -10.16 4.76 -2.13
CA SER A 76 -10.63 3.39 -2.23
C SER A 76 -10.62 2.73 -0.85
N ASP A 77 -11.23 1.56 -0.75
CA ASP A 77 -11.25 0.82 0.50
C ASP A 77 -9.99 -0.03 0.62
N ILE A 78 -9.01 0.50 1.33
CA ILE A 78 -7.76 -0.21 1.55
C ILE A 78 -7.86 -1.05 2.82
N GLN A 79 -7.91 -2.36 2.65
CA GLN A 79 -8.03 -3.26 3.77
C GLN A 79 -7.02 -4.40 3.67
N LEU A 80 -6.34 -4.67 4.77
CA LEU A 80 -5.43 -5.80 4.82
C LEU A 80 -6.10 -7.00 5.49
N GLU A 81 -6.00 -8.15 4.85
CA GLU A 81 -6.40 -9.37 5.50
C GLU A 81 -5.15 -10.07 6.04
N VAL A 82 -4.99 -10.03 7.33
CA VAL A 82 -3.93 -10.80 7.97
C VAL A 82 -4.34 -12.27 7.96
N SER A 83 -3.59 -13.06 7.20
CA SER A 83 -3.92 -14.45 6.95
C SER A 83 -4.14 -15.20 8.27
N SER A 84 -5.38 -15.61 8.49
CA SER A 84 -5.74 -16.31 9.71
C SER A 84 -5.18 -17.73 9.71
N MET A 1 14.86 21.70 -21.00
CA MET A 1 14.60 23.07 -20.52
C MET A 1 14.68 23.12 -19.00
N GLY A 2 13.80 22.39 -18.34
CA GLY A 2 13.78 22.36 -16.90
C GLY A 2 12.69 21.45 -16.37
N HIS A 3 13.03 20.62 -15.38
CA HIS A 3 12.07 19.70 -14.81
C HIS A 3 10.99 20.45 -14.04
N HIS A 4 9.76 20.01 -14.21
CA HIS A 4 8.64 20.60 -13.50
C HIS A 4 7.92 19.54 -12.70
N HIS A 5 8.06 19.61 -11.38
CA HIS A 5 7.38 18.66 -10.50
C HIS A 5 5.92 19.08 -10.33
N HIS A 6 5.12 18.81 -11.36
CA HIS A 6 3.74 19.27 -11.41
C HIS A 6 2.83 18.36 -10.61
N HIS A 7 3.21 17.08 -10.50
CA HIS A 7 2.43 16.16 -9.69
C HIS A 7 3.29 15.66 -8.52
N HIS A 8 2.74 15.77 -7.32
CA HIS A 8 3.46 15.33 -6.13
C HIS A 8 3.64 13.81 -6.16
N SER A 9 4.85 13.37 -5.85
CA SER A 9 5.21 11.97 -5.97
C SER A 9 4.99 11.23 -4.66
N HIS A 10 4.95 11.97 -3.57
CA HIS A 10 4.72 11.36 -2.26
C HIS A 10 3.24 11.44 -1.89
N MET A 11 2.67 10.30 -1.51
CA MET A 11 1.28 10.23 -1.11
C MET A 11 1.13 9.34 0.12
N LYS A 12 0.20 9.68 1.00
CA LYS A 12 -0.09 8.84 2.14
C LYS A 12 -1.40 8.09 1.92
N PHE A 13 -1.40 6.81 2.26
CA PHE A 13 -2.63 6.03 2.27
C PHE A 13 -2.76 5.36 3.64
N LEU A 14 -3.98 5.26 4.13
CA LEU A 14 -4.20 4.71 5.45
C LEU A 14 -4.30 3.19 5.38
N VAL A 15 -3.31 2.52 5.93
CA VAL A 15 -3.30 1.07 5.99
C VAL A 15 -4.27 0.60 7.06
N GLU A 16 -5.50 0.32 6.66
CA GLU A 16 -6.53 -0.10 7.59
C GLU A 16 -6.41 -1.61 7.84
N ASN A 17 -5.66 -1.97 8.87
CA ASN A 17 -5.47 -3.36 9.21
C ASN A 17 -6.62 -3.85 10.08
N LEU A 18 -7.23 -4.95 9.66
CA LEU A 18 -8.42 -5.47 10.34
C LEU A 18 -8.10 -5.88 11.77
N ASN A 19 -6.90 -6.39 12.00
CA ASN A 19 -6.45 -6.77 13.33
C ASN A 19 -5.11 -6.13 13.64
N GLY A 20 -5.15 -4.87 14.01
CA GLY A 20 -3.95 -4.12 14.29
C GLY A 20 -4.18 -2.64 14.19
N SER A 21 -3.12 -1.85 14.36
CA SER A 21 -3.26 -0.40 14.33
C SER A 21 -3.22 0.13 12.90
N SER A 22 -4.11 1.09 12.61
CA SER A 22 -4.13 1.74 11.30
C SER A 22 -2.85 2.54 11.12
N PHE A 23 -2.09 2.21 10.09
CA PHE A 23 -0.79 2.82 9.88
C PHE A 23 -0.80 3.79 8.71
N GLU A 24 -0.31 4.99 8.96
CA GLU A 24 -0.12 5.97 7.89
C GLU A 24 1.16 5.66 7.15
N LEU A 25 1.04 5.12 5.95
CA LEU A 25 2.20 4.76 5.18
C LEU A 25 2.36 5.71 4.01
N GLU A 26 3.47 6.43 3.98
CA GLU A 26 3.77 7.35 2.90
C GLU A 26 4.52 6.62 1.80
N VAL A 27 3.95 6.59 0.62
CA VAL A 27 4.57 5.93 -0.51
C VAL A 27 4.84 6.93 -1.63
N ASP A 28 5.94 6.70 -2.33
CA ASP A 28 6.23 7.45 -3.53
C ASP A 28 5.80 6.60 -4.73
N TYR A 29 5.51 7.24 -5.85
CA TYR A 29 5.06 6.54 -7.05
C TYR A 29 6.07 5.47 -7.49
N ARG A 30 7.33 5.65 -7.10
CA ARG A 30 8.39 4.73 -7.51
C ARG A 30 8.41 3.47 -6.62
N ASP A 31 7.65 3.47 -5.53
CA ASP A 31 7.62 2.32 -4.64
C ASP A 31 6.74 1.24 -5.26
N THR A 32 6.89 0.02 -4.80
CA THR A 32 6.16 -1.09 -5.35
C THR A 32 5.50 -1.89 -4.24
N LEU A 33 4.43 -2.61 -4.59
CA LEU A 33 3.67 -3.37 -3.62
C LEU A 33 4.54 -4.39 -2.91
N LEU A 34 5.61 -4.83 -3.57
CA LEU A 34 6.58 -5.73 -2.98
C LEU A 34 7.28 -5.05 -1.79
N VAL A 35 7.76 -3.83 -2.01
CA VAL A 35 8.58 -3.13 -1.03
C VAL A 35 7.72 -2.54 0.10
N VAL A 36 6.58 -1.98 -0.25
CA VAL A 36 5.67 -1.43 0.75
C VAL A 36 5.19 -2.53 1.73
N LYS A 37 5.06 -3.77 1.23
CA LYS A 37 4.68 -4.90 2.09
C LYS A 37 5.77 -5.20 3.11
N GLN A 38 7.02 -4.89 2.75
CA GLN A 38 8.14 -5.09 3.65
C GLN A 38 8.06 -4.09 4.81
N LYS A 39 7.51 -2.92 4.51
CA LYS A 39 7.30 -1.88 5.52
C LYS A 39 6.19 -2.29 6.48
N ILE A 40 5.15 -2.91 5.92
CA ILE A 40 3.98 -3.28 6.71
C ILE A 40 4.26 -4.49 7.60
N GLU A 41 5.08 -5.43 7.13
CA GLU A 41 5.34 -6.65 7.89
C GLU A 41 5.89 -6.34 9.28
N ARG A 42 6.85 -5.43 9.36
CA ARG A 42 7.50 -5.14 10.63
C ARG A 42 6.67 -4.21 11.50
N SER A 43 5.79 -3.44 10.88
CA SER A 43 4.95 -2.50 11.63
C SER A 43 3.71 -3.20 12.18
N GLN A 44 3.05 -4.00 11.34
CA GLN A 44 1.86 -4.72 11.76
C GLN A 44 2.25 -6.06 12.38
N HIS A 45 3.52 -6.45 12.20
CA HIS A 45 4.07 -7.69 12.75
C HIS A 45 3.45 -8.91 12.07
N ILE A 46 2.95 -8.72 10.86
CA ILE A 46 2.36 -9.81 10.09
C ILE A 46 3.16 -10.05 8.81
N PRO A 47 3.68 -11.27 8.63
CA PRO A 47 4.52 -11.65 7.49
C PRO A 47 3.87 -11.40 6.13
N VAL A 48 4.72 -11.32 5.11
CA VAL A 48 4.30 -11.09 3.72
C VAL A 48 3.09 -11.93 3.33
N SER A 49 3.17 -13.24 3.51
CA SER A 49 2.10 -14.15 3.08
C SER A 49 0.84 -13.98 3.93
N LYS A 50 0.99 -13.42 5.12
CA LYS A 50 -0.15 -13.20 6.00
C LYS A 50 -0.78 -11.83 5.74
N GLN A 51 -0.19 -11.09 4.80
CA GLN A 51 -0.68 -9.78 4.41
C GLN A 51 -1.57 -9.86 3.18
N THR A 52 -2.85 -10.10 3.39
CA THR A 52 -3.80 -10.11 2.29
C THR A 52 -4.19 -8.69 1.93
N LEU A 53 -3.71 -8.23 0.77
CA LEU A 53 -3.94 -6.85 0.34
C LEU A 53 -5.33 -6.69 -0.27
N ILE A 54 -6.22 -6.03 0.45
CA ILE A 54 -7.53 -5.72 -0.07
C ILE A 54 -7.55 -4.28 -0.56
N VAL A 55 -7.38 -4.10 -1.86
CA VAL A 55 -7.35 -2.77 -2.43
C VAL A 55 -8.64 -2.49 -3.20
N ASP A 56 -9.41 -1.53 -2.68
CA ASP A 56 -10.67 -1.10 -3.29
C ASP A 56 -11.75 -2.16 -3.09
N GLY A 57 -11.61 -3.27 -3.79
CA GLY A 57 -12.54 -4.37 -3.66
C GLY A 57 -11.98 -5.66 -4.22
N ILE A 58 -10.66 -5.69 -4.43
CA ILE A 58 -10.00 -6.84 -5.03
C ILE A 58 -8.75 -7.18 -4.24
N VAL A 59 -8.50 -8.48 -4.04
CA VAL A 59 -7.28 -8.92 -3.40
C VAL A 59 -6.11 -8.80 -4.36
N ILE A 60 -5.13 -7.98 -3.99
CA ILE A 60 -4.00 -7.71 -4.87
C ILE A 60 -2.78 -8.53 -4.48
N LEU A 61 -2.37 -9.40 -5.38
CA LEU A 61 -1.19 -10.23 -5.16
C LEU A 61 -0.05 -9.77 -6.06
N ARG A 62 -0.28 -8.67 -6.78
CA ARG A 62 0.71 -8.14 -7.71
C ARG A 62 1.79 -7.35 -7.00
N GLU A 63 2.75 -8.06 -6.42
CA GLU A 63 3.87 -7.42 -5.74
C GLU A 63 4.81 -6.77 -6.75
N ASP A 64 4.70 -7.18 -8.01
CA ASP A 64 5.61 -6.73 -9.05
C ASP A 64 5.17 -5.38 -9.64
N LEU A 65 4.05 -4.85 -9.19
CA LEU A 65 3.54 -3.58 -9.70
C LEU A 65 3.91 -2.44 -8.77
N THR A 66 4.25 -1.29 -9.34
CA THR A 66 4.57 -0.11 -8.55
C THR A 66 3.32 0.74 -8.35
N VAL A 67 3.42 1.77 -7.52
CA VAL A 67 2.32 2.71 -7.31
C VAL A 67 1.97 3.39 -8.63
N GLU A 68 2.99 3.72 -9.39
CA GLU A 68 2.84 4.41 -10.66
C GLU A 68 2.30 3.48 -11.76
N GLN A 69 2.47 2.18 -11.56
CA GLN A 69 2.00 1.20 -12.55
C GLN A 69 0.58 0.73 -12.25
N CYS A 70 0.31 0.46 -10.97
CA CYS A 70 -0.99 -0.09 -10.56
C CYS A 70 -2.04 1.02 -10.45
N GLN A 71 -1.56 2.27 -10.38
CA GLN A 71 -2.41 3.44 -10.20
C GLN A 71 -3.11 3.40 -8.85
N ILE A 72 -2.38 3.80 -7.82
CA ILE A 72 -2.94 3.84 -6.48
C ILE A 72 -3.68 5.16 -6.28
N VAL A 73 -4.99 5.09 -6.37
CA VAL A 73 -5.84 6.27 -6.23
C VAL A 73 -6.48 6.29 -4.85
N PRO A 74 -6.68 7.50 -4.27
CA PRO A 74 -7.24 7.65 -2.93
C PRO A 74 -8.75 7.42 -2.87
N THR A 75 -9.30 6.86 -3.94
CA THR A 75 -10.72 6.56 -3.99
C THR A 75 -10.99 5.11 -3.60
N SER A 76 -9.92 4.34 -3.47
CA SER A 76 -10.02 2.94 -3.10
C SER A 76 -9.87 2.76 -1.59
N ASP A 77 -10.61 1.82 -1.05
CA ASP A 77 -10.49 1.47 0.37
C ASP A 77 -9.44 0.38 0.55
N ILE A 78 -8.37 0.70 1.29
CA ILE A 78 -7.29 -0.26 1.50
C ILE A 78 -7.41 -0.89 2.88
N GLN A 79 -7.60 -2.20 2.91
CA GLN A 79 -7.65 -2.95 4.15
C GLN A 79 -6.76 -4.17 4.08
N LEU A 80 -6.37 -4.68 5.24
CA LEU A 80 -5.56 -5.90 5.31
C LEU A 80 -6.32 -6.99 6.03
N GLU A 81 -6.43 -8.15 5.38
CA GLU A 81 -7.02 -9.31 6.01
C GLU A 81 -5.92 -10.19 6.58
N VAL A 82 -5.99 -10.47 7.87
CA VAL A 82 -4.98 -11.30 8.53
C VAL A 82 -5.10 -12.75 8.09
N SER A 83 -4.14 -13.19 7.29
CA SER A 83 -4.12 -14.55 6.80
C SER A 83 -3.25 -15.42 7.70
N SER A 84 -3.30 -16.72 7.49
CA SER A 84 -2.47 -17.64 8.26
C SER A 84 -1.43 -18.29 7.35
N MET A 1 18.00 19.44 -14.59
CA MET A 1 17.80 19.65 -13.15
C MET A 1 17.86 21.12 -12.81
N GLY A 2 16.90 21.59 -12.02
CA GLY A 2 16.86 22.99 -11.65
C GLY A 2 16.11 23.21 -10.36
N HIS A 3 15.18 24.16 -10.38
CA HIS A 3 14.39 24.48 -9.19
C HIS A 3 13.41 23.35 -8.86
N HIS A 4 13.12 22.51 -9.85
CA HIS A 4 12.30 21.34 -9.64
C HIS A 4 13.18 20.17 -9.19
N HIS A 5 13.31 20.00 -7.88
CA HIS A 5 14.15 18.96 -7.33
C HIS A 5 13.42 18.23 -6.19
N HIS A 6 12.25 18.74 -5.83
CA HIS A 6 11.50 18.20 -4.71
C HIS A 6 10.38 17.30 -5.20
N HIS A 7 10.22 16.16 -4.53
CA HIS A 7 9.15 15.23 -4.84
C HIS A 7 7.87 15.61 -4.12
N HIS A 8 6.76 15.59 -4.85
CA HIS A 8 5.45 15.85 -4.26
C HIS A 8 4.51 14.71 -4.62
N SER A 9 5.11 13.60 -5.05
CA SER A 9 4.37 12.46 -5.56
C SER A 9 4.04 11.46 -4.46
N HIS A 10 4.20 11.89 -3.21
CA HIS A 10 3.89 11.04 -2.06
C HIS A 10 2.39 10.69 -2.02
N MET A 11 2.09 9.41 -2.17
CA MET A 11 0.71 8.95 -2.07
C MET A 11 0.49 8.30 -0.71
N LYS A 12 -0.38 8.89 0.08
CA LYS A 12 -0.70 8.35 1.39
C LYS A 12 -2.01 7.59 1.34
N PHE A 13 -1.93 6.26 1.35
CA PHE A 13 -3.14 5.45 1.35
C PHE A 13 -3.43 4.95 2.76
N LEU A 14 -4.68 5.08 3.16
CA LEU A 14 -5.09 4.72 4.51
C LEU A 14 -5.26 3.21 4.62
N VAL A 15 -4.41 2.60 5.42
CA VAL A 15 -4.44 1.16 5.63
C VAL A 15 -5.22 0.82 6.89
N GLU A 16 -6.21 -0.04 6.77
CA GLU A 16 -6.91 -0.52 7.95
C GLU A 16 -6.57 -1.99 8.18
N ASN A 17 -5.74 -2.24 9.18
CA ASN A 17 -5.36 -3.60 9.53
C ASN A 17 -6.25 -4.10 10.66
N LEU A 18 -6.98 -5.17 10.39
CA LEU A 18 -7.96 -5.71 11.33
C LEU A 18 -7.28 -6.21 12.60
N ASN A 19 -6.04 -6.67 12.46
CA ASN A 19 -5.29 -7.20 13.59
C ASN A 19 -4.37 -6.12 14.17
N GLY A 20 -4.29 -5.00 13.49
CA GLY A 20 -3.36 -3.96 13.88
C GLY A 20 -4.03 -2.61 14.04
N SER A 21 -3.47 -1.60 13.38
CA SER A 21 -3.97 -0.24 13.52
C SER A 21 -4.16 0.40 12.15
N SER A 22 -5.05 1.39 12.07
CA SER A 22 -5.26 2.15 10.86
C SER A 22 -4.13 3.17 10.71
N PHE A 23 -3.40 3.10 9.60
CA PHE A 23 -2.22 3.91 9.40
C PHE A 23 -2.18 4.48 7.99
N GLU A 24 -1.75 5.73 7.86
CA GLU A 24 -1.59 6.35 6.54
C GLU A 24 -0.20 6.06 6.00
N LEU A 25 -0.12 5.11 5.09
CA LEU A 25 1.17 4.72 4.55
C LEU A 25 1.50 5.59 3.34
N GLU A 26 2.64 6.28 3.43
CA GLU A 26 3.04 7.20 2.39
C GLU A 26 4.05 6.55 1.45
N VAL A 27 3.63 6.29 0.23
CA VAL A 27 4.46 5.64 -0.76
C VAL A 27 4.55 6.50 -2.03
N ASP A 28 5.72 6.53 -2.65
CA ASP A 28 5.92 7.28 -3.89
C ASP A 28 5.53 6.42 -5.08
N TYR A 29 5.19 7.06 -6.20
CA TYR A 29 4.75 6.36 -7.41
C TYR A 29 5.79 5.34 -7.87
N ARG A 30 7.06 5.61 -7.60
CA ARG A 30 8.15 4.77 -8.06
C ARG A 30 8.22 3.43 -7.31
N ASP A 31 7.68 3.39 -6.11
CA ASP A 31 7.74 2.18 -5.30
C ASP A 31 6.72 1.15 -5.80
N THR A 32 6.86 -0.08 -5.33
CA THR A 32 6.00 -1.15 -5.79
C THR A 32 5.41 -1.92 -4.61
N LEU A 33 4.39 -2.73 -4.90
CA LEU A 33 3.68 -3.49 -3.87
C LEU A 33 4.63 -4.42 -3.13
N LEU A 34 5.59 -4.97 -3.84
CA LEU A 34 6.56 -5.89 -3.26
C LEU A 34 7.40 -5.20 -2.18
N VAL A 35 7.55 -3.89 -2.31
CA VAL A 35 8.39 -3.12 -1.38
C VAL A 35 7.55 -2.54 -0.24
N VAL A 36 6.33 -2.11 -0.54
CA VAL A 36 5.48 -1.51 0.48
C VAL A 36 5.11 -2.55 1.55
N LYS A 37 5.02 -3.81 1.15
CA LYS A 37 4.71 -4.89 2.07
C LYS A 37 5.81 -5.04 3.12
N GLN A 38 7.02 -4.66 2.77
CA GLN A 38 8.14 -4.71 3.70
C GLN A 38 7.93 -3.68 4.81
N LYS A 39 7.46 -2.50 4.41
CA LYS A 39 7.11 -1.45 5.35
C LYS A 39 5.98 -1.92 6.26
N ILE A 40 4.94 -2.47 5.65
CA ILE A 40 3.76 -2.92 6.39
C ILE A 40 4.13 -3.97 7.43
N GLU A 41 5.04 -4.86 7.07
CA GLU A 41 5.48 -5.92 7.97
C GLU A 41 6.08 -5.36 9.25
N ARG A 42 6.93 -4.35 9.10
CA ARG A 42 7.64 -3.77 10.23
C ARG A 42 6.74 -2.83 11.02
N SER A 43 5.77 -2.23 10.33
CA SER A 43 4.88 -1.25 10.96
C SER A 43 3.69 -1.94 11.65
N GLN A 44 3.03 -2.84 10.93
CA GLN A 44 1.84 -3.50 11.45
C GLN A 44 2.21 -4.76 12.21
N HIS A 45 3.50 -5.12 12.16
CA HIS A 45 4.03 -6.28 12.89
C HIS A 45 3.50 -7.59 12.33
N ILE A 46 2.93 -7.54 11.15
CA ILE A 46 2.43 -8.74 10.48
C ILE A 46 3.35 -9.12 9.34
N PRO A 47 3.85 -10.36 9.34
CA PRO A 47 4.77 -10.86 8.31
C PRO A 47 4.28 -10.61 6.89
N VAL A 48 5.24 -10.38 6.00
CA VAL A 48 4.96 -10.02 4.61
C VAL A 48 4.02 -11.03 3.91
N SER A 49 4.14 -12.30 4.25
CA SER A 49 3.36 -13.35 3.60
C SER A 49 1.94 -13.42 4.16
N LYS A 50 1.73 -12.88 5.35
CA LYS A 50 0.42 -12.93 6.00
C LYS A 50 -0.42 -11.72 5.59
N GLN A 51 0.17 -10.84 4.80
CA GLN A 51 -0.50 -9.62 4.38
C GLN A 51 -1.35 -9.85 3.13
N THR A 52 -2.64 -10.07 3.33
CA THR A 52 -3.58 -10.16 2.21
C THR A 52 -3.99 -8.75 1.80
N LEU A 53 -3.48 -8.31 0.67
CA LEU A 53 -3.70 -6.95 0.19
C LEU A 53 -5.05 -6.82 -0.51
N ILE A 54 -6.07 -6.45 0.24
CA ILE A 54 -7.38 -6.20 -0.35
C ILE A 54 -7.48 -4.75 -0.78
N VAL A 55 -7.25 -4.49 -2.06
CA VAL A 55 -7.22 -3.15 -2.60
C VAL A 55 -8.39 -2.95 -3.55
N ASP A 56 -9.15 -1.88 -3.33
CA ASP A 56 -10.28 -1.49 -4.20
C ASP A 56 -11.49 -2.42 -4.00
N GLY A 57 -11.23 -3.61 -3.51
CA GLY A 57 -12.28 -4.59 -3.31
C GLY A 57 -11.85 -5.97 -3.77
N ILE A 58 -10.63 -6.06 -4.29
CA ILE A 58 -10.07 -7.33 -4.75
C ILE A 58 -8.68 -7.51 -4.16
N VAL A 59 -8.32 -8.73 -3.80
CA VAL A 59 -6.98 -9.01 -3.33
C VAL A 59 -5.99 -8.90 -4.49
N ILE A 60 -4.97 -8.07 -4.32
CA ILE A 60 -3.98 -7.89 -5.35
C ILE A 60 -2.84 -8.88 -5.16
N LEU A 61 -2.91 -9.98 -5.89
CA LEU A 61 -1.90 -11.03 -5.79
C LEU A 61 -0.65 -10.67 -6.59
N ARG A 62 -0.80 -9.75 -7.53
CA ARG A 62 0.33 -9.32 -8.34
C ARG A 62 1.09 -8.19 -7.68
N GLU A 63 2.20 -8.56 -7.05
CA GLU A 63 3.05 -7.63 -6.33
C GLU A 63 4.05 -7.00 -7.29
N ASP A 64 3.87 -7.30 -8.56
CA ASP A 64 4.74 -6.84 -9.63
C ASP A 64 4.29 -5.47 -10.14
N LEU A 65 3.20 -4.98 -9.57
CA LEU A 65 2.64 -3.70 -10.00
C LEU A 65 3.14 -2.56 -9.12
N THR A 66 3.89 -1.65 -9.73
CA THR A 66 4.34 -0.45 -9.04
C THR A 66 3.15 0.50 -8.82
N VAL A 67 3.31 1.45 -7.90
CA VAL A 67 2.23 2.36 -7.54
C VAL A 67 1.68 3.11 -8.77
N GLU A 68 2.58 3.51 -9.67
CA GLU A 68 2.18 4.25 -10.86
C GLU A 68 1.40 3.34 -11.82
N GLN A 69 1.57 2.04 -11.70
CA GLN A 69 0.86 1.09 -12.54
C GLN A 69 -0.44 0.64 -11.87
N CYS A 70 -0.36 0.34 -10.58
CA CYS A 70 -1.51 -0.15 -9.84
C CYS A 70 -2.52 0.97 -9.57
N GLN A 71 -2.03 2.22 -9.67
CA GLN A 71 -2.86 3.39 -9.42
C GLN A 71 -3.42 3.39 -8.01
N ILE A 72 -2.52 3.44 -7.04
CA ILE A 72 -2.90 3.44 -5.64
C ILE A 72 -3.26 4.86 -5.20
N VAL A 73 -4.54 5.16 -5.20
CA VAL A 73 -5.03 6.46 -4.79
C VAL A 73 -5.55 6.41 -3.36
N PRO A 74 -5.51 7.55 -2.64
CA PRO A 74 -5.94 7.63 -1.24
C PRO A 74 -7.42 7.28 -1.04
N THR A 75 -8.18 7.30 -2.13
CA THR A 75 -9.60 7.00 -2.07
C THR A 75 -9.86 5.51 -2.22
N SER A 76 -8.80 4.73 -2.40
CA SER A 76 -8.93 3.30 -2.58
C SER A 76 -9.08 2.60 -1.24
N ASP A 77 -10.11 1.78 -1.13
CA ASP A 77 -10.36 1.03 0.09
C ASP A 77 -9.37 -0.13 0.18
N ILE A 78 -8.45 -0.04 1.13
CA ILE A 78 -7.42 -1.05 1.29
C ILE A 78 -7.47 -1.64 2.69
N GLN A 79 -7.71 -2.94 2.76
CA GLN A 79 -7.83 -3.62 4.04
C GLN A 79 -6.77 -4.71 4.15
N LEU A 80 -6.21 -4.87 5.34
CA LEU A 80 -5.25 -5.93 5.58
C LEU A 80 -5.93 -7.13 6.23
N GLU A 81 -6.10 -8.18 5.46
CA GLU A 81 -6.67 -9.42 5.96
C GLU A 81 -5.54 -10.37 6.33
N VAL A 82 -5.54 -10.82 7.58
CA VAL A 82 -4.49 -11.71 8.05
C VAL A 82 -4.64 -13.11 7.45
N SER A 83 -3.64 -13.53 6.70
CA SER A 83 -3.65 -14.84 6.09
C SER A 83 -2.83 -15.81 6.93
N SER A 84 -3.50 -16.70 7.62
CA SER A 84 -2.83 -17.72 8.42
C SER A 84 -3.64 -19.01 8.36
N MET A 1 1.98 6.60 -14.25
CA MET A 1 2.59 6.70 -15.59
C MET A 1 3.51 7.92 -15.64
N GLY A 2 4.79 7.69 -15.84
CA GLY A 2 5.74 8.77 -15.94
C GLY A 2 7.11 8.29 -16.33
N HIS A 3 7.96 9.20 -16.75
CA HIS A 3 9.32 8.87 -17.14
C HIS A 3 10.30 9.62 -16.26
N HIS A 4 9.92 10.81 -15.84
CA HIS A 4 10.72 11.62 -14.94
C HIS A 4 9.88 12.05 -13.75
N HIS A 5 8.74 11.39 -13.59
CA HIS A 5 7.78 11.74 -12.55
C HIS A 5 8.34 11.44 -11.17
N HIS A 6 8.93 12.45 -10.55
CA HIS A 6 9.46 12.30 -9.21
C HIS A 6 9.17 13.54 -8.38
N HIS A 7 8.53 14.52 -9.00
CA HIS A 7 8.11 15.72 -8.30
C HIS A 7 6.84 15.44 -7.53
N HIS A 8 6.89 15.61 -6.20
CA HIS A 8 5.74 15.39 -5.33
C HIS A 8 5.44 13.89 -5.22
N SER A 9 6.40 13.07 -5.63
CA SER A 9 6.23 11.63 -5.61
C SER A 9 6.49 11.05 -4.21
N HIS A 10 5.51 11.21 -3.33
CA HIS A 10 5.48 10.53 -2.03
C HIS A 10 4.12 10.75 -1.41
N MET A 11 3.40 9.67 -1.18
CA MET A 11 2.00 9.75 -0.83
C MET A 11 1.65 8.73 0.25
N LYS A 12 0.82 9.13 1.20
CA LYS A 12 0.40 8.24 2.27
C LYS A 12 -1.00 7.73 2.00
N PHE A 13 -1.13 6.44 1.75
CA PHE A 13 -2.44 5.85 1.55
C PHE A 13 -2.94 5.23 2.85
N LEU A 14 -4.25 5.19 3.00
CA LEU A 14 -4.84 4.72 4.24
C LEU A 14 -4.80 3.20 4.32
N VAL A 15 -3.98 2.70 5.22
CA VAL A 15 -3.88 1.27 5.44
C VAL A 15 -4.74 0.86 6.62
N GLU A 16 -5.86 0.21 6.35
CA GLU A 16 -6.73 -0.25 7.41
C GLU A 16 -6.49 -1.73 7.68
N ASN A 17 -6.48 -2.10 8.96
CA ASN A 17 -6.30 -3.47 9.37
C ASN A 17 -7.28 -3.81 10.48
N LEU A 18 -8.01 -4.89 10.31
CA LEU A 18 -9.02 -5.30 11.28
C LEU A 18 -8.42 -6.12 12.42
N ASN A 19 -7.16 -6.50 12.27
CA ASN A 19 -6.48 -7.29 13.30
C ASN A 19 -5.24 -6.53 13.78
N GLY A 20 -5.12 -5.29 13.35
CA GLY A 20 -3.97 -4.48 13.71
C GLY A 20 -4.34 -3.04 13.99
N SER A 21 -3.91 -2.15 13.13
CA SER A 21 -4.14 -0.72 13.32
C SER A 21 -4.22 -0.03 11.95
N SER A 22 -4.86 1.12 11.90
CA SER A 22 -4.95 1.88 10.65
C SER A 22 -3.88 2.96 10.63
N PHE A 23 -3.12 3.02 9.55
CA PHE A 23 -1.98 3.92 9.47
C PHE A 23 -1.83 4.52 8.08
N GLU A 24 -1.61 5.83 8.03
CA GLU A 24 -1.26 6.51 6.79
C GLU A 24 0.17 6.15 6.40
N LEU A 25 0.32 5.18 5.52
CA LEU A 25 1.64 4.70 5.16
C LEU A 25 2.17 5.46 3.95
N GLU A 26 3.27 6.18 4.17
CA GLU A 26 3.87 7.00 3.13
C GLU A 26 4.75 6.15 2.22
N VAL A 27 4.43 6.16 0.94
CA VAL A 27 5.22 5.44 -0.06
C VAL A 27 5.58 6.36 -1.22
N ASP A 28 6.41 5.86 -2.11
CA ASP A 28 6.77 6.59 -3.31
C ASP A 28 5.98 6.00 -4.48
N TYR A 29 5.70 6.81 -5.49
CA TYR A 29 5.02 6.32 -6.69
C TYR A 29 5.94 5.38 -7.47
N ARG A 30 7.23 5.45 -7.14
CA ARG A 30 8.25 4.57 -7.69
C ARG A 30 8.19 3.18 -7.05
N ASP A 31 7.60 3.11 -5.85
CA ASP A 31 7.58 1.87 -5.09
C ASP A 31 6.69 0.82 -5.74
N THR A 32 7.17 -0.42 -5.73
CA THR A 32 6.41 -1.54 -6.23
C THR A 32 5.56 -2.14 -5.11
N LEU A 33 4.59 -2.97 -5.50
CA LEU A 33 3.71 -3.63 -4.55
C LEU A 33 4.47 -4.70 -3.75
N LEU A 34 5.74 -4.89 -4.10
CA LEU A 34 6.63 -5.74 -3.33
C LEU A 34 7.22 -4.96 -2.16
N VAL A 35 7.94 -3.88 -2.49
CA VAL A 35 8.65 -3.08 -1.50
C VAL A 35 7.70 -2.46 -0.49
N VAL A 36 6.53 -2.02 -0.96
CA VAL A 36 5.55 -1.39 -0.09
C VAL A 36 5.12 -2.32 1.04
N LYS A 37 4.98 -3.60 0.74
CA LYS A 37 4.51 -4.57 1.73
C LYS A 37 5.54 -4.76 2.83
N GLN A 38 6.81 -4.59 2.50
CA GLN A 38 7.88 -4.69 3.49
C GLN A 38 7.75 -3.56 4.50
N LYS A 39 7.36 -2.39 4.02
CA LYS A 39 7.16 -1.24 4.89
C LYS A 39 5.84 -1.36 5.64
N ILE A 40 4.87 -2.03 5.01
CA ILE A 40 3.62 -2.36 5.68
C ILE A 40 3.87 -3.30 6.85
N GLU A 41 4.70 -4.32 6.60
CA GLU A 41 5.05 -5.33 7.60
C GLU A 41 5.60 -4.68 8.86
N ARG A 42 6.39 -3.63 8.68
CA ARG A 42 7.05 -2.96 9.79
C ARG A 42 6.04 -2.27 10.71
N SER A 43 5.18 -1.44 10.13
CA SER A 43 4.25 -0.63 10.91
C SER A 43 3.07 -1.47 11.42
N GLN A 44 2.66 -2.47 10.65
CA GLN A 44 1.55 -3.33 11.05
C GLN A 44 2.04 -4.45 11.97
N HIS A 45 3.33 -4.74 11.89
CA HIS A 45 3.98 -5.77 12.72
C HIS A 45 3.48 -7.17 12.36
N ILE A 46 2.88 -7.29 11.19
CA ILE A 46 2.46 -8.57 10.67
C ILE A 46 3.29 -8.94 9.45
N PRO A 47 3.90 -10.13 9.45
CA PRO A 47 4.77 -10.59 8.36
C PRO A 47 4.10 -10.51 6.99
N VAL A 48 4.91 -10.29 5.96
CA VAL A 48 4.42 -10.17 4.58
C VAL A 48 3.59 -11.39 4.18
N SER A 49 3.92 -12.55 4.72
CA SER A 49 3.22 -13.78 4.41
C SER A 49 1.82 -13.81 5.03
N LYS A 50 1.50 -12.84 5.88
CA LYS A 50 0.17 -12.76 6.49
C LYS A 50 -0.67 -11.66 5.82
N GLN A 51 -0.06 -10.95 4.89
CA GLN A 51 -0.71 -9.78 4.29
C GLN A 51 -1.54 -10.19 3.09
N THR A 52 -2.86 -10.08 3.22
CA THR A 52 -3.76 -10.30 2.10
C THR A 52 -4.15 -8.96 1.50
N LEU A 53 -3.66 -8.68 0.30
CA LEU A 53 -3.90 -7.40 -0.35
C LEU A 53 -5.30 -7.36 -0.97
N ILE A 54 -6.23 -6.71 -0.29
CA ILE A 54 -7.58 -6.56 -0.80
C ILE A 54 -7.92 -5.08 -0.99
N VAL A 55 -8.00 -4.65 -2.24
CA VAL A 55 -8.37 -3.27 -2.54
C VAL A 55 -9.81 -3.21 -3.04
N ASP A 56 -10.70 -2.68 -2.19
CA ASP A 56 -12.13 -2.58 -2.48
C ASP A 56 -12.78 -3.96 -2.51
N GLY A 57 -12.42 -4.75 -3.50
CA GLY A 57 -12.92 -6.09 -3.62
C GLY A 57 -12.08 -6.93 -4.55
N ILE A 58 -10.83 -6.51 -4.72
CA ILE A 58 -9.91 -7.19 -5.61
C ILE A 58 -8.62 -7.55 -4.89
N VAL A 59 -8.25 -8.83 -4.94
CA VAL A 59 -7.02 -9.29 -4.31
C VAL A 59 -5.84 -9.06 -5.25
N ILE A 60 -4.76 -8.52 -4.71
CA ILE A 60 -3.58 -8.22 -5.51
C ILE A 60 -2.47 -9.22 -5.21
N LEU A 61 -2.11 -10.00 -6.23
CA LEU A 61 -1.05 -10.98 -6.10
C LEU A 61 0.08 -10.67 -7.08
N ARG A 62 0.05 -9.46 -7.63
CA ARG A 62 1.10 -8.98 -8.51
C ARG A 62 1.96 -7.98 -7.77
N GLU A 63 3.21 -8.32 -7.53
CA GLU A 63 4.09 -7.48 -6.72
C GLU A 63 4.99 -6.61 -7.58
N ASP A 64 4.99 -6.87 -8.89
CA ASP A 64 5.88 -6.19 -9.81
C ASP A 64 5.36 -4.80 -10.18
N LEU A 65 4.06 -4.62 -10.03
CA LEU A 65 3.43 -3.35 -10.38
C LEU A 65 3.76 -2.29 -9.34
N THR A 66 3.84 -1.03 -9.77
CA THR A 66 4.07 0.08 -8.87
C THR A 66 2.73 0.67 -8.43
N VAL A 67 2.73 1.33 -7.27
CA VAL A 67 1.52 1.94 -6.74
C VAL A 67 0.95 2.97 -7.70
N GLU A 68 1.84 3.61 -8.45
CA GLU A 68 1.44 4.62 -9.42
C GLU A 68 0.74 3.98 -10.61
N GLN A 69 1.31 2.90 -11.13
CA GLN A 69 0.75 2.21 -12.30
C GLN A 69 -0.54 1.49 -11.95
N CYS A 70 -0.71 1.15 -10.68
CA CYS A 70 -1.91 0.47 -10.22
C CYS A 70 -2.99 1.49 -9.82
N GLN A 71 -2.61 2.76 -9.83
CA GLN A 71 -3.53 3.87 -9.48
C GLN A 71 -4.00 3.73 -8.04
N ILE A 72 -3.07 3.45 -7.14
CA ILE A 72 -3.39 3.30 -5.73
C ILE A 72 -3.64 4.66 -5.08
N VAL A 73 -4.90 4.94 -4.78
CA VAL A 73 -5.26 6.19 -4.12
C VAL A 73 -5.61 5.94 -2.65
N PRO A 74 -5.37 6.93 -1.79
CA PRO A 74 -5.64 6.82 -0.35
C PRO A 74 -7.10 6.55 -0.04
N THR A 75 -8.00 7.28 -0.71
CA THR A 75 -9.42 7.17 -0.44
C THR A 75 -10.01 5.95 -1.16
N SER A 76 -9.73 4.77 -0.63
CA SER A 76 -10.30 3.52 -1.11
C SER A 76 -10.33 2.51 0.03
N ASP A 77 -11.09 1.45 -0.14
CA ASP A 77 -11.19 0.43 0.90
C ASP A 77 -10.02 -0.54 0.78
N ILE A 78 -8.87 -0.12 1.27
CA ILE A 78 -7.67 -0.95 1.26
C ILE A 78 -7.61 -1.74 2.57
N GLN A 79 -8.00 -3.00 2.49
CA GLN A 79 -8.15 -3.81 3.68
C GLN A 79 -7.06 -4.88 3.76
N LEU A 80 -6.37 -4.93 4.89
CA LEU A 80 -5.38 -5.96 5.12
C LEU A 80 -5.96 -7.10 5.93
N GLU A 81 -6.32 -8.17 5.24
CA GLU A 81 -6.81 -9.36 5.92
C GLU A 81 -5.64 -10.20 6.39
N VAL A 82 -5.66 -10.56 7.67
CA VAL A 82 -4.59 -11.35 8.25
C VAL A 82 -4.74 -12.82 7.85
N SER A 83 -3.72 -13.34 7.17
CA SER A 83 -3.73 -14.73 6.74
C SER A 83 -2.89 -15.56 7.71
N SER A 84 -2.70 -16.83 7.39
CA SER A 84 -1.94 -17.73 8.25
C SER A 84 -0.45 -17.65 7.90
#